data_2QM1
#
_entry.id   2QM1
#
_cell.length_a   62.083
_cell.length_b   131.260
_cell.length_c   82.763
_cell.angle_alpha   90.00
_cell.angle_beta   92.48
_cell.angle_gamma   90.00
#
_symmetry.space_group_name_H-M   'P 1 21 1'
#
loop_
_entity.id
_entity.type
_entity.pdbx_description
1 polymer Glucokinase
2 non-polymer 'ZINC ION'
3 non-polymer 'MAGNESIUM ION'
4 non-polymer GLYCEROL
5 non-polymer 'SULFATE ION'
6 non-polymer DI(HYDROXYETHYL)ETHER
7 water water
#
_entity_poly.entity_id   1
_entity_poly.type   'polypeptide(L)'
_entity_poly.pdbx_seq_one_letter_code
;SNA(MSE)DKKIIGIDLGGTTIKFAILTTDGVVQQKWSIETNILEDGKHIVPSIIESIRHRIDLYN(MSE)KKEDFVGIG
(MSE)GTPGSVDIEKGTVVGAYNLNWTTVQPVKEQIESALGIPFALDNDANVAALGERWKGAGENNPDVIFITLGTGVGG
GIVAAGKLLHGVAGCAGEVGHVTVDPNGFDCTCGKRGCLETVSSATGVVRVARHLSEEFAGDSELKQAIDDGQDVSSKDV
FEFAEKGDHFAL(MSE)VVDRVCFYLGLATGNLGNTLNPDSVVIGGGVSAAGEFLRSRVEKYFQEFTFPQVRNSTKIKLA
ELGNEAGVIGAASLALQFSKEK
;
_entity_poly.pdbx_strand_id   A,B,C,D
#
# COMPACT_ATOMS: atom_id res chain seq x y z
N SER A 1 53.56 -13.72 23.03
CA SER A 1 53.89 -12.28 22.87
C SER A 1 53.73 -11.88 21.42
N ASN A 2 52.54 -12.07 20.87
CA ASN A 2 52.20 -11.55 19.55
C ASN A 2 51.22 -10.37 19.66
N ALA A 3 51.78 -9.15 19.57
CA ALA A 3 51.01 -7.91 19.70
C ALA A 3 49.95 -7.70 18.61
N ASP A 5 47.94 -10.05 17.98
CA ASP A 5 46.93 -11.06 18.36
C ASP A 5 46.53 -10.98 19.82
N LYS A 6 46.20 -9.79 20.31
CA LYS A 6 45.69 -9.74 21.68
C LYS A 6 44.24 -10.20 21.81
N LYS A 7 43.84 -10.48 23.06
CA LYS A 7 42.58 -11.13 23.32
C LYS A 7 41.85 -10.29 24.35
N ILE A 8 40.55 -10.51 24.49
CA ILE A 8 39.75 -9.72 25.41
C ILE A 8 39.14 -10.76 26.35
N ILE A 9 38.93 -10.40 27.61
CA ILE A 9 38.27 -11.29 28.57
C ILE A 9 36.91 -10.70 28.92
N GLY A 10 35.90 -11.57 28.91
CA GLY A 10 34.60 -11.21 29.41
C GLY A 10 34.28 -11.96 30.66
N ILE A 11 33.58 -11.27 31.55
CA ILE A 11 33.12 -11.89 32.78
C ILE A 11 31.64 -11.55 32.95
N ASP A 12 30.83 -12.56 33.24
CA ASP A 12 29.40 -12.41 33.52
C ASP A 12 29.15 -12.89 34.94
N LEU A 13 29.00 -11.93 35.85
CA LEU A 13 28.83 -12.25 37.29
C LEU A 13 27.36 -12.41 37.62
N GLY A 14 26.96 -13.67 37.88
CA GLY A 14 25.61 -14.04 38.23
C GLY A 14 25.54 -14.35 39.71
N GLY A 15 24.32 -14.45 40.24
CA GLY A 15 24.16 -14.75 41.68
C GLY A 15 24.54 -16.16 42.12
N THR A 16 24.81 -17.05 41.17
CA THR A 16 25.08 -18.44 41.49
C THR A 16 26.35 -18.95 40.80
N THR A 17 26.55 -18.52 39.54
CA THR A 17 27.83 -18.80 38.88
C THR A 17 28.47 -17.57 38.22
N ILE A 18 29.78 -17.60 38.07
CA ILE A 18 30.48 -16.57 37.32
C ILE A 18 30.97 -17.15 36.00
N LYS A 19 30.59 -16.55 34.88
CA LYS A 19 31.02 -17.02 33.58
C LYS A 19 32.15 -16.14 33.04
N PHE A 20 33.10 -16.80 32.38
CA PHE A 20 34.30 -16.15 31.80
C PHE A 20 34.35 -16.53 30.35
N ALA A 21 34.96 -15.70 29.53
CA ALA A 21 35.32 -16.10 28.17
C ALA A 21 36.57 -15.38 27.73
N ILE A 22 37.39 -16.06 26.95
CA ILE A 22 38.41 -15.38 26.13
C ILE A 22 38.00 -15.35 24.65
N LEU A 23 38.05 -14.14 24.09
CA LEU A 23 37.72 -13.95 22.72
C LEU A 23 38.87 -13.24 22.03
N THR A 24 38.90 -13.42 20.72
CA THR A 24 39.73 -12.58 19.86
C THR A 24 39.04 -11.21 19.76
N THR A 25 39.72 -10.22 19.23
CA THR A 25 39.12 -8.85 19.19
C THR A 25 37.96 -8.73 18.23
N ASP A 26 37.89 -9.67 17.28
CA ASP A 26 36.72 -9.83 16.44
C ASP A 26 35.60 -10.62 17.11
N GLY A 27 35.81 -11.06 18.35
CA GLY A 27 34.73 -11.65 19.13
C GLY A 27 34.54 -13.13 18.89
N VAL A 28 35.55 -13.81 18.33
CA VAL A 28 35.48 -15.27 18.23
C VAL A 28 35.87 -15.88 19.57
N VAL A 29 35.03 -16.80 20.09
CA VAL A 29 35.30 -17.41 21.38
C VAL A 29 36.54 -18.34 21.26
N GLN A 30 37.53 -18.14 22.13
CA GLN A 30 38.69 -19.04 22.21
C GLN A 30 38.52 -20.05 23.35
N GLN A 31 38.11 -19.53 24.53
N GLN A 31 38.07 -19.55 24.51
CA GLN A 31 37.98 -20.32 25.78
CA GLN A 31 37.85 -20.38 25.69
C GLN A 31 36.78 -19.84 26.60
C GLN A 31 36.71 -19.86 26.53
N LYS A 32 36.04 -20.78 27.21
CA LYS A 32 34.98 -20.45 28.18
C LYS A 32 35.24 -21.29 29.45
N TRP A 33 35.06 -20.71 30.65
CA TRP A 33 35.03 -21.46 31.91
C TRP A 33 34.03 -20.83 32.89
N SER A 34 33.73 -21.50 33.99
N SER A 34 33.73 -21.52 33.99
CA SER A 34 32.91 -20.89 35.04
CA SER A 34 32.84 -20.98 35.02
C SER A 34 33.37 -21.35 36.39
C SER A 34 33.30 -21.40 36.41
N ILE A 35 32.98 -20.61 37.42
CA ILE A 35 33.18 -20.98 38.83
C ILE A 35 31.92 -20.62 39.57
N GLU A 36 31.72 -21.16 40.76
CA GLU A 36 30.55 -20.71 41.49
C GLU A 36 30.82 -19.34 42.10
N THR A 37 29.73 -18.66 42.42
CA THR A 37 29.76 -17.39 43.11
C THR A 37 29.63 -17.65 44.60
N ASN A 38 30.69 -17.35 45.35
CA ASN A 38 30.64 -17.44 46.81
C ASN A 38 30.23 -16.07 47.36
N ILE A 39 28.98 -15.97 47.81
CA ILE A 39 28.45 -14.75 48.40
C ILE A 39 28.66 -14.64 49.91
N LEU A 40 29.28 -15.63 50.54
CA LEU A 40 29.37 -15.55 52.01
C LEU A 40 30.22 -14.34 52.42
N GLU A 41 29.96 -13.83 53.62
CA GLU A 41 30.72 -12.74 54.22
C GLU A 41 30.61 -11.44 53.44
N ASP A 42 29.37 -11.03 53.15
CA ASP A 42 29.12 -9.77 52.53
C ASP A 42 29.71 -9.71 51.14
N GLY A 43 29.84 -10.85 50.47
CA GLY A 43 30.32 -10.92 49.10
C GLY A 43 31.80 -10.62 48.93
N LYS A 44 32.54 -10.69 50.05
CA LYS A 44 33.95 -10.29 50.10
C LYS A 44 34.93 -11.17 49.35
N HIS A 45 34.50 -12.37 49.00
CA HIS A 45 35.32 -13.37 48.30
C HIS A 45 35.18 -13.41 46.79
N ILE A 46 34.16 -12.73 46.30
CA ILE A 46 33.78 -12.80 44.88
C ILE A 46 34.89 -12.26 43.99
N VAL A 47 35.31 -11.01 44.18
CA VAL A 47 36.34 -10.46 43.27
C VAL A 47 37.69 -11.17 43.45
N PRO A 48 38.08 -11.53 44.72
CA PRO A 48 39.31 -12.34 44.81
C PRO A 48 39.22 -13.69 44.10
N SER A 49 38.07 -14.33 44.11
CA SER A 49 37.88 -15.60 43.36
C SER A 49 37.99 -15.38 41.84
N ILE A 50 37.48 -14.26 41.36
CA ILE A 50 37.57 -13.94 39.92
C ILE A 50 39.03 -13.74 39.49
N ILE A 51 39.75 -12.96 40.28
CA ILE A 51 41.19 -12.69 40.08
C ILE A 51 42.03 -13.97 40.09
N GLU A 52 41.79 -14.79 41.12
CA GLU A 52 42.40 -16.12 41.22
C GLU A 52 42.12 -16.98 40.00
N SER A 53 40.84 -17.06 39.60
CA SER A 53 40.48 -17.86 38.45
C SER A 53 41.17 -17.38 37.15
N ILE A 54 41.19 -16.04 36.92
CA ILE A 54 41.90 -15.43 35.78
C ILE A 54 43.47 -15.57 35.85
N ARG A 55 44.05 -15.32 37.02
CA ARG A 55 45.48 -15.51 37.23
C ARG A 55 45.87 -16.96 36.86
N HIS A 56 45.09 -17.90 37.36
CA HIS A 56 45.39 -19.29 37.18
C HIS A 56 45.32 -19.68 35.70
N ARG A 57 44.30 -19.17 35.02
CA ARG A 57 44.05 -19.45 33.63
C ARG A 57 45.15 -18.89 32.75
N ILE A 58 45.52 -17.64 33.00
CA ILE A 58 46.67 -16.97 32.38
C ILE A 58 47.91 -17.87 32.55
N ASP A 59 48.17 -18.34 33.78
N ASP A 59 48.17 -18.34 33.77
CA ASP A 59 49.25 -19.28 34.07
CA ASP A 59 49.24 -19.29 33.97
C ASP A 59 49.16 -20.64 33.30
C ASP A 59 49.10 -20.57 33.12
N LEU A 60 47.96 -21.25 33.24
CA LEU A 60 47.74 -22.52 32.48
C LEU A 60 48.15 -22.36 31.02
N TYR A 61 47.66 -21.29 30.39
CA TYR A 61 47.80 -21.10 28.97
C TYR A 61 49.10 -20.45 28.57
N ASN A 62 49.98 -20.23 29.54
CA ASN A 62 51.28 -19.62 29.30
C ASN A 62 51.08 -18.26 28.65
N LYS A 64 50.48 -13.96 29.27
CA LYS A 64 50.89 -12.85 30.15
C LYS A 64 50.01 -11.61 29.95
N LYS A 65 50.10 -10.67 30.89
N LYS A 65 50.12 -10.68 30.89
CA LYS A 65 49.20 -9.51 30.87
CA LYS A 65 49.27 -9.49 30.92
C LYS A 65 49.19 -8.79 29.52
C LYS A 65 49.22 -8.76 29.55
N GLU A 66 50.32 -8.79 28.81
CA GLU A 66 50.43 -8.06 27.54
C GLU A 66 49.67 -8.65 26.36
N ASP A 67 49.27 -9.91 26.51
CA ASP A 67 48.44 -10.59 25.51
C ASP A 67 46.96 -10.19 25.56
N PHE A 68 46.60 -9.28 26.48
CA PHE A 68 45.19 -8.92 26.68
C PHE A 68 45.00 -7.41 26.46
N VAL A 69 43.98 -7.05 25.70
CA VAL A 69 43.58 -5.63 25.54
C VAL A 69 42.93 -5.13 26.86
N GLY A 70 42.12 -5.99 27.45
CA GLY A 70 41.45 -5.68 28.71
C GLY A 70 40.48 -6.76 29.14
N ILE A 71 39.76 -6.42 30.21
CA ILE A 71 38.78 -7.28 30.79
C ILE A 71 37.50 -6.48 30.92
N GLY A 72 36.37 -7.09 30.54
CA GLY A 72 35.04 -6.50 30.80
C GLY A 72 34.14 -7.40 31.64
N GLY A 74 30.13 -7.80 33.28
CA GLY A 74 28.72 -7.49 33.53
C GLY A 74 28.35 -7.88 34.94
N THR A 75 27.65 -7.01 35.66
CA THR A 75 27.33 -7.26 37.06
C THR A 75 25.90 -6.81 37.40
N PRO A 76 25.26 -7.45 38.41
CA PRO A 76 24.04 -6.80 38.94
C PRO A 76 24.44 -5.63 39.77
N GLY A 77 23.45 -4.98 40.38
CA GLY A 77 23.73 -3.92 41.31
C GLY A 77 23.65 -2.57 40.69
N SER A 78 24.01 -1.56 41.47
CA SER A 78 24.02 -0.20 40.97
C SER A 78 25.47 0.12 40.68
N VAL A 79 25.77 0.33 39.40
CA VAL A 79 27.15 0.55 38.95
C VAL A 79 27.52 2.03 38.74
N ASP A 80 28.75 2.42 39.13
CA ASP A 80 29.38 3.66 38.65
C ASP A 80 30.51 3.23 37.73
N ILE A 81 30.34 3.48 36.43
N ILE A 81 30.35 3.48 36.42
CA ILE A 81 31.24 2.95 35.42
CA ILE A 81 31.26 2.93 35.39
C ILE A 81 32.61 3.64 35.45
C ILE A 81 32.59 3.67 35.24
N GLU A 82 32.59 4.95 35.60
CA GLU A 82 33.81 5.75 35.62
C GLU A 82 34.74 5.26 36.72
N LYS A 83 34.23 5.21 37.95
CA LYS A 83 34.97 4.75 39.11
C LYS A 83 35.23 3.24 39.08
N GLY A 84 34.34 2.49 38.43
CA GLY A 84 34.41 1.02 38.44
C GLY A 84 33.97 0.39 39.75
N THR A 85 32.88 0.90 40.32
CA THR A 85 32.38 0.40 41.59
C THR A 85 31.00 -0.19 41.41
N VAL A 86 30.60 -1.00 42.40
CA VAL A 86 29.28 -1.61 42.44
C VAL A 86 28.71 -1.46 43.86
N VAL A 87 27.38 -1.33 43.95
CA VAL A 87 26.72 -1.24 45.27
C VAL A 87 25.27 -1.61 45.06
N GLY A 88 24.66 -2.21 46.07
CA GLY A 88 23.27 -2.63 45.98
C GLY A 88 23.02 -3.84 45.10
N ALA A 89 23.98 -4.77 45.02
CA ALA A 89 23.72 -6.07 44.40
C ALA A 89 23.38 -7.06 45.51
N TYR A 90 22.12 -7.07 45.93
CA TYR A 90 21.82 -7.77 47.18
C TYR A 90 21.86 -9.27 47.03
N ASN A 91 21.70 -9.77 45.82
CA ASN A 91 21.88 -11.20 45.62
C ASN A 91 23.33 -11.64 45.82
N LEU A 92 24.24 -10.68 45.81
CA LEU A 92 25.66 -10.90 46.02
C LEU A 92 26.03 -10.61 47.45
N ASN A 93 25.09 -10.12 48.25
CA ASN A 93 25.44 -9.61 49.57
C ASN A 93 26.31 -8.35 49.48
N TRP A 94 26.28 -7.66 48.35
CA TRP A 94 27.09 -6.44 48.19
C TRP A 94 26.26 -5.27 48.67
N THR A 95 26.30 -5.04 49.97
CA THR A 95 25.55 -3.92 50.56
C THR A 95 26.41 -2.67 50.70
N THR A 96 27.74 -2.83 50.63
N THR A 96 27.73 -2.81 50.61
CA THR A 96 28.73 -1.72 50.67
CA THR A 96 28.66 -1.68 50.63
C THR A 96 29.38 -1.52 49.30
C THR A 96 29.34 -1.49 49.26
N VAL A 97 29.99 -0.35 49.08
CA VAL A 97 30.63 -0.01 47.79
C VAL A 97 31.80 -0.95 47.56
N GLN A 98 31.74 -1.71 46.47
CA GLN A 98 32.78 -2.63 46.05
C GLN A 98 33.73 -1.95 45.06
N PRO A 99 35.03 -1.92 45.40
CA PRO A 99 35.91 -1.24 44.49
C PRO A 99 36.45 -2.24 43.46
N VAL A 100 35.54 -2.80 42.66
CA VAL A 100 35.91 -3.86 41.73
C VAL A 100 37.05 -3.52 40.73
N LYS A 101 37.00 -2.33 40.17
N LYS A 101 37.03 -2.35 40.10
CA LYS A 101 37.99 -1.94 39.18
CA LYS A 101 38.10 -2.06 39.12
C LYS A 101 39.39 -1.81 39.81
C LYS A 101 39.47 -1.94 39.84
N GLU A 102 39.47 -1.23 41.00
N GLU A 102 39.46 -1.26 40.97
CA GLU A 102 40.74 -1.17 41.72
CA GLU A 102 40.64 -1.13 41.80
C GLU A 102 41.26 -2.57 42.03
C GLU A 102 41.24 -2.49 42.17
N GLN A 103 40.39 -3.45 42.52
CA GLN A 103 40.80 -4.79 42.89
C GLN A 103 41.44 -5.51 41.70
N ILE A 104 40.76 -5.44 40.55
CA ILE A 104 41.18 -6.10 39.32
C ILE A 104 42.49 -5.60 38.72
N GLU A 105 42.56 -4.29 38.48
CA GLU A 105 43.76 -3.67 37.89
C GLU A 105 44.94 -3.74 38.85
N SER A 106 44.69 -3.47 40.14
CA SER A 106 45.76 -3.59 41.16
C SER A 106 46.24 -5.01 41.43
N ALA A 107 45.44 -6.02 41.07
CA ALA A 107 45.95 -7.39 41.11
C ALA A 107 46.49 -7.93 39.75
N LEU A 108 45.83 -7.59 38.65
CA LEU A 108 46.19 -8.18 37.35
C LEU A 108 47.04 -7.30 36.42
N GLY A 109 46.99 -5.98 36.65
CA GLY A 109 47.66 -5.04 35.74
C GLY A 109 47.09 -5.02 34.31
N ILE A 110 45.86 -5.54 34.14
CA ILE A 110 45.14 -5.49 32.86
C ILE A 110 43.94 -4.54 33.02
N PRO A 111 43.73 -3.60 32.05
CA PRO A 111 42.64 -2.59 32.16
C PRO A 111 41.28 -3.26 32.19
N PHE A 112 40.39 -2.69 32.99
CA PHE A 112 39.13 -3.29 33.31
C PHE A 112 38.05 -2.25 33.09
N ALA A 113 36.88 -2.72 32.63
CA ALA A 113 35.72 -1.87 32.60
C ALA A 113 34.52 -2.69 33.05
N LEU A 114 33.52 -2.04 33.59
CA LEU A 114 32.34 -2.81 33.94
C LEU A 114 31.01 -2.10 33.53
N ASP A 115 29.92 -2.84 33.47
CA ASP A 115 28.62 -2.27 33.19
C ASP A 115 27.57 -3.17 33.79
N ASN A 116 26.30 -2.74 33.71
N ASN A 116 26.29 -2.74 33.77
CA ASN A 116 25.19 -3.51 34.27
CA ASN A 116 25.22 -3.58 34.30
C ASN A 116 24.76 -4.69 33.38
C ASN A 116 24.91 -4.76 33.41
N ASP A 117 24.26 -5.74 34.03
CA ASP A 117 23.81 -6.98 33.36
C ASP A 117 23.12 -6.79 31.99
N ALA A 118 22.06 -5.99 32.04
CA ALA A 118 21.24 -5.70 30.85
C ALA A 118 22.04 -5.08 29.74
N ASN A 119 22.90 -4.13 30.08
CA ASN A 119 23.67 -3.43 29.06
C ASN A 119 24.60 -4.35 28.31
N VAL A 120 25.23 -5.22 29.08
CA VAL A 120 26.20 -6.16 28.61
C VAL A 120 25.48 -7.24 27.77
N ALA A 121 24.34 -7.76 28.25
CA ALA A 121 23.47 -8.64 27.40
C ALA A 121 23.14 -7.96 26.07
N ALA A 122 22.81 -6.67 26.11
CA ALA A 122 22.56 -5.89 24.86
C ALA A 122 23.72 -5.86 23.87
N LEU A 123 24.92 -5.56 24.39
CA LEU A 123 26.19 -5.58 23.64
C LEU A 123 26.44 -6.90 22.96
N GLY A 124 26.25 -7.98 23.72
CA GLY A 124 26.30 -9.36 23.17
C GLY A 124 25.38 -9.67 21.98
N GLU A 125 24.08 -9.47 22.18
CA GLU A 125 23.10 -9.69 21.12
C GLU A 125 23.30 -8.76 19.95
N ARG A 126 23.73 -7.51 20.20
CA ARG A 126 23.96 -6.60 19.12
C ARG A 126 25.13 -7.12 18.29
N TRP A 127 26.19 -7.55 18.97
CA TRP A 127 27.44 -7.96 18.30
C TRP A 127 27.28 -9.31 17.62
N LYS A 128 26.87 -10.31 18.40
CA LYS A 128 26.92 -11.67 17.96
C LYS A 128 25.60 -12.45 17.92
N GLY A 129 24.49 -11.82 18.25
CA GLY A 129 23.18 -12.52 18.29
C GLY A 129 22.20 -11.84 17.35
N ALA A 130 20.96 -11.63 17.80
CA ALA A 130 19.89 -11.09 16.93
C ALA A 130 20.19 -9.71 16.28
N GLY A 131 21.05 -8.90 16.92
CA GLY A 131 21.44 -7.59 16.38
C GLY A 131 22.25 -7.65 15.08
N GLU A 132 22.88 -8.80 14.81
CA GLU A 132 23.62 -9.00 13.59
C GLU A 132 24.71 -7.91 13.38
N ASN A 133 25.14 -7.32 14.49
CA ASN A 133 26.16 -6.27 14.48
C ASN A 133 25.77 -4.97 13.75
N ASN A 134 24.46 -4.73 13.62
N ASN A 134 24.48 -4.70 13.78
CA ASN A 134 23.93 -3.44 13.13
CA ASN A 134 24.01 -3.42 13.33
C ASN A 134 24.26 -2.33 14.18
C ASN A 134 24.30 -2.26 14.30
N PRO A 135 24.54 -1.08 13.72
CA PRO A 135 24.79 0.04 14.62
C PRO A 135 23.66 0.45 15.56
N ASP A 136 22.41 0.09 15.24
CA ASP A 136 21.29 0.54 16.03
C ASP A 136 20.48 -0.67 16.45
N VAL A 137 20.63 -1.04 17.72
CA VAL A 137 19.95 -2.24 18.25
C VAL A 137 19.44 -1.94 19.63
N ILE A 138 18.21 -2.30 19.92
CA ILE A 138 17.68 -2.17 21.31
C ILE A 138 17.38 -3.58 21.85
N PHE A 139 17.88 -3.91 23.03
CA PHE A 139 17.63 -5.23 23.58
C PHE A 139 16.72 -4.99 24.75
N ILE A 140 15.69 -5.81 24.89
CA ILE A 140 14.96 -5.73 26.15
C ILE A 140 14.74 -7.09 26.76
N THR A 141 14.93 -7.15 28.08
CA THR A 141 14.99 -8.44 28.76
C THR A 141 13.85 -8.55 29.75
N LEU A 142 13.07 -9.59 29.58
CA LEU A 142 11.87 -9.80 30.32
C LEU A 142 12.13 -11.01 31.24
N GLY A 143 11.73 -10.88 32.49
CA GLY A 143 12.08 -11.87 33.47
C GLY A 143 11.53 -11.40 34.79
N THR A 144 12.30 -11.59 35.83
CA THR A 144 11.87 -11.22 37.17
C THR A 144 11.67 -9.67 37.26
N GLY A 145 12.52 -8.94 36.55
CA GLY A 145 12.27 -7.53 36.24
C GLY A 145 12.31 -7.31 34.72
N VAL A 146 12.13 -6.05 34.32
CA VAL A 146 12.27 -5.70 32.90
C VAL A 146 13.45 -4.73 32.85
N GLY A 147 14.35 -5.01 31.93
CA GLY A 147 15.67 -4.41 31.89
C GLY A 147 16.00 -4.19 30.45
N GLY A 148 17.05 -3.47 30.14
CA GLY A 148 17.32 -3.28 28.70
C GLY A 148 18.62 -2.58 28.41
N GLY A 149 19.00 -2.50 27.14
CA GLY A 149 20.14 -1.65 26.74
C GLY A 149 19.96 -1.20 25.30
N ILE A 150 20.53 -0.06 24.97
CA ILE A 150 20.40 0.52 23.62
C ILE A 150 21.76 0.82 23.01
N VAL A 151 22.03 0.22 21.85
CA VAL A 151 23.19 0.58 21.04
C VAL A 151 22.68 1.53 19.93
N ALA A 152 23.23 2.73 19.87
CA ALA A 152 22.83 3.68 18.83
C ALA A 152 24.05 4.34 18.21
N ALA A 153 24.00 4.47 16.88
CA ALA A 153 25.12 4.93 16.11
C ALA A 153 26.38 4.22 16.59
N GLY A 154 26.25 2.91 16.71
CA GLY A 154 27.33 2.01 17.18
C GLY A 154 27.80 2.12 18.65
N LYS A 155 27.13 2.88 19.52
CA LYS A 155 27.65 2.99 20.90
C LYS A 155 26.57 2.64 21.91
N LEU A 156 26.93 1.95 23.00
CA LEU A 156 25.95 1.73 24.08
C LEU A 156 25.64 3.07 24.68
N LEU A 157 24.38 3.29 25.06
CA LEU A 157 24.01 4.61 25.57
C LEU A 157 23.92 4.51 27.09
N HIS A 158 24.39 5.57 27.74
CA HIS A 158 24.29 5.63 29.21
C HIS A 158 23.53 6.86 29.70
N GLY A 159 23.51 7.92 28.91
CA GLY A 159 22.87 9.16 29.40
C GLY A 159 23.73 9.83 30.48
N VAL A 160 23.24 10.92 31.05
CA VAL A 160 24.06 11.83 31.84
C VAL A 160 24.25 11.18 33.22
N ALA A 161 23.27 10.42 33.71
CA ALA A 161 23.40 9.74 34.98
C ALA A 161 23.58 8.24 34.85
N GLY A 162 23.78 7.69 33.66
CA GLY A 162 23.90 6.26 33.50
C GLY A 162 22.63 5.41 33.51
N CYS A 163 21.48 6.07 33.33
N CYS A 163 21.43 6.00 33.43
CA CYS A 163 20.14 5.47 33.32
CA CYS A 163 20.22 5.17 33.35
C CYS A 163 19.57 5.06 31.99
C CYS A 163 19.52 5.13 31.99
N ALA A 164 20.23 5.48 30.92
CA ALA A 164 19.75 5.19 29.58
C ALA A 164 19.52 3.67 29.46
N GLY A 165 18.55 3.29 28.65
CA GLY A 165 18.26 1.89 28.43
C GLY A 165 17.22 1.33 29.39
N GLU A 166 16.81 2.11 30.42
CA GLU A 166 15.84 1.68 31.44
C GLU A 166 14.38 1.55 30.96
N VAL A 167 14.17 0.70 29.98
CA VAL A 167 12.87 0.51 29.37
C VAL A 167 11.74 0.01 30.31
N GLY A 168 12.11 -0.68 31.37
CA GLY A 168 11.10 -1.26 32.23
C GLY A 168 10.36 -0.17 32.99
N HIS A 169 10.91 1.04 32.98
CA HIS A 169 10.27 2.16 33.68
C HIS A 169 9.80 3.26 32.79
N VAL A 170 9.48 2.87 31.58
CA VAL A 170 8.75 3.71 30.68
C VAL A 170 7.28 3.58 31.16
N THR A 171 6.59 4.72 31.28
CA THR A 171 5.17 4.76 31.60
C THR A 171 4.37 4.29 30.40
N VAL A 172 3.77 3.10 30.53
CA VAL A 172 2.80 2.58 29.53
C VAL A 172 1.29 2.81 29.84
N ASP A 173 0.96 3.07 31.11
CA ASP A 173 -0.40 3.39 31.55
C ASP A 173 -0.38 4.45 32.66
N PRO A 174 -0.63 5.75 32.32
CA PRO A 174 -0.62 6.83 33.33
C PRO A 174 -1.46 6.58 34.58
N ASN A 175 -2.35 5.61 34.52
CA ASN A 175 -3.22 5.32 35.66
C ASN A 175 -3.18 3.84 36.11
N GLY A 176 -2.03 3.20 35.91
CA GLY A 176 -1.85 1.77 36.12
C GLY A 176 -1.42 1.43 37.52
N PHE A 177 -0.71 0.31 37.68
CA PHE A 177 -0.30 -0.16 39.02
C PHE A 177 0.82 0.72 39.54
N ASP A 178 1.04 0.67 40.84
CA ASP A 178 2.19 1.31 41.47
C ASP A 178 3.47 0.52 41.23
N CYS A 179 4.46 1.18 40.64
CA CYS A 179 5.73 0.56 40.42
C CYS A 179 6.64 0.76 41.61
N THR A 180 7.54 -0.18 41.81
CA THR A 180 8.60 -0.06 42.80
C THR A 180 9.36 1.26 42.77
N CYS A 181 9.42 1.90 41.60
N CYS A 181 9.34 1.92 41.62
CA CYS A 181 10.23 3.08 41.42
CA CYS A 181 10.15 3.08 41.37
C CYS A 181 9.56 4.32 41.99
C CYS A 181 9.49 4.38 41.80
N GLY A 182 8.23 4.29 42.19
CA GLY A 182 7.51 5.41 42.81
C GLY A 182 6.41 5.97 41.92
N LYS A 183 6.38 5.55 40.66
CA LYS A 183 5.34 6.08 39.79
C LYS A 183 4.42 4.97 39.27
N ARG A 184 3.40 5.34 38.49
CA ARG A 184 2.39 4.37 38.08
C ARG A 184 2.61 3.87 36.66
N GLY A 185 2.27 2.61 36.42
CA GLY A 185 2.06 2.16 35.06
C GLY A 185 3.33 1.95 34.29
N CYS A 186 4.41 1.61 34.99
CA CYS A 186 5.67 1.24 34.33
C CYS A 186 5.53 -0.10 33.62
N LEU A 187 6.19 -0.26 32.48
CA LEU A 187 6.15 -1.48 31.72
C LEU A 187 6.45 -2.74 32.58
N GLU A 188 7.43 -2.63 33.49
CA GLU A 188 7.83 -3.70 34.41
C GLU A 188 6.64 -4.22 35.20
N THR A 189 5.69 -3.35 35.37
CA THR A 189 4.53 -3.58 36.19
C THR A 189 3.52 -4.55 35.48
N VAL A 190 3.67 -4.71 34.17
CA VAL A 190 2.76 -5.55 33.40
C VAL A 190 3.41 -6.65 32.59
N SER A 191 4.73 -6.68 32.50
CA SER A 191 5.37 -7.50 31.48
C SER A 191 6.54 -8.28 32.05
N SER A 192 6.81 -8.08 33.34
CA SER A 192 7.71 -8.96 34.04
C SER A 192 6.93 -10.23 34.42
N ALA A 193 7.63 -11.33 34.68
CA ALA A 193 6.96 -12.57 35.18
C ALA A 193 5.93 -12.20 36.24
N THR A 194 6.30 -11.31 37.14
CA THR A 194 5.40 -10.84 38.19
C THR A 194 4.28 -9.92 37.65
N GLY A 195 4.62 -9.07 36.68
CA GLY A 195 3.66 -8.17 36.04
C GLY A 195 2.53 -8.85 35.29
N VAL A 196 2.89 -9.87 34.52
CA VAL A 196 1.89 -10.74 33.82
C VAL A 196 0.85 -11.32 34.77
N VAL A 197 1.33 -11.97 35.81
CA VAL A 197 0.45 -12.46 36.84
C VAL A 197 -0.41 -11.36 37.46
N ARG A 198 0.18 -10.17 37.68
N ARG A 198 0.18 -10.18 37.66
CA ARG A 198 -0.51 -8.97 38.20
CA ARG A 198 -0.52 -8.99 38.19
C ARG A 198 -1.74 -8.62 37.34
C ARG A 198 -1.75 -8.63 37.33
N VAL A 199 -1.52 -8.59 36.03
CA VAL A 199 -2.56 -8.33 35.03
C VAL A 199 -3.65 -9.40 35.04
N ALA A 200 -3.26 -10.69 35.06
CA ALA A 200 -4.21 -11.81 35.20
C ALA A 200 -5.11 -11.65 36.40
N ARG A 201 -4.50 -11.61 37.59
CA ARG A 201 -5.26 -11.41 38.85
C ARG A 201 -6.10 -10.13 38.95
N HIS A 202 -5.94 -9.21 38.00
N HIS A 202 -5.89 -9.21 38.02
CA HIS A 202 -6.71 -7.98 38.01
CA HIS A 202 -6.65 -7.95 37.97
C HIS A 202 -7.83 -7.91 36.95
C HIS A 202 -7.90 -8.09 37.07
N LEU A 203 -7.74 -8.77 35.93
CA LEU A 203 -8.82 -8.95 34.96
C LEU A 203 -9.73 -10.13 35.25
N SER A 204 -9.26 -11.10 36.02
CA SER A 204 -10.07 -12.32 36.22
C SER A 204 -11.44 -11.96 36.78
N GLU A 205 -11.42 -11.03 37.73
CA GLU A 205 -12.61 -10.62 38.49
C GLU A 205 -13.78 -10.10 37.64
N GLU A 206 -13.47 -9.59 36.44
N GLU A 206 -13.48 -9.58 36.45
CA GLU A 206 -14.49 -9.10 35.51
CA GLU A 206 -14.53 -9.10 35.53
C GLU A 206 -14.92 -10.18 34.52
C GLU A 206 -14.89 -10.12 34.42
N PHE A 207 -13.99 -11.06 34.17
CA PHE A 207 -14.25 -12.19 33.28
C PHE A 207 -15.18 -13.19 33.95
N ALA A 208 -16.06 -13.79 33.16
CA ALA A 208 -17.09 -14.66 33.71
C ALA A 208 -17.04 -16.07 33.13
N GLY A 209 -16.87 -16.14 31.80
CA GLY A 209 -16.88 -17.40 31.05
C GLY A 209 -15.86 -18.41 31.53
N ASP A 210 -15.73 -19.50 30.79
CA ASP A 210 -14.86 -20.53 31.27
C ASP A 210 -13.43 -20.45 30.75
N SER A 211 -12.53 -20.51 31.71
CA SER A 211 -11.11 -20.66 31.47
C SER A 211 -10.49 -21.38 32.66
N GLU A 212 -9.63 -22.35 32.36
CA GLU A 212 -8.80 -23.02 33.36
C GLU A 212 -7.89 -22.03 34.12
N LEU A 213 -7.46 -20.96 33.44
CA LEU A 213 -6.67 -19.89 34.10
C LEU A 213 -7.47 -19.25 35.23
N LYS A 214 -8.70 -18.88 34.95
CA LYS A 214 -9.53 -18.15 35.89
C LYS A 214 -9.91 -19.03 37.10
N GLN A 215 -10.27 -20.29 36.84
CA GLN A 215 -10.59 -21.24 37.90
C GLN A 215 -9.41 -21.51 38.84
N ALA A 216 -8.21 -21.56 38.28
CA ALA A 216 -6.98 -21.77 39.06
C ALA A 216 -6.67 -20.61 40.00
N ILE A 217 -6.70 -19.38 39.47
CA ILE A 217 -6.69 -18.15 40.28
C ILE A 217 -7.75 -18.22 41.37
N ASP A 218 -8.97 -18.56 40.99
CA ASP A 218 -10.09 -18.65 41.92
C ASP A 218 -10.12 -19.92 42.78
N ASP A 219 -9.26 -20.89 42.47
CA ASP A 219 -9.03 -22.00 43.40
C ASP A 219 -8.09 -21.51 44.50
N GLY A 220 -7.17 -20.63 44.13
CA GLY A 220 -6.20 -20.08 45.09
C GLY A 220 -4.78 -20.54 44.81
N GLN A 221 -4.62 -21.20 43.66
N GLN A 221 -4.60 -21.23 43.68
CA GLN A 221 -3.34 -21.67 43.15
CA GLN A 221 -3.28 -21.73 43.26
C GLN A 221 -2.38 -20.49 42.93
C GLN A 221 -2.38 -20.56 42.86
N ASP A 222 -1.07 -20.75 43.07
CA ASP A 222 -0.06 -19.73 42.80
C ASP A 222 0.34 -19.74 41.31
N VAL A 223 -0.43 -19.01 40.52
CA VAL A 223 -0.26 -18.96 39.08
C VAL A 223 1.00 -18.22 38.69
N SER A 224 1.70 -18.76 37.69
CA SER A 224 2.87 -18.10 37.09
C SER A 224 2.62 -17.62 35.65
N SER A 225 3.65 -17.04 35.07
CA SER A 225 3.65 -16.35 33.78
C SER A 225 3.81 -17.35 32.65
N LYS A 226 4.67 -18.35 32.87
N LYS A 226 4.67 -18.33 32.87
CA LYS A 226 4.75 -19.50 31.99
CA LYS A 226 4.76 -19.50 32.02
C LYS A 226 3.39 -20.22 31.99
C LYS A 226 3.39 -20.23 32.00
N ASP A 227 2.67 -20.16 33.12
CA ASP A 227 1.32 -20.74 33.22
C ASP A 227 0.28 -19.97 32.44
N VAL A 228 0.33 -18.64 32.56
CA VAL A 228 -0.56 -17.77 31.80
C VAL A 228 -0.27 -17.98 30.32
N PHE A 229 1.00 -17.95 29.95
CA PHE A 229 1.31 -18.18 28.55
C PHE A 229 0.90 -19.55 28.01
N GLU A 230 1.10 -20.57 28.86
N GLU A 230 1.01 -20.58 28.84
CA GLU A 230 0.66 -21.97 28.67
CA GLU A 230 0.67 -21.92 28.37
C GLU A 230 -0.79 -22.08 28.24
C GLU A 230 -0.85 -22.17 28.24
N PHE A 231 -1.65 -21.51 29.08
CA PHE A 231 -3.09 -21.57 28.93
C PHE A 231 -3.59 -20.88 27.68
N ALA A 232 -2.99 -19.75 27.34
CA ALA A 232 -3.32 -19.03 26.12
C ALA A 232 -2.90 -19.84 24.89
N GLU A 233 -1.73 -20.46 24.98
N GLU A 233 -1.72 -20.46 25.01
CA GLU A 233 -1.21 -21.31 23.91
CA GLU A 233 -1.13 -21.39 24.03
C GLU A 233 -2.19 -22.47 23.61
C GLU A 233 -2.15 -22.46 23.64
N LYS A 234 -2.86 -22.97 24.64
CA LYS A 234 -3.87 -24.02 24.47
C LYS A 234 -5.23 -23.47 24.01
N GLY A 235 -5.39 -22.16 23.94
CA GLY A 235 -6.65 -21.63 23.47
C GLY A 235 -7.52 -21.07 24.58
N ASP A 236 -7.01 -21.09 25.80
CA ASP A 236 -7.75 -20.52 26.94
C ASP A 236 -8.15 -19.04 26.62
N HIS A 237 -9.45 -18.82 26.42
CA HIS A 237 -9.97 -17.48 26.02
C HIS A 237 -9.60 -16.30 26.93
N PHE A 238 -9.68 -16.49 28.25
CA PHE A 238 -9.30 -15.44 29.19
C PHE A 238 -7.78 -15.23 29.18
N ALA A 239 -7.01 -16.31 29.18
CA ALA A 239 -5.55 -16.22 29.16
C ALA A 239 -5.03 -15.47 27.94
N LEU A 240 -5.70 -15.64 26.79
CA LEU A 240 -5.35 -14.89 25.55
C LEU A 240 -5.61 -13.39 25.74
N VAL A 242 -5.36 -11.78 28.66
CA VAL A 242 -4.24 -11.34 29.49
C VAL A 242 -2.96 -11.19 28.69
N VAL A 243 -2.66 -12.17 27.85
CA VAL A 243 -1.57 -12.01 26.89
C VAL A 243 -1.77 -10.79 25.98
N ASP A 244 -2.97 -10.64 25.43
CA ASP A 244 -3.30 -9.48 24.56
C ASP A 244 -2.91 -8.18 25.29
N ARG A 245 -3.32 -8.12 26.55
CA ARG A 245 -3.08 -6.95 27.37
C ARG A 245 -1.59 -6.66 27.54
N VAL A 246 -0.85 -7.65 28.04
CA VAL A 246 0.61 -7.57 28.20
C VAL A 246 1.28 -7.17 26.84
N CYS A 247 0.76 -7.70 25.74
CA CYS A 247 1.39 -7.41 24.46
C CYS A 247 1.06 -6.03 23.92
N PHE A 248 -0.13 -5.55 24.28
CA PHE A 248 -0.56 -4.20 23.97
C PHE A 248 0.48 -3.28 24.59
N TYR A 249 0.79 -3.47 25.87
CA TYR A 249 1.76 -2.59 26.58
C TYR A 249 3.17 -2.70 26.07
N LEU A 250 3.60 -3.94 25.82
CA LEU A 250 4.86 -4.17 25.16
C LEU A 250 4.94 -3.56 23.74
N GLY A 251 3.85 -3.67 22.95
CA GLY A 251 3.72 -2.99 21.62
C GLY A 251 3.95 -1.48 21.64
N LEU A 252 3.30 -0.87 22.61
CA LEU A 252 3.34 0.56 22.84
C LEU A 252 4.72 1.03 23.18
N ALA A 253 5.32 0.36 24.17
CA ALA A 253 6.65 0.71 24.61
C ALA A 253 7.68 0.49 23.51
N THR A 254 7.66 -0.67 22.86
CA THR A 254 8.67 -0.89 21.85
C THR A 254 8.36 -0.02 20.65
N GLY A 255 7.05 0.14 20.33
CA GLY A 255 6.59 1.01 19.27
C GLY A 255 7.20 2.41 19.41
N ASN A 256 7.09 2.99 20.60
CA ASN A 256 7.60 4.32 20.82
C ASN A 256 9.12 4.39 20.79
N LEU A 257 9.81 3.30 21.17
CA LEU A 257 11.24 3.21 20.98
C LEU A 257 11.58 3.23 19.48
N GLY A 258 10.78 2.51 18.72
CA GLY A 258 10.81 2.50 17.27
C GLY A 258 10.59 3.92 16.78
N ASN A 259 9.57 4.61 17.28
CA ASN A 259 9.34 5.95 16.74
C ASN A 259 10.47 6.97 17.05
N THR A 260 11.19 6.76 18.16
N THR A 260 11.19 6.70 18.14
CA THR A 260 12.21 7.75 18.59
CA THR A 260 12.16 7.66 18.66
C THR A 260 13.64 7.39 18.17
C THR A 260 13.59 7.39 18.16
N LEU A 261 13.92 6.11 17.95
CA LEU A 261 15.30 5.61 17.70
C LEU A 261 15.45 4.86 16.43
N ASN A 262 14.31 4.37 15.90
CA ASN A 262 14.32 3.64 14.62
C ASN A 262 15.48 2.63 14.51
N PRO A 263 15.66 1.70 15.51
CA PRO A 263 16.79 0.74 15.40
C PRO A 263 16.59 -0.26 14.24
N ASP A 264 17.64 -0.94 13.79
CA ASP A 264 17.36 -2.02 12.84
C ASP A 264 16.49 -3.12 13.48
N SER A 265 16.62 -3.32 14.81
CA SER A 265 15.86 -4.32 15.54
C SER A 265 15.61 -4.00 16.98
N VAL A 266 14.47 -4.44 17.46
CA VAL A 266 14.22 -4.50 18.90
C VAL A 266 14.26 -5.98 19.26
N VAL A 267 15.23 -6.33 20.13
CA VAL A 267 15.48 -7.74 20.45
C VAL A 267 14.89 -8.01 21.82
N ILE A 268 14.09 -9.06 21.89
CA ILE A 268 13.42 -9.43 23.11
C ILE A 268 13.95 -10.75 23.70
N GLY A 269 14.38 -10.66 24.96
CA GLY A 269 15.04 -11.76 25.62
C GLY A 269 14.57 -11.92 27.05
N GLY A 270 15.29 -12.77 27.76
CA GLY A 270 14.93 -13.07 29.14
C GLY A 270 13.97 -14.22 29.22
N GLY A 271 13.47 -14.44 30.44
CA GLY A 271 12.61 -15.57 30.76
C GLY A 271 11.24 -15.58 30.09
N VAL A 272 10.48 -14.51 30.27
CA VAL A 272 9.19 -14.45 29.56
C VAL A 272 9.31 -14.70 28.02
N SER A 273 10.47 -14.45 27.42
CA SER A 273 10.61 -14.62 25.97
C SER A 273 10.61 -16.11 25.56
N ALA A 274 10.51 -17.00 26.55
CA ALA A 274 10.56 -18.45 26.29
C ALA A 274 9.38 -18.91 25.46
N ALA A 275 8.27 -18.18 25.57
CA ALA A 275 7.10 -18.42 24.75
C ALA A 275 7.39 -18.28 23.26
N GLY A 276 8.49 -17.62 22.90
CA GLY A 276 8.97 -17.67 21.51
C GLY A 276 8.11 -16.87 20.54
N GLU A 277 7.80 -17.48 19.38
CA GLU A 277 6.94 -16.79 18.37
C GLU A 277 5.57 -16.39 18.90
N PHE A 278 5.02 -17.21 19.80
CA PHE A 278 3.71 -16.89 20.34
C PHE A 278 3.74 -15.44 20.97
N LEU A 279 4.80 -15.16 21.71
N LEU A 279 4.80 -15.13 21.70
CA LEU A 279 5.04 -13.82 22.23
CA LEU A 279 4.96 -13.76 22.20
C LEU A 279 5.38 -12.82 21.12
C LEU A 279 5.38 -12.77 21.11
N ARG A 280 6.45 -13.11 20.38
CA ARG A 280 7.00 -12.17 19.41
C ARG A 280 5.92 -11.63 18.48
N SER A 281 5.08 -12.53 18.00
CA SER A 281 4.13 -12.11 16.98
C SER A 281 3.04 -11.15 17.50
N ARG A 282 2.62 -11.37 18.74
CA ARG A 282 1.65 -10.47 19.36
C ARG A 282 2.34 -9.14 19.65
N VAL A 283 3.59 -9.19 20.06
CA VAL A 283 4.24 -7.93 20.33
C VAL A 283 4.34 -7.14 19.03
N GLU A 284 4.75 -7.81 17.94
CA GLU A 284 4.90 -7.17 16.63
C GLU A 284 3.59 -6.55 16.13
N LYS A 285 2.47 -7.24 16.32
CA LYS A 285 1.18 -6.67 15.95
C LYS A 285 0.92 -5.28 16.60
N TYR A 286 1.11 -5.15 17.90
CA TYR A 286 0.93 -3.82 18.54
C TYR A 286 2.05 -2.82 18.20
N PHE A 287 3.25 -3.32 18.07
CA PHE A 287 4.35 -2.49 17.55
C PHE A 287 4.01 -1.77 16.21
N GLN A 288 3.37 -2.49 15.29
CA GLN A 288 2.85 -2.03 14.01
C GLN A 288 1.71 -1.03 14.17
N GLU A 289 0.81 -1.30 15.12
CA GLU A 289 -0.23 -0.32 15.42
C GLU A 289 0.39 0.96 15.90
N PHE A 290 1.45 0.87 16.71
CA PHE A 290 1.99 2.10 17.34
C PHE A 290 3.20 2.79 16.67
N THR A 291 3.54 2.39 15.45
CA THR A 291 4.61 3.03 14.74
C THR A 291 4.08 3.68 13.46
N PHE A 292 4.74 4.72 13.00
CA PHE A 292 4.32 5.27 11.76
C PHE A 292 4.98 4.46 10.62
N PRO A 293 4.40 4.48 9.40
CA PRO A 293 4.86 3.48 8.43
C PRO A 293 6.39 3.32 8.22
N GLN A 294 7.13 4.42 8.15
CA GLN A 294 8.54 4.33 7.75
C GLN A 294 9.31 3.52 8.79
N VAL A 295 8.89 3.64 10.05
CA VAL A 295 9.49 2.84 11.14
C VAL A 295 8.90 1.41 11.20
N ARG A 296 7.57 1.34 11.14
CA ARG A 296 6.84 0.09 11.12
C ARG A 296 7.44 -0.93 10.10
N ASN A 297 7.83 -0.41 8.96
CA ASN A 297 8.31 -1.18 7.83
C ASN A 297 9.83 -1.13 7.63
N SER A 298 10.54 -0.76 8.70
CA SER A 298 12.01 -0.92 8.78
C SER A 298 12.47 -1.55 10.11
N THR A 299 12.12 -0.98 11.25
CA THR A 299 12.54 -1.60 12.52
C THR A 299 11.88 -2.96 12.66
N LYS A 300 12.65 -3.98 13.05
CA LYS A 300 12.16 -5.34 13.22
C LYS A 300 12.09 -5.73 14.69
N ILE A 301 11.02 -6.45 15.03
N ILE A 301 11.04 -6.46 15.05
CA ILE A 301 10.95 -7.18 16.28
CA ILE A 301 11.01 -7.07 16.36
C ILE A 301 11.61 -8.56 16.13
C ILE A 301 11.48 -8.55 16.29
N LYS A 302 12.55 -8.86 17.03
CA LYS A 302 13.25 -10.13 16.96
C LYS A 302 13.40 -10.74 18.34
N LEU A 303 13.45 -12.08 18.38
CA LEU A 303 13.82 -12.80 19.62
C LEU A 303 15.35 -12.86 19.79
N ALA A 304 15.80 -12.79 21.04
CA ALA A 304 17.24 -12.88 21.37
C ALA A 304 17.75 -14.23 20.90
N GLU A 305 18.99 -14.32 20.46
CA GLU A 305 19.48 -15.60 19.91
C GLU A 305 20.60 -16.26 20.70
N LEU A 306 21.16 -15.53 21.66
CA LEU A 306 22.33 -16.08 22.35
C LEU A 306 22.00 -16.68 23.70
N GLY A 307 20.74 -16.55 24.11
CA GLY A 307 20.32 -17.00 25.43
C GLY A 307 21.26 -16.48 26.49
N ASN A 308 21.86 -17.43 27.22
CA ASN A 308 22.66 -17.13 28.41
C ASN A 308 24.08 -16.73 28.12
N GLU A 309 24.51 -16.87 26.87
CA GLU A 309 25.84 -16.45 26.45
C GLU A 309 25.97 -14.97 26.09
N ALA A 310 24.85 -14.24 25.98
CA ALA A 310 24.92 -12.83 25.55
C ALA A 310 25.79 -11.98 26.51
N GLY A 311 25.53 -12.13 27.81
CA GLY A 311 26.25 -11.43 28.85
C GLY A 311 27.77 -11.45 28.79
N VAL A 312 28.36 -12.64 28.70
CA VAL A 312 29.82 -12.81 28.71
C VAL A 312 30.46 -12.26 27.43
N ILE A 313 29.80 -12.44 26.30
CA ILE A 313 30.30 -11.86 25.04
C ILE A 313 30.19 -10.34 25.03
N GLY A 314 29.07 -9.80 25.50
CA GLY A 314 28.97 -8.38 25.55
C GLY A 314 29.94 -7.80 26.57
N ALA A 315 30.17 -8.53 27.66
CA ALA A 315 31.11 -8.02 28.68
C ALA A 315 32.52 -8.01 28.06
N ALA A 316 32.90 -9.09 27.37
CA ALA A 316 34.17 -9.03 26.63
C ALA A 316 34.26 -7.74 25.79
N SER A 317 33.19 -7.34 25.10
CA SER A 317 33.31 -6.20 24.20
C SER A 317 33.64 -4.90 24.94
N LEU A 318 33.25 -4.75 26.21
CA LEU A 318 33.68 -3.57 26.94
C LEU A 318 35.19 -3.38 26.85
N ALA A 319 35.93 -4.49 26.84
CA ALA A 319 37.39 -4.38 26.85
C ALA A 319 37.95 -3.68 25.62
N LEU A 320 37.16 -3.58 24.55
CA LEU A 320 37.72 -3.06 23.27
C LEU A 320 38.00 -1.57 23.31
N GLN A 321 37.36 -0.86 24.24
CA GLN A 321 37.70 0.54 24.50
C GLN A 321 39.18 0.75 24.75
N PHE A 322 39.90 -0.27 25.20
CA PHE A 322 41.33 -0.08 25.58
C PHE A 322 42.32 -0.43 24.48
N SER A 323 41.80 -0.77 23.29
CA SER A 323 42.62 -1.06 22.10
C SER A 323 43.63 0.02 21.74
N LYS A 324 44.78 -0.49 21.24
CA LYS A 324 45.97 0.26 20.79
C LYS A 324 46.92 0.67 21.93
N SER B 1 44.08 36.44 11.81
CA SER B 1 44.88 35.23 11.42
C SER B 1 44.14 34.42 10.34
N ASN B 2 44.88 33.64 9.55
CA ASN B 2 44.34 32.83 8.44
C ASN B 2 43.25 31.78 8.78
N ALA B 3 43.26 31.30 10.02
CA ALA B 3 42.19 30.42 10.51
C ALA B 3 40.89 31.25 10.54
N ASP B 5 39.83 33.45 8.57
CA ASP B 5 39.28 33.65 7.22
C ASP B 5 38.37 32.51 6.76
N LYS B 6 38.46 31.36 7.41
CA LYS B 6 37.64 30.19 7.06
C LYS B 6 36.21 30.45 7.41
N LYS B 7 35.32 29.97 6.54
CA LYS B 7 33.88 30.14 6.62
C LYS B 7 33.17 28.82 6.35
N ILE B 8 31.98 28.67 6.93
CA ILE B 8 31.11 27.52 6.65
C ILE B 8 29.75 28.15 6.28
N ILE B 9 29.03 27.45 5.41
CA ILE B 9 27.70 27.87 4.99
C ILE B 9 26.67 26.90 5.59
N GLY B 10 25.61 27.47 6.18
CA GLY B 10 24.46 26.63 6.59
C GLY B 10 23.21 26.95 5.78
N ILE B 11 22.45 25.92 5.44
CA ILE B 11 21.20 26.08 4.69
C ILE B 11 20.09 25.48 5.53
N ASP B 12 19.04 26.27 5.71
CA ASP B 12 17.85 25.83 6.39
C ASP B 12 16.67 25.81 5.38
N LEU B 13 16.45 24.63 4.79
CA LEU B 13 15.45 24.42 3.74
C LEU B 13 14.10 24.12 4.38
N GLY B 14 13.16 25.06 4.29
CA GLY B 14 11.81 24.86 4.85
C GLY B 14 10.72 24.85 3.79
N GLY B 15 9.51 24.42 4.13
CA GLY B 15 8.42 24.31 3.12
C GLY B 15 8.05 25.59 2.39
N THR B 16 8.30 26.73 3.04
CA THR B 16 7.97 28.07 2.50
C THR B 16 9.16 28.97 2.17
N THR B 17 10.21 28.86 3.00
N THR B 17 10.22 28.92 2.99
CA THR B 17 11.42 29.70 2.91
CA THR B 17 11.42 29.71 2.71
C THR B 17 12.70 28.83 2.96
C THR B 17 12.69 28.91 2.98
N ILE B 18 13.76 29.28 2.28
CA ILE B 18 15.07 28.64 2.39
C ILE B 18 15.96 29.74 2.94
N LYS B 19 16.57 29.47 4.11
CA LYS B 19 17.42 30.45 4.76
C LYS B 19 18.87 29.99 4.67
N PHE B 20 19.79 30.94 4.50
CA PHE B 20 21.23 30.68 4.38
C PHE B 20 21.95 31.51 5.41
N ALA B 21 23.10 31.00 5.87
CA ALA B 21 24.02 31.86 6.61
C ALA B 21 25.42 31.45 6.30
N ILE B 22 26.31 32.42 6.49
CA ILE B 22 27.73 32.23 6.45
C ILE B 22 28.25 32.52 7.84
N LEU B 23 29.05 31.59 8.35
CA LEU B 23 29.43 31.66 9.73
C LEU B 23 30.91 31.45 9.85
N THR B 24 31.50 31.90 10.95
CA THR B 24 32.89 31.53 11.27
C THR B 24 32.89 30.07 11.67
N THR B 25 34.07 29.44 11.65
CA THR B 25 34.17 28.05 12.04
C THR B 25 33.82 27.86 13.51
N ASP B 26 33.85 28.91 14.33
CA ASP B 26 33.32 28.84 15.71
C ASP B 26 31.78 29.03 15.77
N GLY B 27 31.13 29.14 14.62
CA GLY B 27 29.68 29.27 14.56
C GLY B 27 29.08 30.60 14.95
N VAL B 28 29.83 31.68 14.76
CA VAL B 28 29.30 33.05 14.78
C VAL B 28 28.83 33.43 13.37
N VAL B 29 27.59 33.90 13.27
CA VAL B 29 26.94 34.23 12.01
C VAL B 29 27.53 35.53 11.44
N GLN B 30 28.08 35.48 10.21
CA GLN B 30 28.59 36.69 9.55
C GLN B 30 27.53 37.39 8.63
N GLN B 31 26.71 36.61 7.91
CA GLN B 31 25.63 37.10 7.00
C GLN B 31 24.50 36.12 6.96
N LYS B 32 23.27 36.60 6.74
CA LYS B 32 22.09 35.77 6.56
C LYS B 32 21.31 36.28 5.38
N TRP B 33 20.57 35.37 4.71
CA TRP B 33 19.70 35.73 3.59
C TRP B 33 18.70 34.63 3.32
N SER B 34 17.65 34.93 2.57
CA SER B 34 16.68 33.86 2.27
C SER B 34 16.08 34.02 0.90
N ILE B 35 15.35 32.99 0.47
CA ILE B 35 14.49 33.03 -0.71
C ILE B 35 13.25 32.18 -0.44
N GLU B 36 12.23 32.32 -1.29
CA GLU B 36 11.04 31.45 -1.24
C GLU B 36 11.41 30.05 -1.67
N THR B 37 10.66 29.09 -1.17
CA THR B 37 10.83 27.72 -1.59
C THR B 37 9.85 27.51 -2.75
N ASN B 38 10.35 27.31 -3.97
CA ASN B 38 9.53 26.96 -5.14
C ASN B 38 9.26 25.47 -5.19
N ILE B 39 8.03 25.07 -4.85
CA ILE B 39 7.64 23.65 -4.85
C ILE B 39 6.95 23.13 -6.15
N LEU B 40 6.81 24.02 -7.12
N LEU B 40 6.81 24.01 -7.13
CA LEU B 40 6.14 23.75 -8.39
CA LEU B 40 6.07 23.70 -8.34
C LEU B 40 6.93 22.78 -9.24
C LEU B 40 6.91 22.82 -9.27
N GLU B 41 6.23 21.97 -10.04
CA GLU B 41 6.89 21.00 -10.90
C GLU B 41 7.69 20.00 -10.06
N ASP B 42 7.02 19.29 -9.16
CA ASP B 42 7.61 18.19 -8.38
C ASP B 42 8.91 18.62 -7.70
N GLY B 43 8.96 19.91 -7.34
CA GLY B 43 10.05 20.48 -6.57
C GLY B 43 11.42 20.43 -7.21
N LYS B 44 11.47 20.40 -8.55
CA LYS B 44 12.74 20.25 -9.29
C LYS B 44 13.56 21.51 -9.30
N HIS B 45 12.92 22.64 -8.95
CA HIS B 45 13.57 23.96 -8.91
C HIS B 45 14.27 24.29 -7.57
N ILE B 46 14.06 23.47 -6.54
CA ILE B 46 14.55 23.79 -5.19
C ILE B 46 16.09 23.75 -5.14
N VAL B 47 16.65 22.59 -5.45
CA VAL B 47 18.09 22.45 -5.44
C VAL B 47 18.76 23.44 -6.41
N PRO B 48 18.26 23.58 -7.66
CA PRO B 48 18.89 24.64 -8.49
C PRO B 48 18.78 26.06 -7.88
N SER B 49 17.68 26.38 -7.22
CA SER B 49 17.54 27.68 -6.60
C SER B 49 18.58 27.90 -5.47
N ILE B 50 18.95 26.82 -4.79
CA ILE B 50 19.88 26.89 -3.67
C ILE B 50 21.27 27.09 -4.26
N ILE B 51 21.58 26.32 -5.30
CA ILE B 51 22.85 26.45 -6.02
C ILE B 51 23.03 27.88 -6.55
N GLU B 52 22.00 28.36 -7.26
CA GLU B 52 21.97 29.74 -7.74
C GLU B 52 22.12 30.81 -6.67
N SER B 53 21.42 30.66 -5.54
CA SER B 53 21.48 31.67 -4.49
C SER B 53 22.91 31.76 -3.89
N ILE B 54 23.57 30.61 -3.72
CA ILE B 54 24.94 30.61 -3.23
C ILE B 54 25.94 31.11 -4.27
N ARG B 55 25.80 30.68 -5.51
CA ARG B 55 26.67 31.19 -6.54
C ARG B 55 26.57 32.73 -6.59
N HIS B 56 25.34 33.25 -6.55
CA HIS B 56 25.10 34.70 -6.69
C HIS B 56 25.65 35.53 -5.53
N ARG B 57 25.68 34.95 -4.33
CA ARG B 57 26.10 35.64 -3.09
C ARG B 57 27.62 35.75 -3.13
N ILE B 58 28.22 34.62 -3.48
CA ILE B 58 29.65 34.57 -3.69
C ILE B 58 30.11 35.56 -4.76
N ASP B 59 29.37 35.62 -5.85
CA ASP B 59 29.66 36.51 -6.94
C ASP B 59 29.35 37.99 -6.57
N LEU B 60 28.20 38.20 -5.96
CA LEU B 60 27.78 39.54 -5.55
C LEU B 60 28.84 40.25 -4.70
N TYR B 61 29.47 39.49 -3.80
CA TYR B 61 30.36 40.05 -2.79
C TYR B 61 31.81 39.67 -3.07
N ASN B 62 32.04 39.21 -4.30
CA ASN B 62 33.38 38.81 -4.70
C ASN B 62 34.07 38.02 -3.61
N LYS B 64 35.83 34.67 -1.74
CA LYS B 64 36.91 33.74 -2.11
C LYS B 64 36.44 32.34 -1.80
N LYS B 65 36.24 31.55 -2.85
CA LYS B 65 35.61 30.21 -2.75
C LYS B 65 36.35 29.25 -1.82
N GLU B 66 37.65 29.42 -1.71
CA GLU B 66 38.50 28.53 -0.96
C GLU B 66 38.55 28.87 0.53
N ASP B 67 37.98 30.02 0.92
CA ASP B 67 37.71 30.27 2.33
C ASP B 67 36.67 29.32 2.91
N PHE B 68 35.81 28.76 2.07
CA PHE B 68 34.68 27.95 2.56
C PHE B 68 35.15 26.53 2.88
N VAL B 69 34.97 26.13 4.15
CA VAL B 69 35.41 24.78 4.61
C VAL B 69 34.40 23.74 4.14
N GLY B 70 33.14 24.14 4.21
CA GLY B 70 32.07 23.43 3.48
C GLY B 70 30.67 23.97 3.69
N ILE B 71 29.69 23.19 3.26
CA ILE B 71 28.24 23.58 3.32
C ILE B 71 27.50 22.49 4.07
N GLY B 72 26.73 22.88 5.07
CA GLY B 72 25.79 21.97 5.69
C GLY B 72 24.34 22.38 5.40
N GLY B 74 20.03 21.48 6.33
CA GLY B 74 18.91 20.79 6.90
C GLY B 74 17.74 20.79 5.92
N THR B 75 17.03 19.66 5.84
CA THR B 75 15.94 19.47 4.88
C THR B 75 14.80 18.73 5.56
N PRO B 76 13.57 19.03 5.17
CA PRO B 76 12.43 18.20 5.54
C PRO B 76 12.66 16.79 4.99
N GLY B 77 12.06 15.80 5.65
CA GLY B 77 12.11 14.38 5.26
C GLY B 77 13.22 13.59 5.90
N SER B 78 13.46 12.37 5.41
CA SER B 78 14.48 11.57 6.04
C SER B 78 15.74 11.42 5.17
N VAL B 79 16.89 11.42 5.82
CA VAL B 79 18.13 11.56 5.09
C VAL B 79 19.00 10.34 5.32
N ASP B 80 19.49 9.76 4.22
CA ASP B 80 20.52 8.75 4.28
C ASP B 80 21.83 9.55 4.16
N ILE B 81 22.55 9.58 5.29
CA ILE B 81 23.78 10.31 5.47
C ILE B 81 24.86 9.78 4.54
N GLU B 82 25.06 8.47 4.50
CA GLU B 82 26.05 7.87 3.62
C GLU B 82 25.73 8.23 2.16
N LYS B 83 24.47 8.08 1.76
CA LYS B 83 24.02 8.36 0.38
C LYS B 83 23.95 9.85 0.00
N GLY B 84 23.74 10.74 0.98
CA GLY B 84 23.45 12.17 0.72
C GLY B 84 22.11 12.39 -0.01
N THR B 85 21.12 11.63 0.42
CA THR B 85 19.92 11.37 -0.34
C THR B 85 18.75 11.76 0.62
N VAL B 86 17.66 12.27 0.09
CA VAL B 86 16.50 12.68 0.88
C VAL B 86 15.23 11.94 0.41
N VAL B 87 14.60 11.22 1.34
CA VAL B 87 13.32 10.55 1.06
C VAL B 87 12.22 11.09 2.01
N GLY B 88 10.98 11.24 1.52
CA GLY B 88 9.86 11.51 2.42
C GLY B 88 9.53 12.97 2.65
N ALA B 89 10.00 13.82 1.72
CA ALA B 89 9.81 15.26 1.81
C ALA B 89 8.55 15.64 1.02
N TYR B 90 7.44 15.02 1.38
CA TYR B 90 6.21 15.12 0.56
C TYR B 90 5.74 16.55 0.43
N ASN B 91 5.88 17.33 1.51
CA ASN B 91 5.55 18.76 1.52
C ASN B 91 6.31 19.59 0.50
N LEU B 92 7.38 19.02 -0.04
CA LEU B 92 8.20 19.70 -1.03
C LEU B 92 7.82 19.27 -2.44
N ASN B 93 6.96 18.26 -2.52
CA ASN B 93 6.62 17.59 -3.79
C ASN B 93 7.74 16.67 -4.29
N TRP B 94 8.74 16.38 -3.47
CA TRP B 94 9.69 15.33 -3.82
C TRP B 94 9.02 13.98 -3.56
N THR B 95 8.60 13.28 -4.60
CA THR B 95 7.95 11.98 -4.38
C THR B 95 8.93 10.84 -4.63
N THR B 96 10.11 11.22 -5.06
CA THR B 96 11.11 10.28 -5.49
C THR B 96 12.38 10.65 -4.69
N VAL B 97 13.28 9.69 -4.46
CA VAL B 97 14.54 9.95 -3.72
C VAL B 97 15.39 11.04 -4.44
N GLN B 98 15.80 12.06 -3.70
CA GLN B 98 16.57 13.16 -4.27
C GLN B 98 18.08 13.07 -3.94
N PRO B 99 18.92 13.08 -4.98
CA PRO B 99 20.39 13.00 -4.85
C PRO B 99 20.96 14.39 -4.54
N VAL B 100 20.49 14.99 -3.44
CA VAL B 100 20.77 16.39 -3.16
C VAL B 100 22.25 16.63 -2.99
N LYS B 101 22.92 15.74 -2.29
CA LYS B 101 24.33 15.93 -2.02
C LYS B 101 25.06 15.94 -3.36
N GLU B 102 24.76 14.93 -4.18
CA GLU B 102 25.39 14.84 -5.49
C GLU B 102 25.22 16.13 -6.31
N GLN B 103 24.00 16.66 -6.37
CA GLN B 103 23.72 17.81 -7.21
C GLN B 103 24.47 19.04 -6.72
N ILE B 104 24.42 19.29 -5.42
CA ILE B 104 25.02 20.51 -4.89
C ILE B 104 26.54 20.44 -4.88
N GLU B 105 27.07 19.31 -4.46
CA GLU B 105 28.50 19.19 -4.38
C GLU B 105 29.03 19.36 -5.78
N SER B 106 28.36 18.70 -6.72
CA SER B 106 28.78 18.80 -8.13
C SER B 106 28.80 20.23 -8.68
N ALA B 107 27.68 20.92 -8.47
CA ALA B 107 27.50 22.29 -8.96
C ALA B 107 28.44 23.30 -8.31
N LEU B 108 28.75 23.09 -7.04
CA LEU B 108 29.37 24.14 -6.23
C LEU B 108 30.87 23.91 -6.04
N GLY B 109 31.34 22.67 -6.06
CA GLY B 109 32.79 22.42 -5.90
C GLY B 109 33.30 22.70 -4.49
N ILE B 110 32.39 22.64 -3.54
N ILE B 110 32.35 22.69 -3.54
CA ILE B 110 32.76 22.73 -2.14
CA ILE B 110 32.56 22.82 -2.08
C ILE B 110 32.01 21.64 -1.35
C ILE B 110 32.00 21.55 -1.42
N PRO B 111 32.70 21.00 -0.39
CA PRO B 111 32.15 19.80 0.26
C PRO B 111 30.79 20.07 0.95
N PHE B 112 29.90 19.10 0.89
CA PHE B 112 28.49 19.25 1.27
C PHE B 112 28.04 18.12 2.18
N ALA B 113 27.25 18.45 3.22
CA ALA B 113 26.66 17.46 4.07
C ALA B 113 25.21 17.87 4.32
N LEU B 114 24.33 16.91 4.53
N LEU B 114 24.39 16.88 4.63
CA LEU B 114 22.98 17.32 4.83
CA LEU B 114 22.94 17.05 4.62
C LEU B 114 22.37 16.43 5.86
C LEU B 114 22.30 16.31 5.79
N ASP B 115 21.32 16.93 6.48
CA ASP B 115 20.65 16.18 7.52
C ASP B 115 19.20 16.60 7.63
N ASN B 116 18.43 15.89 8.40
CA ASN B 116 17.03 16.26 8.62
C ASN B 116 16.95 17.63 9.32
N ASP B 117 15.87 18.36 9.10
CA ASP B 117 15.79 19.75 9.55
C ASP B 117 15.76 19.93 11.07
N ALA B 118 15.00 19.11 11.80
CA ALA B 118 15.09 19.17 13.28
C ALA B 118 16.39 18.58 13.81
N ASN B 119 16.99 17.63 13.08
CA ASN B 119 18.27 17.06 13.52
C ASN B 119 19.35 18.15 13.63
N VAL B 120 19.39 18.94 12.58
CA VAL B 120 20.35 20.02 12.39
C VAL B 120 20.07 21.16 13.40
N ALA B 121 18.81 21.49 13.58
CA ALA B 121 18.42 22.42 14.64
C ALA B 121 18.87 21.96 16.04
N ALA B 122 18.72 20.66 16.31
CA ALA B 122 19.25 20.02 17.49
C ALA B 122 20.75 20.25 17.62
N LEU B 123 21.50 20.07 16.54
CA LEU B 123 22.94 20.29 16.59
C LEU B 123 23.25 21.75 16.91
N GLY B 124 22.43 22.65 16.35
CA GLY B 124 22.59 24.10 16.56
C GLY B 124 22.38 24.44 18.04
N GLU B 125 21.30 23.90 18.63
CA GLU B 125 21.05 24.20 20.06
C GLU B 125 22.10 23.53 20.95
N ARG B 126 22.54 22.34 20.60
CA ARG B 126 23.65 21.77 21.35
C ARG B 126 24.94 22.62 21.30
N TRP B 127 25.30 23.12 20.12
CA TRP B 127 26.57 23.83 19.88
C TRP B 127 26.61 25.21 20.46
N LYS B 128 25.52 25.98 20.29
CA LYS B 128 25.49 27.41 20.64
C LYS B 128 24.32 27.78 21.54
N GLY B 129 23.40 26.84 21.75
CA GLY B 129 22.24 27.15 22.58
C GLY B 129 22.17 26.38 23.88
N ALA B 130 20.91 26.03 24.27
CA ALA B 130 20.55 25.41 25.54
C ALA B 130 21.18 24.04 25.83
N GLY B 131 21.63 23.34 24.77
CA GLY B 131 22.26 22.02 24.91
C GLY B 131 23.64 21.99 25.58
N GLU B 132 24.38 23.11 25.51
CA GLU B 132 25.65 23.34 26.24
C GLU B 132 26.77 22.37 25.90
N ASN B 133 26.74 21.93 24.65
CA ASN B 133 27.66 20.92 24.14
C ASN B 133 27.69 19.59 24.88
N ASN B 134 26.64 19.28 25.62
CA ASN B 134 26.54 17.98 26.27
C ASN B 134 26.50 16.82 25.26
N PRO B 135 27.09 15.66 25.60
CA PRO B 135 26.98 14.46 24.73
C PRO B 135 25.59 13.89 24.60
N ASP B 136 24.67 14.26 25.50
CA ASP B 136 23.34 13.72 25.48
C ASP B 136 22.32 14.84 25.59
N VAL B 137 21.72 15.18 24.45
CA VAL B 137 20.73 16.30 24.35
C VAL B 137 19.60 15.89 23.42
N ILE B 138 18.36 16.09 23.87
CA ILE B 138 17.20 15.91 22.97
C ILE B 138 16.57 17.26 22.64
N PHE B 139 16.43 17.52 21.34
CA PHE B 139 15.71 18.70 20.84
C PHE B 139 14.32 18.30 20.36
N ILE B 140 13.31 19.01 20.86
CA ILE B 140 11.94 18.92 20.36
C ILE B 140 11.41 20.30 19.89
N THR B 141 10.99 20.37 18.63
CA THR B 141 10.48 21.61 18.06
C THR B 141 8.98 21.56 17.80
N LEU B 142 8.26 22.52 18.37
CA LEU B 142 6.84 22.59 18.22
C LEU B 142 6.55 23.79 17.33
N GLY B 143 6.03 23.53 16.14
CA GLY B 143 5.52 24.57 15.23
C GLY B 143 4.34 24.08 14.43
N THR B 144 4.42 24.19 13.09
CA THR B 144 3.43 23.63 12.17
C THR B 144 3.28 22.17 12.41
N GLY B 145 4.45 21.52 12.58
CA GLY B 145 4.54 20.10 12.92
C GLY B 145 5.37 19.91 14.18
N VAL B 146 5.50 18.68 14.65
CA VAL B 146 6.38 18.45 15.78
C VAL B 146 7.58 17.63 15.31
N GLY B 147 8.79 18.12 15.59
CA GLY B 147 10.02 17.49 15.06
C GLY B 147 10.98 17.31 16.21
N GLY B 148 12.07 16.63 15.96
CA GLY B 148 13.07 16.52 16.99
C GLY B 148 14.39 15.96 16.50
N GLY B 149 15.41 16.14 17.37
CA GLY B 149 16.74 15.59 17.12
C GLY B 149 17.28 15.06 18.44
N ILE B 150 17.99 13.93 18.33
CA ILE B 150 18.65 13.27 19.46
C ILE B 150 20.14 13.13 19.29
N VAL B 151 20.87 13.76 20.18
CA VAL B 151 22.29 13.52 20.29
C VAL B 151 22.49 12.62 21.54
N ALA B 152 23.14 11.48 21.35
CA ALA B 152 23.28 10.54 22.43
C ALA B 152 24.70 10.03 22.32
N ALA B 153 25.39 9.96 23.46
CA ALA B 153 26.84 9.58 23.50
C ALA B 153 27.68 10.36 22.49
N GLY B 154 27.38 11.64 22.38
CA GLY B 154 28.14 12.50 21.47
C GLY B 154 27.78 12.50 20.00
N LYS B 155 26.84 11.64 19.59
CA LYS B 155 26.47 11.62 18.16
C LYS B 155 25.02 11.80 17.91
N LEU B 156 24.73 12.47 16.79
CA LEU B 156 23.36 12.68 16.39
C LEU B 156 22.79 11.29 16.00
N LEU B 157 21.61 10.93 16.45
CA LEU B 157 21.00 9.62 16.00
C LEU B 157 20.13 9.64 14.71
N HIS B 158 20.29 8.62 13.87
CA HIS B 158 19.56 8.50 12.62
C HIS B 158 18.73 7.23 12.60
N GLY B 159 19.15 6.16 13.24
CA GLY B 159 18.47 4.87 13.05
C GLY B 159 18.59 4.26 11.66
N VAL B 160 17.90 3.11 11.47
CA VAL B 160 18.07 2.30 10.27
C VAL B 160 17.48 2.93 9.03
N ALA B 161 16.47 3.78 9.19
CA ALA B 161 15.76 4.40 8.07
C ALA B 161 15.84 5.92 8.09
N GLY B 162 16.77 6.46 8.85
CA GLY B 162 16.82 7.88 9.04
C GLY B 162 15.66 8.49 9.84
N CYS B 163 15.01 7.71 10.70
CA CYS B 163 13.78 8.21 11.38
C CYS B 163 13.91 8.45 12.86
N ALA B 164 15.15 8.29 13.37
CA ALA B 164 15.43 8.56 14.74
C ALA B 164 15.13 10.00 14.96
N GLY B 165 14.61 10.33 16.14
CA GLY B 165 14.28 11.70 16.41
C GLY B 165 12.85 12.15 16.11
N GLU B 166 12.04 11.27 15.55
CA GLU B 166 10.70 11.62 15.16
C GLU B 166 9.70 11.66 16.34
N VAL B 167 9.99 12.44 17.35
CA VAL B 167 9.12 12.37 18.57
C VAL B 167 7.70 12.91 18.42
N GLY B 168 7.43 13.58 17.32
CA GLY B 168 6.11 14.12 17.02
C GLY B 168 5.16 12.99 16.78
N HIS B 169 5.72 11.84 16.42
CA HIS B 169 4.92 10.69 16.16
C HIS B 169 5.02 9.56 17.22
N VAL B 170 5.53 9.88 18.41
CA VAL B 170 5.34 9.04 19.61
C VAL B 170 3.83 9.03 19.96
N THR B 171 3.27 7.84 20.18
CA THR B 171 1.86 7.71 20.59
C THR B 171 1.74 8.11 22.06
N VAL B 172 1.08 9.21 22.32
CA VAL B 172 0.78 9.59 23.69
C VAL B 172 -0.61 9.14 24.11
N ASP B 173 -1.47 8.81 23.14
CA ASP B 173 -2.82 8.38 23.49
C ASP B 173 -3.22 7.41 22.44
N PRO B 174 -3.20 6.11 22.79
CA PRO B 174 -3.56 5.05 21.87
C PRO B 174 -4.96 5.23 21.30
N ASN B 175 -5.82 6.01 21.97
CA ASN B 175 -7.17 6.25 21.42
C ASN B 175 -7.41 7.64 20.88
N GLY B 176 -6.34 8.38 20.55
CA GLY B 176 -6.45 9.83 20.29
C GLY B 176 -6.89 10.24 18.92
N PHE B 177 -6.58 11.49 18.55
CA PHE B 177 -6.90 12.01 17.22
C PHE B 177 -6.09 11.32 16.11
N ASP B 178 -6.66 11.22 14.92
CA ASP B 178 -5.96 10.76 13.71
C ASP B 178 -4.83 11.69 13.35
N CYS B 179 -3.67 11.09 13.05
CA CYS B 179 -2.51 11.85 12.66
C CYS B 179 -2.32 11.65 11.16
N THR B 180 -1.68 12.59 10.50
CA THR B 180 -1.42 12.38 9.07
C THR B 180 -0.44 11.25 8.80
N CYS B 181 0.35 10.88 9.81
CA CYS B 181 1.30 9.80 9.59
C CYS B 181 0.52 8.51 9.36
N GLY B 182 -0.74 8.46 9.80
CA GLY B 182 -1.54 7.27 9.58
C GLY B 182 -1.79 6.38 10.76
N LYS B 183 -1.51 6.86 11.96
CA LYS B 183 -2.03 6.21 13.14
C LYS B 183 -2.75 7.26 13.99
N ARG B 184 -3.09 6.93 15.21
CA ARG B 184 -3.71 7.93 16.08
C ARG B 184 -2.91 8.26 17.33
N GLY B 185 -3.16 9.45 17.85
CA GLY B 185 -2.67 9.81 19.20
C GLY B 185 -1.20 10.19 19.29
N CYS B 186 -0.61 10.53 18.14
CA CYS B 186 0.67 11.12 18.08
C CYS B 186 0.78 12.40 18.90
N LEU B 187 1.95 12.62 19.50
CA LEU B 187 2.25 13.90 20.14
C LEU B 187 1.92 15.12 19.26
N GLU B 188 2.22 15.01 17.99
CA GLU B 188 1.93 16.09 17.06
C GLU B 188 0.47 16.54 16.95
N THR B 189 -0.46 15.59 17.11
CA THR B 189 -1.91 15.91 17.10
C THR B 189 -2.35 16.79 18.30
N VAL B 190 -1.52 16.87 19.32
CA VAL B 190 -1.97 17.57 20.52
C VAL B 190 -1.07 18.77 20.88
N SER B 191 0.03 18.92 20.15
CA SER B 191 1.10 19.88 20.52
C SER B 191 1.64 20.74 19.36
N SER B 192 1.22 20.51 18.13
CA SER B 192 1.64 21.44 17.07
C SER B 192 0.73 22.68 17.23
N ALA B 193 1.00 23.74 16.48
CA ALA B 193 0.15 24.96 16.46
C ALA B 193 -1.33 24.63 16.33
N THR B 194 -1.58 23.72 15.38
CA THR B 194 -2.87 23.17 15.08
C THR B 194 -3.39 22.16 16.13
N GLY B 195 -2.49 21.39 16.73
CA GLY B 195 -2.87 20.40 17.76
C GLY B 195 -3.42 21.04 19.02
N VAL B 196 -2.85 22.14 19.43
CA VAL B 196 -3.29 22.85 20.63
C VAL B 196 -4.74 23.35 20.50
N VAL B 197 -5.05 23.93 19.34
CA VAL B 197 -6.38 24.33 18.94
C VAL B 197 -7.28 23.11 18.93
N ARG B 198 -6.83 22.02 18.33
CA ARG B 198 -7.68 20.83 18.33
C ARG B 198 -7.95 20.37 19.76
N VAL B 199 -6.97 20.41 20.64
CA VAL B 199 -7.20 19.98 22.03
C VAL B 199 -8.21 20.95 22.65
N ALA B 200 -8.11 22.24 22.29
CA ALA B 200 -8.99 23.22 22.89
C ALA B 200 -10.43 23.06 22.33
N ARG B 201 -10.52 22.81 21.01
N ARG B 201 -10.56 22.85 21.01
CA ARG B 201 -11.80 22.54 20.28
CA ARG B 201 -11.87 22.61 20.39
C ARG B 201 -12.59 21.40 20.90
C ARG B 201 -12.62 21.53 21.15
N HIS B 202 -11.90 20.51 21.59
CA HIS B 202 -12.52 19.33 22.13
C HIS B 202 -12.73 19.32 23.62
N LEU B 203 -11.99 20.15 24.33
CA LEU B 203 -12.18 20.36 25.76
C LEU B 203 -13.24 21.42 26.05
N SER B 204 -13.62 22.15 25.02
CA SER B 204 -14.56 23.27 25.14
C SER B 204 -15.86 22.81 25.79
N GLU B 205 -16.37 21.68 25.33
CA GLU B 205 -17.53 20.99 25.88
C GLU B 205 -17.38 20.57 27.37
N GLU B 206 -16.16 20.55 27.89
CA GLU B 206 -15.90 20.20 29.29
C GLU B 206 -15.78 21.46 30.15
N PHE B 207 -16.13 22.60 29.56
CA PHE B 207 -16.00 23.85 30.27
C PHE B 207 -17.30 24.62 30.14
N ALA B 208 -18.06 24.62 31.24
CA ALA B 208 -19.38 25.24 31.32
C ALA B 208 -19.36 26.76 31.51
N GLY B 209 -18.19 27.31 31.87
CA GLY B 209 -18.03 28.77 32.08
C GLY B 209 -17.83 29.52 30.78
N ASP B 210 -17.38 30.76 30.84
N ASP B 210 -17.33 30.75 30.87
CA ASP B 210 -16.89 31.42 29.64
CA ASP B 210 -17.04 31.62 29.70
C ASP B 210 -15.66 32.28 29.87
C ASP B 210 -15.76 32.48 29.83
N SER B 211 -14.92 32.44 28.78
CA SER B 211 -13.63 33.05 28.77
C SER B 211 -13.38 33.61 27.38
N GLU B 212 -12.47 34.56 27.27
CA GLU B 212 -12.13 35.06 25.95
C GLU B 212 -11.59 33.99 25.02
N LEU B 213 -10.83 33.03 25.58
CA LEU B 213 -10.26 31.96 24.78
C LEU B 213 -11.34 31.00 24.25
N LYS B 214 -12.25 30.61 25.13
CA LYS B 214 -13.27 29.65 24.76
C LYS B 214 -14.14 30.23 23.61
N GLN B 215 -14.55 31.48 23.77
N GLN B 215 -14.54 31.49 23.76
CA GLN B 215 -15.31 32.19 22.74
CA GLN B 215 -15.31 32.22 22.75
C GLN B 215 -14.64 32.15 21.36
C GLN B 215 -14.65 32.18 21.37
N ALA B 216 -13.35 32.48 21.29
CA ALA B 216 -12.64 32.50 20.01
C ALA B 216 -12.45 31.11 19.39
N ILE B 217 -12.12 30.14 20.24
CA ILE B 217 -12.03 28.73 19.82
C ILE B 217 -13.38 28.29 19.22
N ASP B 218 -14.44 28.54 19.98
CA ASP B 218 -15.75 28.11 19.61
C ASP B 218 -16.26 28.79 18.33
N ASP B 219 -15.79 30.02 18.10
CA ASP B 219 -16.04 30.80 16.88
C ASP B 219 -15.28 30.31 15.64
N GLY B 220 -14.36 29.39 15.81
CA GLY B 220 -13.60 28.90 14.68
C GLY B 220 -12.24 29.54 14.44
N GLN B 221 -11.76 30.30 15.41
N GLN B 221 -11.75 30.31 15.40
CA GLN B 221 -10.46 30.95 15.26
CA GLN B 221 -10.46 30.96 15.19
C GLN B 221 -9.30 29.97 15.43
C GLN B 221 -9.29 30.02 15.45
N ASP B 222 -8.29 30.12 14.57
CA ASP B 222 -7.05 29.37 14.69
C ASP B 222 -6.03 30.15 15.50
N VAL B 223 -6.38 30.29 16.78
CA VAL B 223 -5.58 31.03 17.74
C VAL B 223 -4.23 30.40 17.90
N SER B 224 -3.19 31.22 17.91
CA SER B 224 -1.84 30.70 18.05
C SER B 224 -1.64 30.01 19.43
N SER B 225 -0.66 29.12 19.52
CA SER B 225 -0.29 28.48 20.79
C SER B 225 0.18 29.54 21.80
N LYS B 226 0.93 30.52 21.30
N LYS B 226 0.92 30.54 21.35
CA LYS B 226 1.40 31.68 22.07
CA LYS B 226 1.38 31.62 22.24
C LYS B 226 0.24 32.38 22.79
C LYS B 226 0.22 32.41 22.84
N ASP B 227 -0.77 32.76 22.02
CA ASP B 227 -2.01 33.39 22.56
C ASP B 227 -2.70 32.50 23.59
N VAL B 228 -2.74 31.19 23.32
CA VAL B 228 -3.37 30.20 24.23
C VAL B 228 -2.67 30.18 25.58
N PHE B 229 -1.35 30.09 25.52
CA PHE B 229 -0.50 30.21 26.71
C PHE B 229 -0.62 31.59 27.39
N GLU B 230 -0.68 32.66 26.59
CA GLU B 230 -0.85 34.01 27.15
C GLU B 230 -2.17 34.18 27.95
N PHE B 231 -3.27 33.62 27.45
CA PHE B 231 -4.54 33.59 28.20
C PHE B 231 -4.35 32.82 29.49
N ALA B 232 -3.59 31.73 29.42
CA ALA B 232 -3.34 30.91 30.60
C ALA B 232 -2.57 31.71 31.65
N GLU B 233 -1.43 32.27 31.25
CA GLU B 233 -0.59 33.02 32.18
C GLU B 233 -1.42 34.12 32.85
N LYS B 234 -2.18 34.84 32.02
CA LYS B 234 -3.05 35.95 32.41
C LYS B 234 -4.28 35.49 33.26
N GLY B 235 -4.43 34.19 33.49
CA GLY B 235 -5.46 33.67 34.41
C GLY B 235 -6.76 33.06 33.87
N ASP B 236 -6.86 32.90 32.55
CA ASP B 236 -8.04 32.36 31.85
C ASP B 236 -8.21 30.88 32.17
N HIS B 237 -9.28 30.57 32.92
CA HIS B 237 -9.50 29.23 33.45
C HIS B 237 -9.60 28.18 32.30
N PHE B 238 -10.07 28.60 31.13
CA PHE B 238 -10.13 27.69 30.01
C PHE B 238 -8.76 27.46 29.40
N ALA B 239 -8.04 28.53 29.09
CA ALA B 239 -6.65 28.43 28.65
C ALA B 239 -5.80 27.54 29.57
N LEU B 240 -6.13 27.54 30.85
CA LEU B 240 -5.35 26.81 31.85
C LEU B 240 -5.65 25.31 31.78
N VAL B 242 -6.55 23.86 28.87
CA VAL B 242 -5.92 23.46 27.58
C VAL B 242 -4.41 23.27 27.70
N VAL B 243 -3.71 24.29 28.17
CA VAL B 243 -2.29 24.20 28.55
C VAL B 243 -1.98 22.95 29.40
N ASP B 244 -2.73 22.73 30.46
CA ASP B 244 -2.66 21.55 31.33
C ASP B 244 -2.72 20.22 30.57
N ARG B 245 -3.70 20.11 29.68
CA ARG B 245 -3.81 18.93 28.87
C ARG B 245 -2.60 18.81 27.95
N VAL B 246 -2.19 19.94 27.35
CA VAL B 246 -1.11 19.91 26.36
C VAL B 246 0.22 19.48 27.00
N CYS B 247 0.49 20.00 28.20
CA CYS B 247 1.79 19.78 28.86
C CYS B 247 1.86 18.41 29.51
N PHE B 248 0.70 17.86 29.87
CA PHE B 248 0.54 16.42 30.25
C PHE B 248 1.16 15.54 29.15
N TYR B 249 0.73 15.75 27.93
CA TYR B 249 1.17 14.89 26.82
C TYR B 249 2.64 15.16 26.49
N LEU B 250 3.05 16.43 26.49
CA LEU B 250 4.47 16.72 26.32
C LEU B 250 5.25 16.15 27.46
N GLY B 251 4.72 16.22 28.69
CA GLY B 251 5.40 15.59 29.82
C GLY B 251 5.53 14.05 29.73
N LEU B 252 4.50 13.37 29.23
CA LEU B 252 4.56 11.93 29.06
C LEU B 252 5.60 11.57 28.03
N ALA B 253 5.58 12.26 26.91
CA ALA B 253 6.43 11.91 25.79
C ALA B 253 7.85 12.27 26.15
N THR B 254 8.11 13.46 26.71
CA THR B 254 9.49 13.85 27.06
C THR B 254 9.95 13.00 28.24
N GLY B 255 9.03 12.65 29.11
CA GLY B 255 9.38 11.82 30.26
C GLY B 255 9.91 10.46 29.82
N ASN B 256 9.23 9.86 28.83
CA ASN B 256 9.58 8.51 28.44
C ASN B 256 10.87 8.56 27.65
N LEU B 257 11.10 9.68 26.96
CA LEU B 257 12.44 9.95 26.42
C LEU B 257 13.51 10.06 27.52
N GLY B 258 13.17 10.72 28.63
CA GLY B 258 14.10 10.76 29.72
C GLY B 258 14.36 9.38 30.31
N ASN B 259 13.28 8.63 30.55
CA ASN B 259 13.39 7.27 31.07
C ASN B 259 14.24 6.32 30.21
N THR B 260 14.22 6.51 28.91
CA THR B 260 14.91 5.62 27.96
C THR B 260 16.33 6.10 27.66
N LEU B 261 16.50 7.42 27.57
CA LEU B 261 17.74 8.04 27.05
C LEU B 261 18.54 8.85 28.10
N ASN B 262 17.84 9.31 29.14
CA ASN B 262 18.48 10.05 30.21
C ASN B 262 19.39 11.21 29.73
N PRO B 263 18.91 12.08 28.86
CA PRO B 263 19.84 13.09 28.29
C PRO B 263 20.16 14.15 29.32
N ASP B 264 21.19 14.94 29.11
CA ASP B 264 21.48 15.99 30.12
C ASP B 264 20.30 16.98 30.11
N SER B 265 19.77 17.20 28.92
CA SER B 265 18.59 18.03 28.78
C SER B 265 17.69 17.65 27.58
N VAL B 266 16.41 17.95 27.75
CA VAL B 266 15.41 18.05 26.66
C VAL B 266 15.18 19.54 26.40
N VAL B 267 15.51 19.98 25.19
CA VAL B 267 15.35 21.40 24.80
C VAL B 267 14.09 21.58 23.96
N ILE B 268 13.17 22.45 24.41
CA ILE B 268 11.96 22.75 23.66
C ILE B 268 12.09 24.02 22.79
N GLY B 269 11.89 23.89 21.49
CA GLY B 269 12.08 25.02 20.57
C GLY B 269 10.86 25.15 19.67
N GLY B 270 10.95 26.04 18.68
CA GLY B 270 9.90 26.23 17.71
C GLY B 270 9.03 27.36 18.19
N GLY B 271 8.02 27.73 17.40
CA GLY B 271 7.20 28.90 17.68
C GLY B 271 6.55 28.92 19.04
N VAL B 272 5.99 27.79 19.44
CA VAL B 272 5.28 27.70 20.71
C VAL B 272 6.17 28.12 21.89
N SER B 273 7.48 27.94 21.72
CA SER B 273 8.41 28.05 22.84
C SER B 273 8.62 29.49 23.27
N ALA B 274 8.19 30.42 22.40
CA ALA B 274 8.14 31.85 22.74
C ALA B 274 7.35 32.06 24.02
N ALA B 275 6.42 31.15 24.25
CA ALA B 275 5.55 31.17 25.41
C ALA B 275 6.39 31.19 26.69
N GLY B 276 7.60 30.62 26.59
CA GLY B 276 8.59 30.87 27.62
C GLY B 276 8.39 30.04 28.87
N GLU B 277 8.68 30.67 30.00
CA GLU B 277 8.79 29.95 31.25
C GLU B 277 7.50 29.25 31.67
N PHE B 278 6.35 29.81 31.29
CA PHE B 278 5.06 29.29 31.70
C PHE B 278 4.82 27.91 31.08
N LEU B 279 5.20 27.78 29.80
CA LEU B 279 5.25 26.48 29.12
C LEU B 279 6.32 25.53 29.65
N ARG B 280 7.56 26.00 29.85
CA ARG B 280 8.65 25.12 30.34
C ARG B 280 8.28 24.50 31.67
N SER B 281 7.66 25.31 32.52
N SER B 281 7.81 25.36 32.59
CA SER B 281 7.28 24.88 33.83
CA SER B 281 7.56 25.03 33.99
C SER B 281 6.29 23.72 33.81
C SER B 281 6.65 23.82 34.09
N ARG B 282 5.27 23.81 32.94
N ARG B 282 5.63 23.84 33.23
CA ARG B 282 4.19 22.87 32.95
CA ARG B 282 4.57 22.84 33.24
C ARG B 282 4.67 21.59 32.29
C ARG B 282 4.92 21.58 32.48
N VAL B 283 5.57 21.73 31.34
CA VAL B 283 6.17 20.55 30.76
C VAL B 283 6.98 19.82 31.84
N GLU B 284 7.87 20.58 32.50
CA GLU B 284 8.75 20.04 33.54
C GLU B 284 7.92 19.35 34.65
N LYS B 285 6.82 19.97 35.02
CA LYS B 285 5.94 19.41 36.06
C LYS B 285 5.41 17.98 35.74
N TYR B 286 4.94 17.76 34.52
CA TYR B 286 4.51 16.44 34.12
C TYR B 286 5.66 15.48 33.80
N PHE B 287 6.71 15.97 33.16
CA PHE B 287 7.97 15.22 33.04
C PHE B 287 8.40 14.60 34.40
N GLN B 288 8.37 15.41 35.46
CA GLN B 288 8.65 14.95 36.81
C GLN B 288 7.72 13.80 37.27
N GLU B 289 6.39 13.90 37.01
N GLU B 289 6.42 13.91 36.98
CA GLU B 289 5.46 12.79 37.34
CA GLU B 289 5.44 12.86 37.32
C GLU B 289 5.89 11.50 36.65
C GLU B 289 5.70 11.54 36.58
N PHE B 290 6.26 11.62 35.39
CA PHE B 290 6.40 10.44 34.56
C PHE B 290 7.81 9.81 34.52
N THR B 291 8.73 10.30 35.33
CA THR B 291 10.13 9.81 35.26
C THR B 291 10.55 9.12 36.56
N PHE B 292 11.43 8.12 36.43
CA PHE B 292 11.95 7.47 37.61
C PHE B 292 12.98 8.33 38.34
N PRO B 293 13.16 8.15 39.66
CA PRO B 293 14.01 9.09 40.42
C PRO B 293 15.39 9.48 39.84
N GLN B 294 16.16 8.51 39.36
N GLN B 294 16.19 8.52 39.38
CA GLN B 294 17.47 8.81 38.86
CA GLN B 294 17.50 8.88 38.83
C GLN B 294 17.38 9.77 37.63
C GLN B 294 17.34 9.86 37.67
N VAL B 295 16.30 9.68 36.86
CA VAL B 295 16.10 10.54 35.71
C VAL B 295 15.55 11.91 36.14
N ARG B 296 14.65 11.89 37.10
CA ARG B 296 14.07 13.11 37.67
C ARG B 296 15.13 14.08 38.18
N ASN B 297 16.16 13.51 38.79
CA ASN B 297 17.13 14.29 39.53
C ASN B 297 18.29 14.60 38.64
N SER B 298 18.19 14.26 37.36
CA SER B 298 19.31 14.54 36.46
C SER B 298 18.94 15.26 35.13
N THR B 299 17.97 14.72 34.38
CA THR B 299 17.56 15.31 33.09
C THR B 299 16.78 16.62 33.28
N LYS B 300 17.23 17.68 32.58
CA LYS B 300 16.62 19.01 32.78
C LYS B 300 15.74 19.41 31.61
N ILE B 301 14.61 20.05 31.92
CA ILE B 301 13.71 20.58 30.87
C ILE B 301 14.06 22.06 30.57
N LYS B 302 14.52 22.31 29.36
CA LYS B 302 15.04 23.63 28.96
C LYS B 302 14.24 24.23 27.78
N LEU B 303 14.31 25.56 27.63
CA LEU B 303 13.83 26.27 26.45
C LEU B 303 14.97 26.47 25.44
N ALA B 304 14.66 26.48 24.15
CA ALA B 304 15.70 26.73 23.11
C ALA B 304 16.21 28.15 23.30
N GLU B 305 17.50 28.39 23.05
CA GLU B 305 18.02 29.78 23.16
C GLU B 305 18.20 30.52 21.82
N LEU B 306 18.24 29.79 20.70
CA LEU B 306 18.63 30.37 19.41
C LEU B 306 17.52 30.80 18.50
N GLY B 307 16.28 30.51 18.86
CA GLY B 307 15.13 30.80 18.00
C GLY B 307 15.33 30.15 16.66
N ASN B 308 14.94 30.86 15.59
N ASN B 308 14.93 30.88 15.61
CA ASN B 308 14.93 30.22 14.30
CA ASN B 308 14.92 30.37 14.24
C ASN B 308 16.30 30.15 13.62
C ASN B 308 16.28 30.35 13.54
N GLU B 309 17.32 30.73 14.27
CA GLU B 309 18.73 30.59 13.78
C GLU B 309 19.33 29.21 14.08
N ALA B 310 18.73 28.40 14.97
CA ALA B 310 19.36 27.08 15.26
C ALA B 310 19.57 26.25 14.02
N GLY B 311 18.65 26.35 13.06
CA GLY B 311 18.76 25.53 11.84
C GLY B 311 20.01 25.74 11.03
N VAL B 312 20.27 27.01 10.72
CA VAL B 312 21.39 27.47 9.93
C VAL B 312 22.76 27.26 10.66
N ILE B 313 22.73 27.45 11.98
CA ILE B 313 23.82 27.18 12.90
C ILE B 313 24.16 25.68 12.98
N GLY B 314 23.15 24.84 13.23
CA GLY B 314 23.35 23.40 13.24
C GLY B 314 23.79 22.86 11.91
N ALA B 315 23.15 23.35 10.83
CA ALA B 315 23.49 22.92 9.46
C ALA B 315 24.93 23.22 9.16
N ALA B 316 25.31 24.46 9.42
CA ALA B 316 26.68 24.87 9.35
C ALA B 316 27.63 23.91 10.07
N SER B 317 27.29 23.47 11.29
CA SER B 317 28.18 22.55 12.06
C SER B 317 28.51 21.22 11.34
N LEU B 318 27.60 20.72 10.52
CA LEU B 318 27.91 19.54 9.72
C LEU B 318 29.10 19.81 8.81
N ALA B 319 29.33 21.06 8.45
CA ALA B 319 30.43 21.36 7.53
C ALA B 319 31.80 21.15 8.20
N LEU B 320 31.82 21.16 9.54
CA LEU B 320 33.08 21.02 10.25
C LEU B 320 33.79 19.68 10.08
N GLN B 321 33.06 18.67 9.63
CA GLN B 321 33.67 17.37 9.35
C GLN B 321 34.69 17.45 8.25
N PHE B 322 34.62 18.51 7.44
CA PHE B 322 35.57 18.72 6.32
C PHE B 322 36.81 19.53 6.61
N SER B 323 37.02 20.01 7.84
CA SER B 323 38.20 20.85 8.14
C SER B 323 39.51 20.09 7.89
N LYS B 324 40.53 20.80 7.44
CA LYS B 324 41.87 20.22 7.36
C LYS B 324 42.24 19.92 8.82
N GLU B 325 42.73 18.74 9.11
CA GLU B 325 43.11 18.53 10.50
C GLU B 325 44.62 18.72 10.60
N SER C 1 -21.52 35.52 -28.01
CA SER C 1 -20.82 34.18 -28.03
C SER C 1 -20.02 33.92 -26.76
N ASN C 2 -20.54 33.06 -25.91
CA ASN C 2 -19.90 32.72 -24.65
C ASN C 2 -19.33 31.32 -24.75
N ALA C 3 -18.00 31.26 -24.82
CA ALA C 3 -17.26 30.02 -25.04
C ALA C 3 -17.31 29.07 -23.86
N ASP C 5 -20.08 28.32 -22.64
CA ASP C 5 -21.48 27.87 -22.73
C ASP C 5 -21.91 27.45 -24.11
N LYS C 6 -21.03 26.75 -24.84
CA LYS C 6 -21.35 26.24 -26.18
C LYS C 6 -22.41 25.12 -26.06
N LYS C 7 -23.15 24.87 -27.15
CA LYS C 7 -24.18 23.83 -27.16
C LYS C 7 -23.78 22.67 -28.05
N ILE C 8 -24.46 21.56 -27.85
CA ILE C 8 -24.29 20.37 -28.69
C ILE C 8 -25.68 20.07 -29.25
N ILE C 9 -25.71 19.53 -30.46
CA ILE C 9 -26.93 19.15 -31.11
C ILE C 9 -26.85 17.66 -31.33
N GLY C 10 -27.92 16.97 -30.96
CA GLY C 10 -28.11 15.60 -31.34
C GLY C 10 -29.25 15.43 -32.32
N ILE C 11 -29.05 14.48 -33.22
CA ILE C 11 -30.02 14.13 -34.25
C ILE C 11 -30.24 12.63 -34.06
N ASP C 12 -31.51 12.24 -33.94
CA ASP C 12 -31.89 10.83 -34.01
C ASP C 12 -32.65 10.58 -35.32
N LEU C 13 -31.93 10.00 -36.28
CA LEU C 13 -32.51 9.67 -37.58
C LEU C 13 -33.27 8.35 -37.55
N GLY C 14 -34.60 8.42 -37.53
CA GLY C 14 -35.44 7.21 -37.63
C GLY C 14 -36.04 7.09 -39.02
N GLY C 15 -36.65 5.95 -39.32
CA GLY C 15 -37.30 5.74 -40.59
C GLY C 15 -38.49 6.65 -40.83
N THR C 16 -39.08 7.14 -39.74
CA THR C 16 -40.41 7.76 -39.75
C THR C 16 -40.34 9.24 -39.30
N THR C 17 -39.50 9.50 -38.30
N THR C 17 -39.59 9.48 -38.24
CA THR C 17 -39.37 10.81 -37.68
CA THR C 17 -39.32 10.83 -37.80
C THR C 17 -37.88 11.13 -37.38
C THR C 17 -37.81 11.08 -37.66
N ILE C 18 -37.43 12.33 -37.72
CA ILE C 18 -36.06 12.72 -37.37
C ILE C 18 -36.17 13.54 -36.12
N LYS C 19 -35.54 13.13 -35.02
CA LYS C 19 -35.66 13.90 -33.75
C LYS C 19 -34.39 14.70 -33.50
N PHE C 20 -34.54 15.90 -32.93
CA PHE C 20 -33.44 16.86 -32.70
C PHE C 20 -33.49 17.31 -31.24
N ALA C 21 -32.34 17.61 -30.66
CA ALA C 21 -32.25 18.36 -29.40
C ALA C 21 -31.03 19.28 -29.43
N ILE C 22 -31.18 20.41 -28.75
CA ILE C 22 -30.03 21.19 -28.31
C ILE C 22 -29.84 20.99 -26.80
N LEU C 23 -28.62 20.60 -26.39
CA LEU C 23 -28.30 20.49 -24.98
C LEU C 23 -27.14 21.40 -24.61
N THR C 24 -27.11 21.82 -23.34
CA THR C 24 -25.82 22.26 -22.75
C THR C 24 -24.79 21.16 -22.77
N THR C 25 -23.54 21.50 -22.54
CA THR C 25 -22.50 20.47 -22.55
C THR C 25 -22.66 19.51 -21.36
N ASP C 26 -23.29 19.97 -20.29
N ASP C 26 -23.28 19.98 -20.29
CA ASP C 26 -23.59 19.07 -19.18
CA ASP C 26 -23.64 19.17 -19.11
C ASP C 26 -24.85 18.26 -19.46
C ASP C 26 -24.82 18.25 -19.46
N GLY C 27 -25.34 18.40 -20.67
CA GLY C 27 -26.44 17.58 -21.18
C GLY C 27 -27.82 17.92 -20.69
N VAL C 28 -28.05 19.19 -20.31
CA VAL C 28 -29.39 19.67 -20.01
C VAL C 28 -30.05 20.12 -21.30
N VAL C 29 -31.26 19.58 -21.53
CA VAL C 29 -32.03 19.86 -22.75
C VAL C 29 -32.48 21.29 -22.79
N GLN C 30 -32.12 22.00 -23.86
CA GLN C 30 -32.61 23.35 -24.02
C GLN C 30 -33.86 23.37 -24.91
N GLN C 31 -33.74 22.72 -26.07
N GLN C 31 -33.76 22.82 -26.12
CA GLN C 31 -34.75 22.63 -27.09
CA GLN C 31 -34.89 22.66 -27.04
C GLN C 31 -34.88 21.18 -27.57
C GLN C 31 -34.90 21.30 -27.71
N LYS C 32 -36.11 20.78 -27.92
CA LYS C 32 -36.32 19.58 -28.73
C LYS C 32 -37.30 19.94 -29.81
N TRP C 33 -37.09 19.34 -30.98
CA TRP C 33 -38.06 19.43 -32.06
C TRP C 33 -37.99 18.20 -32.96
N SER C 34 -38.90 18.14 -33.93
CA SER C 34 -38.88 17.01 -34.84
C SER C 34 -39.49 17.34 -36.19
N ILE C 35 -39.13 16.52 -37.17
CA ILE C 35 -39.67 16.63 -38.52
C ILE C 35 -39.91 15.21 -39.04
N GLU C 36 -40.81 15.09 -40.01
CA GLU C 36 -41.05 13.83 -40.71
C GLU C 36 -39.81 13.49 -41.50
N THR C 37 -39.51 12.20 -41.66
CA THR C 37 -38.38 11.79 -42.52
C THR C 37 -38.89 11.43 -43.91
N ASN C 38 -38.27 12.05 -44.90
CA ASN C 38 -38.69 11.93 -46.28
C ASN C 38 -37.69 11.03 -46.97
N ILE C 39 -38.12 9.81 -47.24
CA ILE C 39 -37.29 8.79 -47.89
C ILE C 39 -37.45 8.69 -49.41
N LEU C 40 -38.29 9.54 -50.01
CA LEU C 40 -38.53 9.49 -51.46
C LEU C 40 -37.23 9.70 -52.23
N GLU C 41 -37.10 9.06 -53.39
CA GLU C 41 -35.90 9.22 -54.25
C GLU C 41 -34.53 8.86 -53.65
N ASP C 42 -34.24 7.56 -53.46
N ASP C 42 -34.46 7.59 -53.27
CA ASP C 42 -32.99 7.08 -52.76
CA ASP C 42 -33.28 6.97 -52.70
C ASP C 42 -32.68 7.81 -51.46
C ASP C 42 -32.74 7.81 -51.57
N GLY C 43 -33.70 8.31 -50.78
CA GLY C 43 -33.48 8.98 -49.50
C GLY C 43 -32.64 10.24 -49.60
N LYS C 44 -32.79 10.96 -50.72
CA LYS C 44 -31.91 12.11 -51.00
C LYS C 44 -32.36 13.43 -50.37
N HIS C 45 -33.60 13.50 -49.89
CA HIS C 45 -34.06 14.70 -49.20
C HIS C 45 -33.82 14.67 -47.68
N ILE C 46 -33.34 13.53 -47.18
CA ILE C 46 -33.20 13.36 -45.72
C ILE C 46 -32.18 14.35 -45.15
N VAL C 47 -30.92 14.32 -45.64
CA VAL C 47 -29.89 15.22 -45.10
C VAL C 47 -30.18 16.72 -45.39
N PRO C 48 -30.51 17.07 -46.67
CA PRO C 48 -31.08 18.41 -46.90
C PRO C 48 -32.09 18.86 -45.85
N SER C 49 -33.06 17.99 -45.49
CA SER C 49 -34.11 18.40 -44.52
C SER C 49 -33.51 18.67 -43.14
N ILE C 50 -32.52 17.86 -42.76
CA ILE C 50 -31.87 17.95 -41.47
C ILE C 50 -31.11 19.28 -41.39
N ILE C 51 -30.44 19.58 -42.49
CA ILE C 51 -29.65 20.77 -42.58
C ILE C 51 -30.53 21.98 -42.49
N GLU C 52 -31.63 21.97 -43.24
CA GLU C 52 -32.54 23.08 -43.25
C GLU C 52 -33.16 23.37 -41.88
N SER C 53 -33.55 22.33 -41.14
N SER C 53 -33.51 22.30 -41.16
CA SER C 53 -34.18 22.53 -39.82
CA SER C 53 -34.13 22.41 -39.84
C SER C 53 -33.22 23.14 -38.79
C SER C 53 -33.23 23.12 -38.82
N ILE C 54 -31.96 22.75 -38.83
CA ILE C 54 -30.98 23.20 -37.88
C ILE C 54 -30.59 24.64 -38.18
N ARG C 55 -30.26 24.90 -39.46
CA ARG C 55 -30.08 26.28 -39.96
C ARG C 55 -31.22 27.18 -39.50
N HIS C 56 -32.47 26.75 -39.70
CA HIS C 56 -33.59 27.61 -39.40
C HIS C 56 -33.63 27.92 -37.90
N ARG C 57 -33.18 26.97 -37.11
CA ARG C 57 -33.23 27.13 -35.67
C ARG C 57 -32.08 27.97 -35.09
N ILE C 58 -30.88 27.73 -35.61
CA ILE C 58 -29.70 28.56 -35.39
C ILE C 58 -29.94 30.05 -35.69
N ASP C 59 -30.48 30.32 -36.87
N ASP C 59 -30.48 30.34 -36.89
CA ASP C 59 -30.85 31.65 -37.29
CA ASP C 59 -30.86 31.70 -37.25
C ASP C 59 -31.91 32.23 -36.34
C ASP C 59 -31.88 32.20 -36.25
N LEU C 60 -32.97 31.45 -36.09
CA LEU C 60 -34.02 31.85 -35.16
C LEU C 60 -33.46 32.25 -33.75
N TYR C 61 -32.43 31.54 -33.30
CA TYR C 61 -31.88 31.82 -31.98
C TYR C 61 -30.69 32.77 -32.02
N ASN C 62 -30.50 33.43 -33.16
CA ASN C 62 -29.46 34.44 -33.31
C ASN C 62 -28.14 33.77 -32.88
N LYS C 64 -24.57 31.47 -34.17
CA LYS C 64 -23.68 31.19 -35.29
C LYS C 64 -22.93 29.89 -35.02
N LYS C 65 -22.14 29.44 -35.98
CA LYS C 65 -21.42 28.17 -35.82
C LYS C 65 -20.55 28.08 -34.55
N GLU C 66 -19.97 29.19 -34.13
CA GLU C 66 -19.06 29.23 -32.99
C GLU C 66 -19.75 28.95 -31.65
N ASP C 67 -21.07 29.06 -31.60
CA ASP C 67 -21.83 28.78 -30.34
C ASP C 67 -22.11 27.28 -30.08
N PHE C 68 -21.62 26.42 -30.97
CA PHE C 68 -21.81 24.97 -30.90
C PHE C 68 -20.46 24.24 -30.83
N VAL C 69 -20.35 23.24 -29.95
CA VAL C 69 -19.18 22.35 -29.93
C VAL C 69 -19.19 21.46 -31.19
N GLY C 70 -20.40 21.00 -31.54
CA GLY C 70 -20.60 19.99 -32.58
C GLY C 70 -22.02 19.50 -32.65
N ILE C 71 -22.22 18.68 -33.66
CA ILE C 71 -23.46 17.97 -33.97
C ILE C 71 -23.14 16.46 -34.00
N GLY C 72 -24.00 15.68 -33.36
CA GLY C 72 -23.93 14.24 -33.48
C GLY C 72 -25.25 13.63 -33.94
N GLY C 74 -27.44 9.75 -34.51
CA GLY C 74 -27.66 8.29 -34.51
C GLY C 74 -28.38 7.92 -35.79
N THR C 75 -27.93 6.86 -36.49
CA THR C 75 -28.51 6.40 -37.74
C THR C 75 -28.62 4.86 -37.83
N PRO C 76 -29.59 4.35 -38.59
CA PRO C 76 -29.51 2.94 -38.93
C PRO C 76 -28.57 2.78 -40.14
N GLY C 77 -28.34 1.55 -40.59
CA GLY C 77 -27.36 1.33 -41.65
C GLY C 77 -25.96 0.89 -41.23
N SER C 78 -25.14 0.59 -42.22
CA SER C 78 -23.76 0.26 -42.01
C SER C 78 -22.93 1.57 -42.01
N VAL C 79 -22.18 1.78 -40.94
CA VAL C 79 -21.67 3.12 -40.66
C VAL C 79 -20.17 3.11 -40.76
N ASP C 80 -19.63 4.18 -41.34
CA ASP C 80 -18.21 4.45 -41.28
C ASP C 80 -18.01 5.72 -40.45
N ILE C 81 -17.69 5.53 -39.17
CA ILE C 81 -17.57 6.67 -38.28
C ILE C 81 -16.45 7.68 -38.58
N GLU C 82 -15.43 7.27 -39.35
N GLU C 82 -15.43 7.27 -39.35
CA GLU C 82 -14.32 8.18 -39.67
CA GLU C 82 -14.31 8.18 -39.67
C GLU C 82 -14.62 9.11 -40.87
C GLU C 82 -14.54 9.09 -40.90
N LYS C 83 -15.19 8.54 -41.92
CA LYS C 83 -15.58 9.33 -43.10
C LYS C 83 -16.96 9.96 -42.84
N GLY C 84 -17.66 9.45 -41.84
CA GLY C 84 -19.02 9.90 -41.51
C GLY C 84 -20.02 9.52 -42.61
N THR C 85 -19.92 8.28 -43.11
CA THR C 85 -20.84 7.79 -44.14
C THR C 85 -21.76 6.68 -43.66
N VAL C 86 -22.87 6.52 -44.40
CA VAL C 86 -23.83 5.46 -44.16
C VAL C 86 -24.21 4.80 -45.46
N VAL C 87 -24.37 3.48 -45.42
CA VAL C 87 -24.96 2.70 -46.53
C VAL C 87 -25.76 1.49 -45.98
N GLY C 88 -26.75 1.01 -46.74
CA GLY C 88 -27.52 -0.14 -46.32
C GLY C 88 -28.55 0.16 -45.25
N ALA C 89 -29.09 1.37 -45.28
CA ALA C 89 -30.14 1.79 -44.35
C ALA C 89 -31.38 1.70 -45.22
N TYR C 90 -31.89 0.49 -45.30
CA TYR C 90 -32.87 0.10 -46.29
C TYR C 90 -34.19 0.78 -46.02
N ASN C 91 -34.45 1.03 -44.73
CA ASN C 91 -35.61 1.77 -44.30
C ASN C 91 -35.59 3.27 -44.71
N LEU C 92 -34.40 3.78 -45.06
CA LEU C 92 -34.23 5.15 -45.57
C LEU C 92 -33.99 5.21 -47.09
N ASN C 93 -34.14 4.08 -47.76
CA ASN C 93 -33.78 4.00 -49.16
C ASN C 93 -32.36 4.46 -49.42
N TRP C 94 -31.46 4.21 -48.49
CA TRP C 94 -30.05 4.52 -48.69
C TRP C 94 -29.36 3.27 -49.17
N THR C 95 -29.33 3.10 -50.48
CA THR C 95 -28.63 1.99 -51.10
C THR C 95 -27.22 2.36 -51.53
N THR C 96 -27.01 3.64 -51.86
N THR C 96 -26.98 3.62 -51.87
CA THR C 96 -25.67 4.14 -52.20
CA THR C 96 -25.59 4.00 -52.12
C THR C 96 -25.03 4.81 -50.97
C THR C 96 -25.01 4.75 -50.93
N VAL C 97 -23.71 5.01 -50.99
CA VAL C 97 -23.01 5.59 -49.86
C VAL C 97 -23.46 7.06 -49.74
N GLN C 98 -23.80 7.47 -48.53
CA GLN C 98 -24.28 8.82 -48.26
C GLN C 98 -23.19 9.54 -47.50
N PRO C 99 -22.76 10.71 -48.01
CA PRO C 99 -21.69 11.42 -47.36
C PRO C 99 -22.33 12.37 -46.35
N VAL C 100 -22.77 11.80 -45.25
CA VAL C 100 -23.56 12.62 -44.31
C VAL C 100 -22.70 13.70 -43.73
N LYS C 101 -21.58 13.32 -43.12
CA LYS C 101 -20.73 14.25 -42.41
C LYS C 101 -20.33 15.38 -43.33
N GLU C 102 -19.87 15.02 -44.53
CA GLU C 102 -19.48 16.00 -45.50
C GLU C 102 -20.59 17.00 -45.88
N GLN C 103 -21.80 16.51 -46.11
CA GLN C 103 -22.94 17.33 -46.41
C GLN C 103 -23.21 18.29 -45.26
N ILE C 104 -23.33 17.75 -44.05
CA ILE C 104 -23.64 18.57 -42.88
C ILE C 104 -22.59 19.67 -42.54
N GLU C 105 -21.31 19.31 -42.51
CA GLU C 105 -20.26 20.24 -42.18
C GLU C 105 -20.07 21.34 -43.22
N SER C 106 -20.17 21.01 -44.52
CA SER C 106 -20.06 22.02 -45.57
C SER C 106 -21.28 22.94 -45.54
N ALA C 107 -22.43 22.40 -45.18
CA ALA C 107 -23.59 23.27 -45.12
C ALA C 107 -23.50 24.18 -43.89
N LEU C 108 -23.08 23.63 -42.76
CA LEU C 108 -23.23 24.35 -41.48
C LEU C 108 -21.95 24.90 -40.82
N GLY C 109 -20.80 24.44 -41.28
CA GLY C 109 -19.53 24.79 -40.64
C GLY C 109 -19.36 24.31 -39.18
N ILE C 110 -20.19 23.37 -38.72
CA ILE C 110 -20.12 22.84 -37.37
C ILE C 110 -19.62 21.38 -37.40
N PRO C 111 -18.64 21.01 -36.54
CA PRO C 111 -18.12 19.63 -36.59
C PRO C 111 -19.22 18.61 -36.29
N PHE C 112 -19.14 17.49 -36.99
CA PHE C 112 -20.26 16.54 -37.04
C PHE C 112 -19.68 15.15 -36.91
N ALA C 113 -20.37 14.31 -36.14
CA ALA C 113 -19.99 12.91 -36.00
C ALA C 113 -21.24 12.01 -36.06
N LEU C 114 -21.11 10.79 -36.55
CA LEU C 114 -22.26 9.89 -36.47
C LEU C 114 -21.85 8.54 -35.91
N ASP C 115 -22.86 7.78 -35.48
CA ASP C 115 -22.63 6.44 -35.00
C ASP C 115 -23.91 5.64 -35.21
N ASN C 116 -23.84 4.32 -35.00
CA ASN C 116 -25.07 3.54 -35.07
C ASN C 116 -26.09 3.83 -33.96
N ASP C 117 -27.36 3.59 -34.30
CA ASP C 117 -28.53 3.75 -33.42
C ASP C 117 -28.32 3.25 -32.01
N ALA C 118 -28.01 1.95 -31.86
CA ALA C 118 -27.77 1.36 -30.55
C ALA C 118 -26.58 1.99 -29.76
N ASN C 119 -25.51 2.40 -30.44
CA ASN C 119 -24.40 3.09 -29.78
C ASN C 119 -24.78 4.42 -29.16
N VAL C 120 -25.55 5.26 -29.86
CA VAL C 120 -25.93 6.59 -29.33
C VAL C 120 -26.97 6.40 -28.25
N ALA C 121 -27.89 5.44 -28.44
CA ALA C 121 -28.84 5.09 -27.36
C ALA C 121 -28.11 4.66 -26.05
N ALA C 122 -27.12 3.79 -26.18
CA ALA C 122 -26.21 3.51 -25.05
C ALA C 122 -25.61 4.76 -24.36
N LEU C 123 -25.02 5.67 -25.14
CA LEU C 123 -24.50 6.92 -24.63
C LEU C 123 -25.59 7.70 -23.94
N GLY C 124 -26.81 7.69 -24.50
CA GLY C 124 -27.88 8.47 -23.92
C GLY C 124 -28.19 7.88 -22.56
N GLU C 125 -28.44 6.57 -22.52
CA GLU C 125 -28.81 5.89 -21.26
C GLU C 125 -27.68 5.95 -20.23
N ARG C 126 -26.44 5.77 -20.72
CA ARG C 126 -25.25 5.99 -19.90
C ARG C 126 -25.18 7.39 -19.24
N TRP C 127 -25.43 8.43 -20.02
CA TRP C 127 -25.32 9.77 -19.49
C TRP C 127 -26.46 10.17 -18.55
N LYS C 128 -27.69 10.00 -19.01
CA LYS C 128 -28.84 10.62 -18.36
C LYS C 128 -29.92 9.62 -18.02
N GLY C 129 -29.69 8.37 -18.39
CA GLY C 129 -30.65 7.31 -18.15
C GLY C 129 -30.32 6.39 -16.97
N ALA C 130 -30.66 5.11 -17.14
CA ALA C 130 -30.37 4.04 -16.17
C ALA C 130 -28.88 3.91 -15.74
N GLY C 131 -27.98 4.28 -16.65
CA GLY C 131 -26.53 4.28 -16.39
C GLY C 131 -26.06 5.27 -15.34
N GLU C 132 -26.88 6.28 -15.10
CA GLU C 132 -26.62 7.31 -14.10
C GLU C 132 -25.20 7.91 -14.16
N ASN C 133 -24.73 8.17 -15.38
CA ASN C 133 -23.42 8.74 -15.64
C ASN C 133 -22.18 7.96 -15.18
N ASN C 134 -22.28 6.64 -15.14
CA ASN C 134 -21.20 5.83 -14.65
C ASN C 134 -20.24 5.59 -15.85
N PRO C 135 -18.95 5.36 -15.58
CA PRO C 135 -17.99 5.09 -16.68
C PRO C 135 -18.08 3.68 -17.33
N ASP C 136 -18.85 2.75 -16.77
CA ASP C 136 -18.89 1.38 -17.33
C ASP C 136 -20.34 1.00 -17.40
N VAL C 137 -20.90 1.02 -18.61
CA VAL C 137 -22.34 0.77 -18.81
C VAL C 137 -22.54 0.05 -20.13
N ILE C 138 -23.28 -1.07 -20.09
CA ILE C 138 -23.67 -1.77 -21.33
C ILE C 138 -25.18 -1.59 -21.55
N PHE C 139 -25.57 -1.29 -22.78
CA PHE C 139 -26.97 -1.11 -23.13
C PHE C 139 -27.33 -2.14 -24.17
N ILE C 140 -28.42 -2.85 -23.93
CA ILE C 140 -28.96 -3.72 -24.96
C ILE C 140 -30.39 -3.35 -25.35
N THR C 141 -30.65 -3.25 -26.66
CA THR C 141 -31.98 -2.86 -27.10
C THR C 141 -32.63 -4.00 -27.85
N LEU C 142 -33.83 -4.38 -27.41
CA LEU C 142 -34.53 -5.54 -27.96
C LEU C 142 -35.76 -5.07 -28.67
N GLY C 143 -35.80 -5.30 -29.96
CA GLY C 143 -36.93 -4.78 -30.73
C GLY C 143 -36.98 -5.49 -32.03
N THR C 144 -36.87 -4.74 -33.12
N THR C 144 -36.88 -4.75 -33.14
CA THR C 144 -36.81 -5.32 -34.45
CA THR C 144 -36.81 -5.35 -34.48
C THR C 144 -35.62 -6.29 -34.56
C THR C 144 -35.59 -6.28 -34.63
N GLY C 145 -34.45 -5.85 -34.11
CA GLY C 145 -33.33 -6.79 -33.92
C GLY C 145 -32.87 -6.72 -32.48
N VAL C 146 -31.62 -7.12 -32.26
CA VAL C 146 -31.00 -6.91 -30.95
C VAL C 146 -29.74 -6.10 -31.19
N GLY C 147 -29.72 -4.93 -30.59
CA GLY C 147 -28.62 -4.02 -30.71
C GLY C 147 -27.93 -3.80 -29.36
N GLY C 148 -26.74 -3.23 -29.37
CA GLY C 148 -26.11 -2.98 -28.07
C GLY C 148 -25.14 -1.81 -28.18
N GLY C 149 -24.68 -1.34 -27.03
CA GLY C 149 -23.60 -0.40 -27.03
C GLY C 149 -22.83 -0.61 -25.77
N ILE C 150 -21.52 -0.47 -25.84
CA ILE C 150 -20.69 -0.64 -24.66
C ILE C 150 -19.87 0.62 -24.31
N VAL C 151 -20.11 1.16 -23.13
CA VAL C 151 -19.25 2.18 -22.56
C VAL C 151 -18.37 1.54 -21.48
N ALA C 152 -17.08 1.69 -21.62
CA ALA C 152 -16.12 1.08 -20.68
C ALA C 152 -14.96 2.03 -20.42
N ALA C 153 -14.58 2.14 -19.14
CA ALA C 153 -13.63 3.16 -18.66
C ALA C 153 -14.01 4.52 -19.30
N GLY C 154 -15.31 4.79 -19.37
CA GLY C 154 -15.80 6.12 -19.78
C GLY C 154 -15.96 6.33 -21.29
N LYS C 155 -15.46 5.38 -22.11
CA LYS C 155 -15.39 5.54 -23.56
C LYS C 155 -16.30 4.56 -24.25
N LEU C 156 -17.01 5.02 -25.25
CA LEU C 156 -17.79 4.11 -26.08
C LEU C 156 -16.82 3.25 -26.86
N LEU C 157 -17.06 1.94 -26.90
CA LEU C 157 -16.18 0.99 -27.62
C LEU C 157 -16.60 0.77 -29.06
N HIS C 158 -15.63 0.66 -29.97
CA HIS C 158 -15.91 0.39 -31.37
C HIS C 158 -15.13 -0.82 -31.86
N GLY C 159 -13.96 -1.05 -31.25
CA GLY C 159 -13.10 -2.15 -31.64
C GLY C 159 -12.36 -1.80 -32.92
N VAL C 160 -11.73 -2.79 -33.50
CA VAL C 160 -10.81 -2.55 -34.62
C VAL C 160 -11.58 -2.23 -35.94
N ALA C 161 -12.77 -2.79 -36.04
CA ALA C 161 -13.52 -2.66 -37.26
C ALA C 161 -14.88 -2.11 -37.02
N GLY C 162 -15.10 -1.49 -35.86
CA GLY C 162 -16.40 -0.91 -35.64
C GLY C 162 -17.50 -1.83 -35.16
N CYS C 163 -17.18 -3.06 -34.76
CA CYS C 163 -18.21 -4.07 -34.39
C CYS C 163 -18.48 -4.26 -32.93
N ALA C 164 -17.80 -3.51 -32.09
CA ALA C 164 -18.00 -3.66 -30.70
C ALA C 164 -19.45 -3.32 -30.37
N GLY C 165 -19.99 -4.04 -29.40
CA GLY C 165 -21.33 -3.75 -28.92
C GLY C 165 -22.37 -4.52 -29.69
N GLU C 166 -21.95 -5.33 -30.67
CA GLU C 166 -22.86 -6.24 -31.40
C GLU C 166 -23.30 -7.49 -30.62
N VAL C 167 -23.88 -7.28 -29.44
CA VAL C 167 -24.36 -8.36 -28.59
C VAL C 167 -25.53 -9.27 -29.15
N GLY C 168 -26.23 -8.77 -30.15
CA GLY C 168 -27.25 -9.54 -30.83
C GLY C 168 -26.64 -10.70 -31.60
N HIS C 169 -25.34 -10.64 -31.87
CA HIS C 169 -24.68 -11.71 -32.62
C HIS C 169 -23.68 -12.45 -31.77
N VAL C 170 -23.86 -12.38 -30.43
CA VAL C 170 -23.25 -13.33 -29.51
C VAL C 170 -23.97 -14.69 -29.67
N THR C 171 -23.20 -15.77 -29.88
CA THR C 171 -23.71 -17.15 -29.99
C THR C 171 -24.14 -17.53 -28.58
N VAL C 172 -25.45 -17.71 -28.41
CA VAL C 172 -25.97 -18.22 -27.15
C VAL C 172 -26.36 -19.71 -27.29
N ASP C 173 -26.47 -20.20 -28.52
CA ASP C 173 -26.76 -21.63 -28.74
C ASP C 173 -26.09 -22.18 -29.98
N PRO C 174 -24.97 -22.89 -29.82
CA PRO C 174 -24.16 -23.33 -30.95
C PRO C 174 -24.89 -24.20 -31.96
N ASN C 175 -26.03 -24.73 -31.53
CA ASN C 175 -26.88 -25.54 -32.37
C ASN C 175 -28.24 -24.90 -32.71
N GLY C 176 -28.36 -23.60 -32.48
CA GLY C 176 -29.67 -22.95 -32.53
C GLY C 176 -30.08 -22.59 -33.94
N PHE C 177 -30.91 -21.56 -34.05
CA PHE C 177 -31.49 -21.14 -35.33
C PHE C 177 -30.44 -20.47 -36.19
N ASP C 178 -30.64 -20.56 -37.50
CA ASP C 178 -29.84 -19.79 -38.46
C ASP C 178 -30.13 -18.27 -38.33
N CYS C 179 -29.09 -17.50 -38.11
CA CYS C 179 -29.16 -16.06 -38.09
C CYS C 179 -28.86 -15.47 -39.48
N THR C 180 -29.40 -14.27 -39.72
CA THR C 180 -29.07 -13.51 -40.93
C THR C 180 -27.60 -13.15 -41.09
N CYS C 181 -26.82 -13.20 -40.00
CA CYS C 181 -25.39 -12.86 -40.13
C CYS C 181 -24.61 -14.02 -40.71
N GLY C 182 -25.22 -15.21 -40.80
CA GLY C 182 -24.58 -16.39 -41.46
C GLY C 182 -24.08 -17.49 -40.52
N LYS C 183 -24.27 -17.29 -39.22
CA LYS C 183 -23.97 -18.31 -38.23
C LYS C 183 -25.24 -18.71 -37.41
N ARG C 184 -25.11 -19.71 -36.55
CA ARG C 184 -26.25 -20.25 -35.81
C ARG C 184 -26.31 -19.73 -34.38
N GLY C 185 -27.54 -19.60 -33.88
CA GLY C 185 -27.72 -19.39 -32.45
C GLY C 185 -27.39 -18.04 -31.88
N CYS C 186 -27.43 -16.99 -32.71
CA CYS C 186 -27.14 -15.64 -32.21
C CYS C 186 -28.25 -15.23 -31.25
N LEU C 187 -27.95 -14.42 -30.26
CA LEU C 187 -28.98 -13.85 -29.35
C LEU C 187 -30.20 -13.18 -30.08
N GLU C 188 -29.95 -12.43 -31.16
CA GLU C 188 -31.05 -11.83 -31.94
C GLU C 188 -32.10 -12.84 -32.40
N THR C 189 -31.65 -14.06 -32.64
CA THR C 189 -32.36 -15.14 -33.26
C THR C 189 -33.41 -15.71 -32.32
N VAL C 190 -33.38 -15.24 -31.06
CA VAL C 190 -34.16 -15.84 -30.01
C VAL C 190 -34.73 -14.77 -29.04
N SER C 191 -34.41 -13.50 -29.28
CA SER C 191 -34.77 -12.45 -28.31
C SER C 191 -35.14 -11.09 -28.88
N SER C 192 -35.05 -10.94 -30.20
CA SER C 192 -35.77 -9.84 -30.88
C SER C 192 -37.28 -10.08 -30.73
N ALA C 193 -38.10 -9.14 -31.20
CA ALA C 193 -39.57 -9.34 -31.24
C ALA C 193 -39.94 -10.62 -32.00
N THR C 194 -39.26 -10.82 -33.13
CA THR C 194 -39.50 -12.01 -33.93
C THR C 194 -38.80 -13.27 -33.39
N GLY C 195 -37.67 -13.08 -32.70
CA GLY C 195 -36.99 -14.18 -32.01
C GLY C 195 -37.87 -14.87 -30.97
N VAL C 196 -38.65 -14.08 -30.23
CA VAL C 196 -39.49 -14.62 -29.16
C VAL C 196 -40.55 -15.55 -29.75
N VAL C 197 -41.16 -15.09 -30.85
CA VAL C 197 -42.19 -15.83 -31.56
C VAL C 197 -41.56 -17.10 -32.17
N ARG C 198 -40.37 -16.93 -32.74
CA ARG C 198 -39.63 -18.08 -33.23
C ARG C 198 -39.54 -19.16 -32.13
N VAL C 199 -39.04 -18.77 -30.95
CA VAL C 199 -39.00 -19.64 -29.75
C VAL C 199 -40.35 -20.34 -29.46
N ALA C 200 -41.42 -19.55 -29.31
CA ALA C 200 -42.80 -20.05 -29.11
C ALA C 200 -43.17 -21.15 -30.11
N ARG C 201 -42.98 -20.84 -31.39
CA ARG C 201 -43.34 -21.75 -32.46
C ARG C 201 -42.44 -22.97 -32.43
N HIS C 202 -41.21 -22.82 -31.95
CA HIS C 202 -40.32 -23.96 -31.84
C HIS C 202 -40.59 -24.91 -30.66
N LEU C 203 -41.02 -24.36 -29.53
CA LEU C 203 -41.21 -25.22 -28.35
C LEU C 203 -42.61 -25.85 -28.35
N SER C 204 -43.53 -25.30 -29.14
CA SER C 204 -44.94 -25.69 -29.05
C SER C 204 -45.23 -27.08 -29.58
N GLU C 205 -44.26 -27.68 -30.27
CA GLU C 205 -44.39 -29.05 -30.76
C GLU C 205 -44.20 -30.11 -29.66
N GLU C 206 -43.28 -29.82 -28.75
CA GLU C 206 -43.00 -30.60 -27.54
C GLU C 206 -44.04 -30.35 -26.43
N PHE C 207 -44.84 -29.28 -26.54
CA PHE C 207 -45.84 -28.96 -25.51
C PHE C 207 -47.18 -29.65 -25.76
N ALA C 208 -47.70 -30.27 -24.71
CA ALA C 208 -48.84 -31.17 -24.80
C ALA C 208 -50.13 -30.67 -24.13
N GLY C 209 -50.03 -30.24 -22.87
CA GLY C 209 -51.19 -29.74 -22.11
C GLY C 209 -51.86 -28.54 -22.74
N ASP C 210 -53.05 -28.17 -22.23
CA ASP C 210 -53.85 -27.11 -22.87
C ASP C 210 -53.59 -25.71 -22.31
N SER C 211 -53.13 -24.83 -23.19
CA SER C 211 -52.91 -23.40 -22.90
C SER C 211 -53.16 -22.55 -24.16
N GLU C 212 -53.51 -21.28 -23.93
CA GLU C 212 -53.93 -20.36 -24.98
C GLU C 212 -52.92 -20.13 -26.11
N LEU C 213 -51.67 -19.80 -25.74
CA LEU C 213 -50.61 -19.54 -26.71
C LEU C 213 -50.47 -20.68 -27.70
N LYS C 214 -50.41 -21.89 -27.18
CA LYS C 214 -50.30 -23.09 -27.99
C LYS C 214 -51.46 -23.17 -28.99
N GLN C 215 -52.66 -22.91 -28.51
CA GLN C 215 -53.88 -22.88 -29.34
C GLN C 215 -53.77 -21.89 -30.53
N ALA C 216 -53.37 -20.65 -30.24
CA ALA C 216 -53.27 -19.61 -31.28
C ALA C 216 -52.30 -19.99 -32.42
N ILE C 217 -51.06 -20.32 -32.06
CA ILE C 217 -50.08 -20.91 -32.97
C ILE C 217 -50.69 -22.01 -33.86
N ASP C 218 -51.37 -22.98 -33.25
CA ASP C 218 -51.91 -24.11 -33.98
C ASP C 218 -53.23 -23.75 -34.72
N ASP C 219 -53.88 -22.68 -34.28
CA ASP C 219 -55.01 -22.12 -35.02
C ASP C 219 -54.49 -21.40 -36.26
N GLY C 220 -53.21 -21.02 -36.21
CA GLY C 220 -52.55 -20.36 -37.33
C GLY C 220 -52.65 -18.85 -37.28
N GLN C 221 -52.86 -18.32 -36.08
CA GLN C 221 -52.90 -16.88 -35.86
C GLN C 221 -51.51 -16.26 -35.94
N ASP C 222 -51.48 -14.94 -35.80
CA ASP C 222 -50.37 -14.07 -36.14
C ASP C 222 -49.73 -13.54 -34.84
N VAL C 223 -49.54 -14.46 -33.90
CA VAL C 223 -48.86 -14.20 -32.62
C VAL C 223 -47.70 -13.19 -32.71
N SER C 224 -47.72 -12.19 -31.82
CA SER C 224 -46.64 -11.21 -31.69
C SER C 224 -45.83 -11.45 -30.42
N SER C 225 -44.69 -10.81 -30.31
CA SER C 225 -43.89 -10.90 -29.09
C SER C 225 -44.67 -10.39 -27.88
N LYS C 226 -45.25 -9.19 -27.99
CA LYS C 226 -46.20 -8.67 -26.99
C LYS C 226 -47.28 -9.68 -26.59
N ASP C 227 -47.73 -10.52 -27.53
CA ASP C 227 -48.76 -11.54 -27.25
C ASP C 227 -48.18 -12.59 -26.30
N VAL C 228 -47.02 -13.15 -26.67
CA VAL C 228 -46.33 -14.14 -25.85
C VAL C 228 -46.22 -13.68 -24.39
N PHE C 229 -45.90 -12.40 -24.19
CA PHE C 229 -45.69 -11.88 -22.86
C PHE C 229 -46.97 -11.70 -22.04
N GLU C 230 -48.07 -11.30 -22.67
CA GLU C 230 -49.36 -11.11 -21.97
C GLU C 230 -50.06 -12.42 -21.67
N PHE C 231 -49.86 -13.43 -22.53
CA PHE C 231 -50.31 -14.80 -22.25
C PHE C 231 -49.57 -15.41 -21.04
N ALA C 232 -48.26 -15.13 -20.92
CA ALA C 232 -47.46 -15.53 -19.76
C ALA C 232 -47.86 -14.81 -18.46
N GLU C 233 -48.20 -13.52 -18.57
CA GLU C 233 -48.67 -12.75 -17.42
C GLU C 233 -50.01 -13.24 -16.87
N LYS C 234 -50.91 -13.64 -17.76
CA LYS C 234 -52.15 -14.34 -17.39
C LYS C 234 -51.83 -15.60 -16.59
N GLY C 235 -50.77 -16.28 -17.00
CA GLY C 235 -50.31 -17.50 -16.35
C GLY C 235 -50.43 -18.74 -17.22
N ASP C 236 -50.36 -18.56 -18.53
CA ASP C 236 -50.29 -19.67 -19.49
C ASP C 236 -48.97 -20.44 -19.25
N HIS C 237 -49.07 -21.74 -18.94
CA HIS C 237 -47.88 -22.53 -18.56
C HIS C 237 -46.80 -22.60 -19.65
N PHE C 238 -47.25 -22.76 -20.90
CA PHE C 238 -46.36 -22.81 -22.05
C PHE C 238 -45.74 -21.45 -22.35
N ALA C 239 -46.50 -20.38 -22.12
CA ALA C 239 -46.03 -19.04 -22.42
C ALA C 239 -44.89 -18.71 -21.47
N LEU C 240 -45.08 -19.07 -20.21
CA LEU C 240 -44.08 -18.85 -19.18
C LEU C 240 -42.82 -19.64 -19.51
N VAL C 242 -41.81 -20.31 -22.64
CA VAL C 242 -41.07 -19.59 -23.74
C VAL C 242 -40.35 -18.33 -23.25
N VAL C 243 -41.02 -17.59 -22.36
CA VAL C 243 -40.41 -16.45 -21.70
C VAL C 243 -39.15 -16.87 -20.91
N ASP C 244 -39.24 -18.03 -20.25
CA ASP C 244 -38.14 -18.51 -19.43
C ASP C 244 -36.97 -18.87 -20.35
N ARG C 245 -37.30 -19.41 -21.50
CA ARG C 245 -36.25 -19.78 -22.44
C ARG C 245 -35.57 -18.50 -22.95
N VAL C 246 -36.38 -17.48 -23.23
CA VAL C 246 -35.92 -16.18 -23.76
C VAL C 246 -34.98 -15.49 -22.77
N CYS C 247 -35.38 -15.48 -21.50
CA CYS C 247 -34.62 -14.90 -20.40
C CYS C 247 -33.37 -15.69 -19.99
N PHE C 248 -33.42 -17.00 -20.17
CA PHE C 248 -32.26 -17.89 -20.03
C PHE C 248 -31.16 -17.42 -20.98
N TYR C 249 -31.51 -17.20 -22.25
CA TYR C 249 -30.55 -16.72 -23.24
C TYR C 249 -30.09 -15.28 -22.96
N LEU C 250 -31.02 -14.44 -22.51
CA LEU C 250 -30.63 -13.09 -22.15
C LEU C 250 -29.71 -13.07 -20.92
N GLY C 251 -29.98 -13.93 -19.93
CA GLY C 251 -29.13 -14.05 -18.68
C GLY C 251 -27.76 -14.59 -19.05
N LEU C 252 -27.75 -15.59 -19.92
CA LEU C 252 -26.46 -16.14 -20.40
C LEU C 252 -25.59 -15.05 -21.00
N ALA C 253 -26.11 -14.39 -22.03
CA ALA C 253 -25.35 -13.36 -22.74
C ALA C 253 -24.96 -12.17 -21.84
N THR C 254 -25.93 -11.64 -21.07
CA THR C 254 -25.65 -10.52 -20.19
C THR C 254 -24.73 -10.93 -19.03
N GLY C 255 -24.90 -12.18 -18.56
CA GLY C 255 -24.08 -12.75 -17.53
C GLY C 255 -22.64 -12.77 -17.99
N ASN C 256 -22.38 -13.29 -19.18
CA ASN C 256 -21.01 -13.31 -19.70
C ASN C 256 -20.39 -11.91 -19.93
N LEU C 257 -21.19 -10.92 -20.23
CA LEU C 257 -20.76 -9.53 -20.37
C LEU C 257 -20.41 -8.98 -19.01
N GLY C 258 -21.19 -9.36 -17.99
CA GLY C 258 -20.81 -9.10 -16.60
C GLY C 258 -19.45 -9.69 -16.22
N ASN C 259 -19.23 -10.97 -16.52
CA ASN C 259 -17.97 -11.64 -16.11
C ASN C 259 -16.84 -11.13 -16.93
N THR C 260 -17.17 -10.56 -18.11
CA THR C 260 -16.16 -10.05 -19.03
C THR C 260 -15.82 -8.59 -18.72
N LEU C 261 -16.84 -7.81 -18.43
CA LEU C 261 -16.67 -6.37 -18.39
C LEU C 261 -17.04 -5.76 -17.07
N ASN C 262 -17.89 -6.44 -16.29
CA ASN C 262 -18.27 -5.97 -14.96
C ASN C 262 -18.69 -4.50 -15.01
N PRO C 263 -19.72 -4.15 -15.82
CA PRO C 263 -20.07 -2.73 -15.83
C PRO C 263 -20.86 -2.41 -14.58
N ASP C 264 -21.05 -1.13 -14.32
CA ASP C 264 -21.92 -0.66 -13.25
C ASP C 264 -23.33 -1.24 -13.46
N SER C 265 -23.71 -1.26 -14.74
CA SER C 265 -25.07 -1.44 -15.18
C SER C 265 -25.13 -2.15 -16.51
N VAL C 266 -26.06 -3.12 -16.63
CA VAL C 266 -26.48 -3.63 -17.95
C VAL C 266 -27.90 -3.10 -18.10
N VAL C 267 -28.11 -2.26 -19.11
CA VAL C 267 -29.42 -1.59 -19.31
C VAL C 267 -30.18 -2.20 -20.46
N ILE C 268 -31.42 -2.59 -20.20
CA ILE C 268 -32.21 -3.25 -21.22
C ILE C 268 -33.32 -2.34 -21.71
N GLY C 269 -33.28 -2.01 -23.00
CA GLY C 269 -34.28 -1.17 -23.62
C GLY C 269 -34.95 -1.83 -24.82
N GLY C 270 -35.58 -1.01 -25.66
CA GLY C 270 -36.28 -1.51 -26.83
C GLY C 270 -37.69 -1.85 -26.49
N GLY C 271 -38.52 -2.01 -27.52
CA GLY C 271 -39.95 -2.30 -27.36
C GLY C 271 -40.25 -3.62 -26.66
N VAL C 272 -39.33 -4.59 -26.74
CA VAL C 272 -39.55 -5.83 -25.96
C VAL C 272 -39.47 -5.54 -24.45
N SER C 273 -38.78 -4.47 -24.05
CA SER C 273 -38.65 -4.11 -22.63
C SER C 273 -39.91 -3.41 -22.04
N ALA C 274 -40.93 -3.31 -22.91
CA ALA C 274 -42.28 -2.85 -22.54
C ALA C 274 -42.88 -3.68 -21.41
N ALA C 275 -42.50 -4.96 -21.36
CA ALA C 275 -42.94 -5.85 -20.29
C ALA C 275 -42.43 -5.40 -18.90
N GLY C 276 -41.39 -4.55 -18.87
CA GLY C 276 -40.86 -4.00 -17.63
C GLY C 276 -40.46 -5.10 -16.64
N GLU C 277 -40.78 -4.91 -15.37
CA GLU C 277 -40.28 -5.76 -14.29
C GLU C 277 -40.54 -7.26 -14.51
N PHE C 278 -41.53 -7.59 -15.33
CA PHE C 278 -41.87 -8.98 -15.64
C PHE C 278 -40.68 -9.66 -16.31
N LEU C 279 -40.10 -8.95 -17.25
CA LEU C 279 -38.89 -9.34 -17.96
C LEU C 279 -37.58 -9.15 -17.16
N ARG C 280 -37.37 -7.94 -16.64
CA ARG C 280 -36.18 -7.59 -15.87
C ARG C 280 -35.82 -8.58 -14.73
N SER C 281 -36.80 -9.02 -13.96
CA SER C 281 -36.54 -9.90 -12.80
C SER C 281 -36.20 -11.31 -13.25
N ARG C 282 -36.74 -11.69 -14.39
CA ARG C 282 -36.45 -12.96 -14.96
C ARG C 282 -35.05 -13.04 -15.50
N VAL C 283 -34.64 -11.98 -16.20
CA VAL C 283 -33.29 -11.85 -16.79
C VAL C 283 -32.27 -11.69 -15.66
N GLU C 284 -32.66 -10.95 -14.64
CA GLU C 284 -31.82 -10.84 -13.46
C GLU C 284 -31.53 -12.19 -12.81
N LYS C 285 -32.54 -13.04 -12.71
CA LYS C 285 -32.41 -14.35 -12.05
C LYS C 285 -31.36 -15.23 -12.74
N TYR C 286 -31.37 -15.20 -14.08
CA TYR C 286 -30.38 -15.93 -14.86
C TYR C 286 -29.04 -15.23 -14.87
N PHE C 287 -29.06 -13.90 -14.90
CA PHE C 287 -27.82 -13.15 -14.74
C PHE C 287 -27.10 -13.58 -13.44
N GLN C 288 -27.85 -13.64 -12.34
CA GLN C 288 -27.25 -14.06 -11.05
C GLN C 288 -26.71 -15.50 -11.09
N GLU C 289 -27.38 -16.40 -11.81
CA GLU C 289 -26.79 -17.75 -11.94
C GLU C 289 -25.60 -17.85 -12.91
N PHE C 290 -25.52 -16.96 -13.88
CA PHE C 290 -24.38 -17.06 -14.83
C PHE C 290 -23.19 -16.17 -14.46
N THR C 291 -23.26 -15.54 -13.30
CA THR C 291 -22.15 -14.70 -12.84
C THR C 291 -21.46 -15.24 -11.58
N PHE C 292 -20.22 -14.83 -11.39
CA PHE C 292 -19.59 -15.10 -10.12
C PHE C 292 -19.97 -13.98 -9.15
N PRO C 293 -19.85 -14.24 -7.86
CA PRO C 293 -20.48 -13.35 -6.84
C PRO C 293 -20.01 -11.88 -6.83
N GLN C 294 -18.71 -11.64 -7.07
CA GLN C 294 -18.21 -10.27 -7.06
C GLN C 294 -18.85 -9.51 -8.22
N VAL C 295 -19.09 -10.21 -9.31
CA VAL C 295 -19.80 -9.59 -10.41
C VAL C 295 -21.26 -9.41 -10.11
N ARG C 296 -21.89 -10.53 -9.77
CA ARG C 296 -23.28 -10.61 -9.35
C ARG C 296 -23.68 -9.51 -8.33
N ASN C 297 -22.76 -9.16 -7.41
CA ASN C 297 -23.07 -8.16 -6.33
C ASN C 297 -22.85 -6.71 -6.68
N SER C 298 -22.29 -6.45 -7.87
CA SER C 298 -21.91 -5.09 -8.23
C SER C 298 -22.55 -4.66 -9.55
N THR C 299 -22.51 -5.53 -10.56
CA THR C 299 -23.19 -5.24 -11.83
C THR C 299 -24.73 -5.38 -11.66
N LYS C 300 -25.45 -4.29 -11.95
CA LYS C 300 -26.92 -4.24 -11.85
C LYS C 300 -27.62 -4.43 -13.21
N ILE C 301 -28.66 -5.28 -13.26
CA ILE C 301 -29.57 -5.41 -14.41
C ILE C 301 -30.70 -4.39 -14.23
N LYS C 302 -30.82 -3.45 -15.17
CA LYS C 302 -31.80 -2.39 -15.05
C LYS C 302 -32.63 -2.26 -16.35
N LEU C 303 -33.80 -1.64 -16.26
CA LEU C 303 -34.58 -1.23 -17.43
C LEU C 303 -34.11 0.12 -17.96
N ALA C 304 -34.16 0.32 -19.27
CA ALA C 304 -33.92 1.65 -19.86
C ALA C 304 -34.83 2.71 -19.23
N GLU C 305 -34.32 3.93 -19.06
CA GLU C 305 -35.12 5.00 -18.39
C GLU C 305 -35.60 6.15 -19.28
N LEU C 306 -34.93 6.35 -20.41
CA LEU C 306 -35.21 7.50 -21.30
C LEU C 306 -36.16 7.22 -22.43
N GLY C 307 -36.62 5.98 -22.56
CA GLY C 307 -37.49 5.59 -23.67
C GLY C 307 -36.93 6.04 -25.01
N ASN C 308 -37.79 6.59 -25.87
CA ASN C 308 -37.34 7.01 -27.20
C ASN C 308 -36.51 8.31 -27.21
N GLU C 309 -36.21 8.88 -26.05
N GLU C 309 -36.25 8.92 -26.05
CA GLU C 309 -35.37 10.06 -25.97
CA GLU C 309 -35.35 10.10 -25.94
C GLU C 309 -33.85 9.78 -25.74
C GLU C 309 -33.83 9.76 -25.84
N ALA C 310 -33.49 8.52 -25.47
CA ALA C 310 -32.06 8.14 -25.33
C ALA C 310 -31.20 8.48 -26.57
N GLY C 311 -31.75 8.22 -27.74
CA GLY C 311 -31.03 8.45 -29.00
C GLY C 311 -30.55 9.88 -29.17
N VAL C 312 -31.49 10.82 -29.01
CA VAL C 312 -31.13 12.19 -29.28
C VAL C 312 -30.12 12.72 -28.26
N ILE C 313 -30.28 12.36 -26.99
CA ILE C 313 -29.34 12.79 -25.99
C ILE C 313 -27.97 12.13 -26.16
N GLY C 314 -27.91 10.85 -26.48
CA GLY C 314 -26.64 10.22 -26.72
C GLY C 314 -25.94 10.73 -27.96
N ALA C 315 -26.67 11.04 -29.03
CA ALA C 315 -26.05 11.62 -30.25
C ALA C 315 -25.41 13.01 -29.99
N ALA C 316 -26.13 13.85 -29.23
CA ALA C 316 -25.58 15.08 -28.75
C ALA C 316 -24.25 14.80 -28.05
N SER C 317 -24.16 13.73 -27.28
CA SER C 317 -22.93 13.49 -26.55
C SER C 317 -21.72 13.19 -27.43
N LEU C 318 -21.98 12.66 -28.65
CA LEU C 318 -20.92 12.39 -29.60
C LEU C 318 -20.18 13.66 -29.94
N ALA C 319 -20.91 14.76 -29.98
CA ALA C 319 -20.36 16.07 -30.28
C ALA C 319 -19.26 16.49 -29.30
N LEU C 320 -19.35 15.99 -28.07
CA LEU C 320 -18.42 16.41 -27.04
C LEU C 320 -16.95 16.12 -27.36
N GLN C 321 -16.73 15.25 -28.33
CA GLN C 321 -15.40 14.96 -28.81
C GLN C 321 -14.73 16.15 -29.46
N PHE C 322 -15.51 17.09 -29.99
CA PHE C 322 -14.87 18.21 -30.67
C PHE C 322 -14.55 19.35 -29.71
N SER C 323 -14.79 19.11 -28.42
CA SER C 323 -14.56 20.11 -27.39
C SER C 323 -13.06 20.37 -27.26
N LYS C 324 -12.63 21.64 -27.18
CA LYS C 324 -11.23 21.93 -26.82
C LYS C 324 -11.07 23.02 -25.78
N SER D 1 23.74 8.13 -21.17
CA SER D 1 22.29 8.49 -21.13
C SER D 1 21.80 8.51 -19.68
N ASN D 2 21.95 9.65 -19.02
CA ASN D 2 21.65 9.79 -17.57
C ASN D 2 20.16 9.63 -17.20
N ALA D 3 19.29 10.05 -18.11
CA ALA D 3 17.88 9.75 -17.98
C ALA D 3 17.56 8.46 -18.74
N ASP D 5 19.32 5.91 -17.92
CA ASP D 5 19.50 4.87 -16.90
C ASP D 5 18.50 5.00 -15.71
N LYS D 6 17.35 5.58 -16.01
CA LYS D 6 16.20 5.44 -15.16
C LYS D 6 15.74 3.96 -15.19
N LYS D 7 15.14 3.51 -14.11
CA LYS D 7 14.76 2.10 -13.94
C LYS D 7 13.34 1.98 -13.38
N ILE D 8 12.67 0.87 -13.73
CA ILE D 8 11.38 0.57 -13.18
C ILE D 8 11.41 -0.88 -12.63
N ILE D 9 10.68 -1.10 -11.55
CA ILE D 9 10.58 -2.42 -10.96
C ILE D 9 9.21 -3.09 -11.20
N GLY D 10 9.28 -4.32 -11.70
CA GLY D 10 8.14 -5.16 -11.92
C GLY D 10 8.09 -6.30 -10.92
N ILE D 11 6.96 -6.43 -10.25
CA ILE D 11 6.69 -7.59 -9.38
C ILE D 11 5.48 -8.38 -9.90
N ASP D 12 5.64 -9.69 -9.97
CA ASP D 12 4.63 -10.62 -10.47
C ASP D 12 4.38 -11.60 -9.33
N LEU D 13 3.36 -11.35 -8.53
CA LEU D 13 3.17 -12.12 -7.30
C LEU D 13 2.26 -13.31 -7.58
N GLY D 14 2.83 -14.50 -7.43
CA GLY D 14 2.11 -15.73 -7.72
C GLY D 14 1.86 -16.57 -6.47
N GLY D 15 1.00 -17.58 -6.61
CA GLY D 15 0.70 -18.50 -5.50
C GLY D 15 1.90 -19.28 -5.02
N THR D 16 2.86 -19.51 -5.91
CA THR D 16 3.95 -20.37 -5.56
C THR D 16 5.32 -19.65 -5.56
N THR D 17 5.52 -18.73 -6.49
CA THR D 17 6.73 -17.93 -6.47
C THR D 17 6.38 -16.46 -6.75
N ILE D 18 7.28 -15.57 -6.31
CA ILE D 18 7.12 -14.15 -6.58
C ILE D 18 8.26 -13.83 -7.54
N LYS D 19 7.91 -13.20 -8.64
CA LYS D 19 8.93 -12.92 -9.62
C LYS D 19 9.20 -11.42 -9.66
N PHE D 20 10.47 -11.07 -9.90
CA PHE D 20 10.93 -9.67 -9.92
C PHE D 20 11.70 -9.41 -11.21
N ALA D 21 11.63 -8.18 -11.71
CA ALA D 21 12.62 -7.66 -12.66
C ALA D 21 12.87 -6.17 -12.49
N ILE D 22 14.06 -5.78 -12.92
CA ILE D 22 14.40 -4.37 -13.07
C ILE D 22 14.55 -4.14 -14.55
N LEU D 23 13.84 -3.14 -15.06
CA LEU D 23 13.81 -2.85 -16.49
C LEU D 23 14.16 -1.42 -16.74
N THR D 24 14.64 -1.15 -17.96
CA THR D 24 14.73 0.22 -18.47
C THR D 24 13.30 0.76 -18.67
N THR D 25 13.18 2.09 -18.80
CA THR D 25 11.86 2.72 -19.03
C THR D 25 11.18 2.37 -20.35
N ASP D 26 11.95 1.76 -21.24
CA ASP D 26 11.50 1.25 -22.51
C ASP D 26 11.17 -0.25 -22.36
N GLY D 27 11.17 -0.72 -21.13
CA GLY D 27 10.79 -2.08 -20.79
C GLY D 27 11.70 -3.19 -21.22
N VAL D 28 13.01 -2.91 -21.34
CA VAL D 28 14.02 -3.95 -21.54
C VAL D 28 14.51 -4.49 -20.19
N VAL D 29 14.40 -5.79 -20.00
CA VAL D 29 14.82 -6.48 -18.78
C VAL D 29 16.33 -6.42 -18.55
N GLN D 30 16.73 -5.88 -17.39
CA GLN D 30 18.14 -5.81 -17.01
C GLN D 30 18.47 -6.91 -15.99
N GLN D 31 17.54 -7.18 -15.07
CA GLN D 31 17.75 -8.16 -14.03
C GLN D 31 16.40 -8.81 -13.77
N LYS D 32 16.43 -10.08 -13.38
CA LYS D 32 15.27 -10.80 -12.93
C LYS D 32 15.70 -11.78 -11.86
N TRP D 33 14.82 -11.98 -10.90
CA TRP D 33 15.07 -12.99 -9.88
C TRP D 33 13.72 -13.41 -9.29
N SER D 34 13.77 -14.36 -8.37
CA SER D 34 12.60 -15.02 -7.81
C SER D 34 12.82 -15.35 -6.35
N ILE D 35 11.74 -15.43 -5.59
CA ILE D 35 11.72 -16.16 -4.33
C ILE D 35 10.41 -16.98 -4.23
N GLU D 36 10.39 -17.95 -3.33
N GLU D 36 10.40 -17.93 -3.31
CA GLU D 36 9.14 -18.64 -3.04
CA GLU D 36 9.16 -18.62 -2.99
C GLU D 36 8.20 -17.72 -2.27
C GLU D 36 8.21 -17.62 -2.35
N THR D 37 6.91 -17.83 -2.60
CA THR D 37 5.84 -17.16 -1.91
C THR D 37 5.54 -17.92 -0.60
N ASN D 38 5.87 -17.31 0.53
CA ASN D 38 5.52 -17.83 1.83
C ASN D 38 4.12 -17.34 2.26
N ILE D 39 3.16 -18.26 2.28
CA ILE D 39 1.77 -17.92 2.50
C ILE D 39 1.36 -18.20 3.95
N LEU D 40 2.30 -18.69 4.75
CA LEU D 40 1.98 -19.08 6.11
C LEU D 40 1.52 -17.89 6.97
N GLU D 41 0.63 -18.18 7.91
CA GLU D 41 0.15 -17.21 8.89
C GLU D 41 -0.55 -16.05 8.25
N ASP D 42 -1.61 -16.32 7.49
CA ASP D 42 -2.46 -15.30 6.89
C ASP D 42 -1.75 -14.40 5.88
N GLY D 43 -0.79 -14.98 5.15
CA GLY D 43 0.03 -14.25 4.18
C GLY D 43 0.75 -13.00 4.69
N LYS D 44 0.91 -12.90 6.02
CA LYS D 44 1.52 -11.73 6.63
C LYS D 44 3.00 -11.55 6.21
N HIS D 45 3.65 -12.64 5.78
CA HIS D 45 5.06 -12.51 5.50
C HIS D 45 5.31 -12.18 4.05
N ILE D 46 4.27 -12.17 3.21
CA ILE D 46 4.50 -11.96 1.74
C ILE D 46 5.10 -10.56 1.41
N VAL D 47 4.39 -9.50 1.79
CA VAL D 47 4.92 -8.17 1.48
C VAL D 47 6.29 -7.93 2.17
N PRO D 48 6.43 -8.31 3.45
CA PRO D 48 7.80 -8.20 3.96
C PRO D 48 8.94 -8.89 3.14
N SER D 49 8.67 -10.11 2.63
CA SER D 49 9.62 -10.85 1.80
C SER D 49 9.97 -10.08 0.53
N ILE D 50 8.98 -9.37 0.02
CA ILE D 50 9.08 -8.65 -1.23
C ILE D 50 9.99 -7.43 -0.99
N ILE D 51 9.66 -6.71 0.08
CA ILE D 51 10.45 -5.58 0.54
C ILE D 51 11.92 -5.93 0.84
N GLU D 52 12.18 -7.02 1.58
CA GLU D 52 13.54 -7.41 1.92
C GLU D 52 14.30 -7.90 0.67
N SER D 53 13.61 -8.56 -0.26
CA SER D 53 14.23 -8.99 -1.53
C SER D 53 14.72 -7.78 -2.32
N ILE D 54 13.91 -6.73 -2.36
CA ILE D 54 14.26 -5.52 -3.13
C ILE D 54 15.35 -4.72 -2.45
N ARG D 55 15.21 -4.47 -1.15
CA ARG D 55 16.31 -3.90 -0.37
C ARG D 55 17.61 -4.69 -0.56
N HIS D 56 17.55 -6.01 -0.50
CA HIS D 56 18.76 -6.78 -0.52
C HIS D 56 19.41 -6.66 -1.90
N ARG D 57 18.60 -6.74 -2.93
CA ARG D 57 19.07 -6.60 -4.31
C ARG D 57 19.70 -5.21 -4.53
N ILE D 58 19.05 -4.16 -4.02
CA ILE D 58 19.61 -2.79 -4.10
C ILE D 58 20.94 -2.73 -3.43
N ASP D 59 21.05 -3.23 -2.20
N ASP D 59 21.02 -3.23 -2.18
CA ASP D 59 22.33 -3.25 -1.55
CA ASP D 59 22.30 -3.33 -1.49
C ASP D 59 23.38 -4.14 -2.24
C ASP D 59 23.34 -4.11 -2.30
N LEU D 60 22.95 -5.29 -2.77
CA LEU D 60 23.87 -6.29 -3.34
C LEU D 60 24.67 -5.68 -4.46
N TYR D 61 23.94 -4.96 -5.29
CA TYR D 61 24.62 -4.31 -6.39
C TYR D 61 24.87 -2.84 -6.17
N ASN D 62 24.73 -2.36 -4.94
CA ASN D 62 25.04 -0.96 -4.63
C ASN D 62 24.26 0.04 -5.54
N LYS D 64 21.49 2.83 -7.11
CA LYS D 64 21.10 4.19 -6.72
C LYS D 64 19.58 4.31 -6.70
N LYS D 65 19.03 4.45 -5.50
CA LYS D 65 17.57 4.59 -5.37
C LYS D 65 16.98 5.68 -6.27
N GLU D 66 17.69 6.79 -6.43
CA GLU D 66 17.27 7.91 -7.27
C GLU D 66 17.00 7.54 -8.74
N ASP D 67 17.57 6.42 -9.19
CA ASP D 67 17.27 5.92 -10.53
C ASP D 67 15.90 5.26 -10.75
N PHE D 68 15.18 4.91 -9.69
CA PHE D 68 13.95 4.16 -9.88
C PHE D 68 12.78 5.11 -10.07
N VAL D 69 12.11 4.99 -11.22
CA VAL D 69 10.88 5.78 -11.47
C VAL D 69 9.68 5.31 -10.61
N GLY D 70 9.59 4.00 -10.43
CA GLY D 70 8.59 3.45 -9.53
C GLY D 70 8.53 1.94 -9.64
N ILE D 71 7.60 1.37 -8.87
CA ILE D 71 7.44 -0.10 -8.74
C ILE D 71 5.97 -0.43 -9.13
N GLY D 72 5.75 -1.44 -9.95
CA GLY D 72 4.40 -1.90 -10.26
C GLY D 72 4.31 -3.34 -9.86
N GLY D 74 1.76 -6.94 -10.10
CA GLY D 74 0.57 -7.75 -10.41
C GLY D 74 0.26 -8.69 -9.26
N THR D 75 -1.01 -8.77 -8.86
CA THR D 75 -1.37 -9.65 -7.75
C THR D 75 -2.73 -10.34 -7.99
N PRO D 76 -2.94 -11.52 -7.40
CA PRO D 76 -4.32 -12.02 -7.35
C PRO D 76 -5.12 -11.26 -6.28
N GLY D 77 -6.43 -11.49 -6.20
CA GLY D 77 -7.26 -10.89 -5.15
C GLY D 77 -8.12 -9.68 -5.54
N SER D 78 -8.96 -9.22 -4.60
CA SER D 78 -9.66 -7.95 -4.77
C SER D 78 -8.77 -6.73 -4.47
N VAL D 79 -8.50 -5.94 -5.50
CA VAL D 79 -7.54 -4.82 -5.44
C VAL D 79 -8.27 -3.49 -5.42
N ASP D 80 -7.94 -2.60 -4.48
CA ASP D 80 -8.36 -1.25 -4.59
C ASP D 80 -7.19 -0.47 -5.17
N ILE D 81 -7.24 -0.18 -6.47
CA ILE D 81 -6.08 0.40 -7.14
C ILE D 81 -5.65 1.74 -6.53
N GLU D 82 -6.61 2.59 -6.23
N GLU D 82 -6.60 2.62 -6.26
CA GLU D 82 -6.36 3.93 -5.70
CA GLU D 82 -6.29 3.93 -5.69
C GLU D 82 -5.65 3.87 -4.34
C GLU D 82 -5.51 3.73 -4.38
N LYS D 83 -6.09 2.96 -3.48
CA LYS D 83 -5.54 2.74 -2.13
C LYS D 83 -4.33 1.82 -2.11
N GLY D 84 -4.15 1.08 -3.19
CA GLY D 84 -3.15 0.04 -3.27
C GLY D 84 -3.27 -1.03 -2.19
N THR D 85 -4.49 -1.48 -1.94
CA THR D 85 -4.69 -2.53 -0.95
C THR D 85 -5.20 -3.77 -1.67
N VAL D 86 -5.06 -4.91 -1.00
CA VAL D 86 -5.48 -6.17 -1.58
C VAL D 86 -6.22 -6.93 -0.49
N VAL D 87 -7.27 -7.66 -0.86
CA VAL D 87 -7.96 -8.55 0.09
C VAL D 87 -8.61 -9.73 -0.66
N GLY D 88 -8.84 -10.84 0.04
CA GLY D 88 -9.51 -11.98 -0.63
C GLY D 88 -8.68 -12.61 -1.74
N ALA D 89 -7.36 -12.73 -1.51
CA ALA D 89 -6.47 -13.54 -2.38
C ALA D 89 -6.24 -14.87 -1.64
N TYR D 90 -7.23 -15.75 -1.77
CA TYR D 90 -7.34 -16.92 -0.91
C TYR D 90 -6.17 -17.91 -1.06
N ASN D 91 -5.54 -17.96 -2.23
N ASN D 91 -5.61 -17.85 -2.26
CA ASN D 91 -4.34 -18.79 -2.34
CA ASN D 91 -4.38 -18.50 -2.68
C ASN D 91 -3.13 -18.19 -1.59
C ASN D 91 -3.09 -18.01 -1.96
N LEU D 92 -3.22 -16.92 -1.23
CA LEU D 92 -2.13 -16.26 -0.52
C LEU D 92 -2.50 -16.19 0.96
N ASN D 93 -3.65 -16.79 1.28
CA ASN D 93 -4.26 -16.70 2.62
C ASN D 93 -4.47 -15.24 3.04
N TRP D 94 -4.60 -14.35 2.05
CA TRP D 94 -4.99 -12.97 2.32
C TRP D 94 -6.53 -12.83 2.57
N THR D 95 -6.95 -12.84 3.82
CA THR D 95 -8.38 -12.75 4.12
C THR D 95 -8.64 -11.48 4.84
N THR D 96 -7.57 -10.76 5.15
CA THR D 96 -7.69 -9.44 5.70
C THR D 96 -7.04 -8.44 4.72
N VAL D 97 -7.54 -7.21 4.73
N VAL D 97 -7.51 -7.19 4.79
CA VAL D 97 -7.07 -6.16 3.83
CA VAL D 97 -7.01 -6.10 3.93
C VAL D 97 -5.57 -5.87 4.06
C VAL D 97 -5.52 -5.89 4.10
N GLN D 98 -4.77 -6.12 3.02
CA GLN D 98 -3.34 -5.89 3.07
C GLN D 98 -3.03 -4.49 2.56
N PRO D 99 -2.39 -3.67 3.39
CA PRO D 99 -1.99 -2.31 2.94
C PRO D 99 -0.69 -2.33 2.12
N VAL D 100 -0.75 -2.99 0.98
CA VAL D 100 0.47 -3.27 0.24
C VAL D 100 1.22 -1.98 -0.16
N LYS D 101 0.52 -1.02 -0.74
CA LYS D 101 1.18 0.19 -1.24
C LYS D 101 1.82 0.99 -0.08
N GLU D 102 1.07 1.16 1.02
CA GLU D 102 1.58 1.74 2.22
C GLU D 102 2.88 1.07 2.73
N GLN D 103 2.88 -0.25 2.85
CA GLN D 103 4.09 -0.98 3.25
C GLN D 103 5.27 -0.73 2.31
N ILE D 104 5.04 -0.91 1.02
CA ILE D 104 6.10 -0.75 0.04
C ILE D 104 6.66 0.67 -0.11
N GLU D 105 5.82 1.68 -0.35
CA GLU D 105 6.33 3.04 -0.43
C GLU D 105 6.99 3.49 0.87
N SER D 106 6.43 3.19 2.04
CA SER D 106 7.10 3.61 3.29
C SER D 106 8.45 2.91 3.54
N ALA D 107 8.55 1.65 3.12
CA ALA D 107 9.80 0.85 3.26
C ALA D 107 10.90 1.32 2.33
N LEU D 108 10.52 1.64 1.10
CA LEU D 108 11.46 1.83 0.03
C LEU D 108 11.56 3.25 -0.48
N GLY D 109 10.49 4.05 -0.33
CA GLY D 109 10.51 5.46 -0.77
C GLY D 109 10.42 5.68 -2.28
N ILE D 110 9.88 4.68 -2.95
CA ILE D 110 9.72 4.69 -4.38
C ILE D 110 8.23 4.58 -4.68
N PRO D 111 7.69 5.41 -5.60
CA PRO D 111 6.23 5.30 -5.89
C PRO D 111 5.79 3.87 -6.35
N PHE D 112 4.62 3.44 -5.90
CA PHE D 112 4.13 2.10 -6.14
C PHE D 112 2.75 2.13 -6.74
N ALA D 113 2.53 1.24 -7.70
CA ALA D 113 1.19 0.91 -8.19
C ALA D 113 0.99 -0.60 -8.35
N LEU D 114 -0.27 -1.04 -8.25
CA LEU D 114 -0.58 -2.45 -8.45
C LEU D 114 -1.84 -2.65 -9.27
N ASP D 115 -2.06 -3.87 -9.68
CA ASP D 115 -3.25 -4.19 -10.46
C ASP D 115 -3.29 -5.71 -10.48
N ASN D 116 -4.32 -6.24 -11.11
CA ASN D 116 -4.54 -7.67 -11.17
C ASN D 116 -3.45 -8.38 -11.99
N ASP D 117 -3.11 -9.58 -11.57
CA ASP D 117 -1.98 -10.33 -12.15
C ASP D 117 -2.17 -10.60 -13.66
N ALA D 118 -3.33 -11.11 -14.09
CA ALA D 118 -3.57 -11.28 -15.55
C ALA D 118 -3.71 -9.94 -16.31
N ASN D 119 -4.26 -8.93 -15.65
CA ASN D 119 -4.26 -7.57 -16.26
C ASN D 119 -2.83 -7.11 -16.57
N VAL D 120 -1.91 -7.28 -15.62
N VAL D 120 -1.94 -7.31 -15.61
CA VAL D 120 -0.53 -6.78 -15.87
CA VAL D 120 -0.57 -6.84 -15.79
C VAL D 120 0.17 -7.65 -16.94
C VAL D 120 0.12 -7.64 -16.92
N ALA D 121 -0.11 -8.94 -16.96
CA ALA D 121 0.40 -9.78 -18.04
C ALA D 121 -0.16 -9.31 -19.40
N ALA D 122 -1.41 -8.86 -19.43
CA ALA D 122 -2.02 -8.27 -20.64
C ALA D 122 -1.29 -7.01 -21.08
N LEU D 123 -1.02 -6.09 -20.15
CA LEU D 123 -0.24 -4.91 -20.49
C LEU D 123 1.13 -5.24 -21.10
N GLY D 124 1.80 -6.21 -20.48
CA GLY D 124 3.10 -6.70 -20.93
C GLY D 124 3.06 -7.20 -22.36
N GLU D 125 2.10 -8.05 -22.70
CA GLU D 125 2.01 -8.53 -24.08
C GLU D 125 1.64 -7.42 -25.06
N ARG D 126 0.84 -6.47 -24.60
CA ARG D 126 0.45 -5.39 -25.48
C ARG D 126 1.66 -4.48 -25.66
N TRP D 127 2.39 -4.22 -24.58
CA TRP D 127 3.55 -3.35 -24.71
C TRP D 127 4.70 -3.96 -25.53
N LYS D 128 5.16 -5.14 -25.13
CA LYS D 128 6.37 -5.74 -25.71
C LYS D 128 6.18 -6.98 -26.57
N GLY D 129 4.98 -7.57 -26.55
CA GLY D 129 4.69 -8.81 -27.28
C GLY D 129 3.51 -8.66 -28.25
N ALA D 130 2.62 -9.66 -28.27
CA ALA D 130 1.72 -9.92 -29.39
C ALA D 130 0.58 -8.92 -29.56
N GLY D 131 0.28 -8.14 -28.53
CA GLY D 131 -0.74 -7.10 -28.66
C GLY D 131 -0.28 -5.91 -29.53
N GLU D 132 1.02 -5.72 -29.69
CA GLU D 132 1.58 -4.69 -30.63
C GLU D 132 1.07 -3.27 -30.44
N ASN D 133 0.76 -2.95 -29.20
CA ASN D 133 0.39 -1.61 -28.81
C ASN D 133 -0.96 -1.14 -29.41
N ASN D 134 -1.84 -2.10 -29.71
N ASN D 134 -1.84 -2.11 -29.72
CA ASN D 134 -3.14 -1.81 -30.31
CA ASN D 134 -3.15 -1.84 -30.32
C ASN D 134 -4.10 -1.24 -29.27
C ASN D 134 -4.11 -1.26 -29.29
N PRO D 135 -4.96 -0.31 -29.68
CA PRO D 135 -5.93 0.23 -28.68
C PRO D 135 -6.89 -0.84 -28.10
N ASP D 136 -7.07 -1.96 -28.80
CA ASP D 136 -8.09 -3.01 -28.49
C ASP D 136 -7.43 -4.39 -28.53
N VAL D 137 -7.10 -4.90 -27.35
CA VAL D 137 -6.35 -6.17 -27.13
C VAL D 137 -6.99 -6.95 -25.97
N ILE D 138 -7.29 -8.23 -26.23
CA ILE D 138 -7.71 -9.16 -25.16
C ILE D 138 -6.67 -10.25 -24.98
N PHE D 139 -6.24 -10.38 -23.71
CA PHE D 139 -5.26 -11.39 -23.40
C PHE D 139 -5.91 -12.48 -22.57
N ILE D 140 -5.66 -13.72 -22.91
CA ILE D 140 -6.18 -14.80 -22.08
C ILE D 140 -4.99 -15.66 -21.68
N THR D 141 -4.86 -15.95 -20.38
CA THR D 141 -3.76 -16.83 -19.93
C THR D 141 -4.33 -18.14 -19.40
N LEU D 142 -3.84 -19.25 -19.98
CA LEU D 142 -4.24 -20.60 -19.62
C LEU D 142 -3.01 -21.22 -18.92
N GLY D 143 -3.21 -21.50 -17.66
CA GLY D 143 -2.15 -21.98 -16.77
C GLY D 143 -2.81 -22.69 -15.61
N THR D 144 -2.37 -22.39 -14.40
CA THR D 144 -2.94 -23.06 -13.24
C THR D 144 -4.42 -22.69 -13.16
N GLY D 145 -4.74 -21.43 -13.36
CA GLY D 145 -6.13 -21.05 -13.60
C GLY D 145 -6.31 -20.41 -14.95
N VAL D 146 -7.49 -19.91 -15.24
CA VAL D 146 -7.66 -19.13 -16.44
C VAL D 146 -7.96 -17.68 -16.00
N GLY D 147 -7.18 -16.76 -16.55
CA GLY D 147 -7.41 -15.33 -16.34
C GLY D 147 -7.29 -14.55 -17.64
N GLY D 148 -7.55 -13.24 -17.56
CA GLY D 148 -7.34 -12.39 -18.73
C GLY D 148 -7.27 -10.90 -18.46
N GLY D 149 -6.94 -10.17 -19.50
CA GLY D 149 -6.86 -8.72 -19.36
C GLY D 149 -7.43 -8.11 -20.63
N ILE D 150 -8.26 -7.07 -20.44
CA ILE D 150 -8.88 -6.42 -21.56
C ILE D 150 -8.40 -4.95 -21.71
N VAL D 151 -7.74 -4.66 -22.82
CA VAL D 151 -7.52 -3.23 -23.21
C VAL D 151 -8.50 -2.84 -24.32
N ALA D 152 -9.25 -1.75 -24.12
CA ALA D 152 -10.23 -1.31 -25.11
C ALA D 152 -10.32 0.20 -25.19
N ALA D 153 -10.35 0.70 -26.42
CA ALA D 153 -10.21 2.15 -26.70
C ALA D 153 -8.94 2.74 -26.05
N GLY D 154 -7.83 1.96 -26.06
CA GLY D 154 -6.59 2.37 -25.44
C GLY D 154 -6.49 2.25 -23.90
N LYS D 155 -7.52 1.78 -23.20
CA LYS D 155 -7.40 1.65 -21.73
C LYS D 155 -7.69 0.27 -21.20
N LEU D 156 -6.94 -0.07 -20.15
CA LEU D 156 -7.10 -1.33 -19.45
C LEU D 156 -8.43 -1.21 -18.73
N LEU D 157 -9.26 -2.26 -18.81
CA LEU D 157 -10.60 -2.20 -18.24
C LEU D 157 -10.60 -2.85 -16.89
N HIS D 158 -11.40 -2.28 -15.96
CA HIS D 158 -11.53 -2.85 -14.62
C HIS D 158 -12.99 -3.10 -14.24
N GLY D 159 -13.92 -2.30 -14.74
CA GLY D 159 -15.32 -2.48 -14.36
C GLY D 159 -15.56 -1.87 -12.98
N VAL D 160 -16.81 -2.01 -12.49
CA VAL D 160 -17.26 -1.34 -11.28
C VAL D 160 -16.53 -1.86 -10.01
N ALA D 161 -16.20 -3.14 -10.01
CA ALA D 161 -15.68 -3.82 -8.84
C ALA D 161 -14.35 -4.50 -9.23
N GLY D 162 -13.76 -4.12 -10.35
CA GLY D 162 -12.46 -4.60 -10.71
C GLY D 162 -12.46 -6.00 -11.26
N CYS D 163 -13.62 -6.52 -11.65
CA CYS D 163 -13.67 -7.84 -12.25
C CYS D 163 -13.61 -7.87 -13.79
N ALA D 164 -13.30 -6.73 -14.46
CA ALA D 164 -13.19 -6.80 -15.91
C ALA D 164 -12.05 -7.79 -16.23
N GLY D 165 -12.22 -8.58 -17.29
CA GLY D 165 -11.14 -9.49 -17.70
C GLY D 165 -11.29 -10.90 -17.15
N GLU D 166 -12.26 -11.13 -16.29
CA GLU D 166 -12.41 -12.44 -15.69
C GLU D 166 -12.94 -13.56 -16.66
N VAL D 167 -12.30 -13.68 -17.82
CA VAL D 167 -12.84 -14.51 -18.90
C VAL D 167 -12.81 -16.04 -18.54
N GLY D 168 -11.94 -16.42 -17.62
CA GLY D 168 -11.95 -17.78 -17.09
C GLY D 168 -13.28 -18.10 -16.47
N HIS D 169 -14.01 -17.08 -16.04
CA HIS D 169 -15.33 -17.37 -15.55
C HIS D 169 -16.47 -17.03 -16.48
N VAL D 170 -16.18 -17.02 -17.78
CA VAL D 170 -17.27 -17.00 -18.72
C VAL D 170 -17.85 -18.42 -18.83
N THR D 171 -19.18 -18.51 -18.76
CA THR D 171 -19.91 -19.77 -18.94
C THR D 171 -19.91 -20.21 -20.40
N VAL D 172 -19.16 -21.27 -20.68
CA VAL D 172 -19.10 -21.87 -22.02
C VAL D 172 -20.00 -23.10 -22.15
N ASP D 173 -20.50 -23.59 -21.02
CA ASP D 173 -21.37 -24.78 -21.04
C ASP D 173 -22.25 -24.72 -19.81
N PRO D 174 -23.52 -24.29 -19.98
CA PRO D 174 -24.47 -24.12 -18.86
C PRO D 174 -24.79 -25.40 -18.09
N ASN D 175 -24.39 -26.55 -18.63
CA ASN D 175 -24.51 -27.83 -17.91
C ASN D 175 -23.18 -28.52 -17.75
N GLY D 176 -22.12 -27.72 -17.71
CA GLY D 176 -20.77 -28.25 -17.56
C GLY D 176 -20.38 -28.60 -16.14
N PHE D 177 -19.07 -28.76 -15.94
CA PHE D 177 -18.43 -29.07 -14.68
C PHE D 177 -18.58 -27.91 -13.68
N ASP D 178 -18.47 -28.22 -12.40
CA ASP D 178 -18.60 -27.22 -11.37
C ASP D 178 -17.27 -26.54 -11.16
N CYS D 179 -17.30 -25.22 -11.06
CA CYS D 179 -16.10 -24.44 -10.96
C CYS D 179 -15.94 -23.83 -9.57
N THR D 180 -14.68 -23.60 -9.17
CA THR D 180 -14.28 -22.96 -7.91
C THR D 180 -15.12 -21.76 -7.52
N CYS D 181 -15.58 -21.00 -8.52
CA CYS D 181 -16.33 -19.75 -8.29
C CYS D 181 -17.76 -20.07 -7.86
N GLY D 182 -18.17 -21.31 -8.09
CA GLY D 182 -19.48 -21.81 -7.66
C GLY D 182 -20.57 -21.89 -8.72
N LYS D 183 -20.18 -21.81 -10.00
CA LYS D 183 -21.06 -21.87 -11.18
C LYS D 183 -20.77 -23.14 -11.94
N ARG D 184 -21.65 -23.50 -12.90
CA ARG D 184 -21.36 -24.63 -13.79
C ARG D 184 -20.70 -24.11 -15.07
N GLY D 185 -19.73 -24.85 -15.59
CA GLY D 185 -19.33 -24.72 -17.01
C GLY D 185 -18.54 -23.49 -17.44
N CYS D 186 -17.73 -22.94 -16.53
CA CYS D 186 -16.77 -21.85 -16.79
C CYS D 186 -15.66 -22.34 -17.71
N LEU D 187 -15.03 -21.40 -18.39
CA LEU D 187 -14.00 -21.73 -19.35
C LEU D 187 -12.79 -22.36 -18.67
N GLU D 188 -12.55 -21.92 -17.44
CA GLU D 188 -11.42 -22.41 -16.66
C GLU D 188 -11.54 -23.90 -16.39
N THR D 189 -12.78 -24.39 -16.25
CA THR D 189 -13.01 -25.82 -15.94
C THR D 189 -12.69 -26.71 -17.11
N VAL D 190 -12.28 -26.11 -18.22
CA VAL D 190 -12.19 -26.86 -19.44
C VAL D 190 -10.84 -26.53 -20.17
N SER D 191 -10.16 -25.47 -19.71
CA SER D 191 -8.98 -25.01 -20.46
C SER D 191 -7.72 -24.61 -19.64
N SER D 192 -7.81 -24.70 -18.33
CA SER D 192 -6.66 -24.59 -17.46
C SER D 192 -5.76 -25.85 -17.56
N ALA D 193 -4.52 -25.75 -17.10
CA ALA D 193 -3.62 -26.93 -17.06
C ALA D 193 -4.45 -28.14 -16.59
N THR D 194 -5.16 -27.94 -15.50
CA THR D 194 -6.05 -28.95 -14.92
C THR D 194 -7.37 -29.24 -15.70
N GLY D 195 -7.95 -28.22 -16.34
CA GLY D 195 -9.18 -28.41 -17.10
C GLY D 195 -8.92 -29.26 -18.33
N VAL D 196 -7.73 -29.23 -18.91
CA VAL D 196 -7.53 -30.13 -20.06
C VAL D 196 -7.57 -31.61 -19.63
N VAL D 197 -7.08 -31.89 -18.43
CA VAL D 197 -7.07 -33.28 -17.96
C VAL D 197 -8.48 -33.71 -17.64
N ARG D 198 -9.25 -32.81 -17.02
CA ARG D 198 -10.63 -33.09 -16.72
C ARG D 198 -11.47 -33.30 -17.98
N VAL D 199 -11.20 -32.55 -19.05
CA VAL D 199 -11.88 -32.83 -20.33
C VAL D 199 -11.59 -34.26 -20.76
N ALA D 200 -10.31 -34.65 -20.78
CA ALA D 200 -9.90 -35.99 -21.14
C ALA D 200 -10.51 -37.08 -20.27
N ARG D 201 -10.46 -36.89 -18.94
CA ARG D 201 -10.92 -37.93 -18.00
C ARG D 201 -12.38 -38.24 -18.29
N HIS D 202 -13.10 -37.25 -18.83
CA HIS D 202 -14.53 -37.42 -19.16
C HIS D 202 -14.80 -37.76 -20.62
N LEU D 203 -13.82 -37.56 -21.49
CA LEU D 203 -13.97 -37.94 -22.92
C LEU D 203 -13.48 -39.38 -23.14
N SER D 204 -12.75 -39.90 -22.16
CA SER D 204 -12.19 -41.26 -22.18
C SER D 204 -13.22 -42.36 -22.40
N GLU D 205 -14.41 -42.19 -21.80
CA GLU D 205 -15.46 -43.21 -21.89
C GLU D 205 -15.90 -43.44 -23.34
N GLU D 206 -15.66 -42.47 -24.20
CA GLU D 206 -16.16 -42.49 -25.56
C GLU D 206 -15.10 -43.03 -26.53
N PHE D 207 -13.98 -43.49 -25.99
CA PHE D 207 -12.90 -43.96 -26.86
C PHE D 207 -12.41 -45.36 -26.46
N ALA D 208 -12.56 -46.33 -27.35
CA ALA D 208 -12.18 -47.72 -27.08
C ALA D 208 -10.90 -48.18 -27.80
N GLY D 209 -10.32 -47.29 -28.61
CA GLY D 209 -9.06 -47.56 -29.29
C GLY D 209 -7.82 -47.49 -28.41
N ASP D 210 -6.67 -47.86 -28.97
N ASP D 210 -6.69 -47.91 -28.98
CA ASP D 210 -5.40 -47.87 -28.24
CA ASP D 210 -5.38 -47.83 -28.33
C ASP D 210 -4.66 -46.52 -28.27
C ASP D 210 -4.87 -46.39 -28.27
N SER D 211 -4.43 -45.96 -27.09
CA SER D 211 -3.95 -44.59 -26.92
C SER D 211 -3.22 -44.47 -25.62
N GLU D 212 -1.92 -44.14 -25.72
CA GLU D 212 -1.04 -43.98 -24.56
C GLU D 212 -1.56 -42.91 -23.63
N LEU D 213 -2.22 -41.90 -24.21
CA LEU D 213 -2.81 -40.80 -23.44
C LEU D 213 -4.03 -41.25 -22.63
N LYS D 214 -4.93 -41.99 -23.26
CA LYS D 214 -6.09 -42.51 -22.58
C LYS D 214 -5.66 -43.47 -21.43
N GLN D 215 -4.62 -44.29 -21.67
CA GLN D 215 -4.01 -45.14 -20.64
C GLN D 215 -3.59 -44.35 -19.38
N ALA D 216 -2.72 -43.36 -19.60
CA ALA D 216 -2.34 -42.39 -18.56
C ALA D 216 -3.56 -41.82 -17.79
N ILE D 217 -4.44 -41.15 -18.53
CA ILE D 217 -5.62 -40.44 -18.00
C ILE D 217 -6.49 -41.34 -17.10
N ASP D 218 -6.78 -42.53 -17.60
CA ASP D 218 -7.64 -43.51 -16.91
C ASP D 218 -7.05 -44.05 -15.60
N ASP D 219 -5.73 -44.26 -15.61
CA ASP D 219 -4.95 -44.76 -14.48
C ASP D 219 -4.90 -43.77 -13.32
N GLY D 220 -4.98 -42.47 -13.63
CA GLY D 220 -5.09 -41.43 -12.63
C GLY D 220 -3.92 -40.46 -12.63
N GLN D 221 -3.18 -40.42 -13.74
CA GLN D 221 -2.03 -39.51 -13.92
C GLN D 221 -2.47 -38.10 -14.37
N ASP D 222 -1.81 -37.07 -13.83
CA ASP D 222 -2.13 -35.66 -14.10
C ASP D 222 -1.25 -35.06 -15.22
N VAL D 223 -1.55 -35.49 -16.44
CA VAL D 223 -0.82 -35.12 -17.65
C VAL D 223 -0.82 -33.62 -17.90
N SER D 224 0.34 -33.06 -18.21
CA SER D 224 0.40 -31.68 -18.69
C SER D 224 -0.38 -31.55 -19.99
N SER D 225 -0.91 -30.36 -20.24
CA SER D 225 -1.52 -30.04 -21.52
C SER D 225 -0.48 -30.18 -22.61
N LYS D 226 0.80 -29.94 -22.29
CA LYS D 226 1.85 -29.96 -23.31
C LYS D 226 1.99 -31.37 -23.86
N ASP D 227 1.79 -32.32 -22.96
CA ASP D 227 1.78 -33.72 -23.30
C ASP D 227 0.53 -34.12 -24.07
N VAL D 228 -0.65 -33.65 -23.61
CA VAL D 228 -1.90 -33.91 -24.33
C VAL D 228 -1.70 -33.42 -25.76
N PHE D 229 -1.27 -32.18 -25.87
CA PHE D 229 -1.13 -31.59 -27.19
C PHE D 229 -0.06 -32.31 -28.03
N GLU D 230 0.98 -32.79 -27.35
CA GLU D 230 2.07 -33.54 -27.97
C GLU D 230 1.59 -34.81 -28.61
N PHE D 231 0.73 -35.55 -27.91
CA PHE D 231 0.14 -36.78 -28.46
C PHE D 231 -0.76 -36.47 -29.65
N ALA D 232 -1.45 -35.34 -29.60
CA ALA D 232 -2.26 -34.92 -30.75
C ALA D 232 -1.38 -34.63 -31.99
N GLU D 233 -0.32 -33.81 -31.82
CA GLU D 233 0.63 -33.53 -32.93
C GLU D 233 1.17 -34.81 -33.53
N LYS D 234 1.42 -35.81 -32.69
CA LYS D 234 1.97 -37.09 -33.14
C LYS D 234 0.92 -37.95 -33.80
N GLY D 235 -0.35 -37.56 -33.64
CA GLY D 235 -1.45 -38.18 -34.35
C GLY D 235 -2.33 -39.12 -33.55
N ASP D 236 -2.24 -39.08 -32.23
CA ASP D 236 -3.12 -39.95 -31.45
C ASP D 236 -4.56 -39.52 -31.56
N HIS D 237 -5.45 -40.45 -31.90
CA HIS D 237 -6.88 -40.17 -32.16
C HIS D 237 -7.60 -39.65 -30.92
N PHE D 238 -7.38 -40.29 -29.77
CA PHE D 238 -8.00 -39.77 -28.54
C PHE D 238 -7.47 -38.36 -28.17
N ALA D 239 -6.15 -38.11 -28.28
CA ALA D 239 -5.60 -36.77 -27.89
C ALA D 239 -6.13 -35.67 -28.80
N LEU D 240 -6.36 -36.03 -30.07
CA LEU D 240 -6.92 -35.11 -31.06
C LEU D 240 -8.35 -34.71 -30.72
N VAL D 242 -9.66 -34.68 -27.61
CA VAL D 242 -9.65 -33.78 -26.45
C VAL D 242 -9.18 -32.42 -26.92
N VAL D 243 -8.15 -32.39 -27.76
CA VAL D 243 -7.62 -31.09 -28.25
C VAL D 243 -8.74 -30.36 -28.94
N ASP D 244 -9.50 -31.10 -29.75
CA ASP D 244 -10.67 -30.56 -30.46
C ASP D 244 -11.75 -30.02 -29.51
N ARG D 245 -12.12 -30.79 -28.51
CA ARG D 245 -13.06 -30.33 -27.46
C ARG D 245 -12.65 -29.02 -26.76
N VAL D 246 -11.39 -28.95 -26.33
CA VAL D 246 -10.85 -27.80 -25.61
C VAL D 246 -10.89 -26.56 -26.49
N CYS D 247 -10.39 -26.74 -27.73
CA CYS D 247 -10.33 -25.70 -28.72
C CYS D 247 -11.70 -25.17 -29.15
N PHE D 248 -12.72 -26.05 -29.22
CA PHE D 248 -14.15 -25.67 -29.32
C PHE D 248 -14.61 -24.66 -28.24
N TYR D 249 -14.31 -25.00 -27.00
CA TYR D 249 -14.69 -24.11 -25.88
C TYR D 249 -13.90 -22.79 -25.88
N LEU D 250 -12.60 -22.84 -26.16
CA LEU D 250 -11.81 -21.62 -26.38
C LEU D 250 -12.32 -20.78 -27.59
N GLY D 251 -12.61 -21.44 -28.73
CA GLY D 251 -13.22 -20.79 -29.92
C GLY D 251 -14.54 -20.08 -29.60
N LEU D 252 -15.39 -20.71 -28.81
CA LEU D 252 -16.71 -20.13 -28.40
C LEU D 252 -16.51 -18.92 -27.51
N ALA D 253 -15.74 -19.10 -26.44
CA ALA D 253 -15.36 -18.03 -25.56
C ALA D 253 -14.69 -16.88 -26.29
N THR D 254 -13.63 -17.12 -27.07
CA THR D 254 -12.95 -16.03 -27.77
C THR D 254 -13.90 -15.44 -28.82
N GLY D 255 -14.73 -16.31 -29.40
CA GLY D 255 -15.69 -15.95 -30.46
C GLY D 255 -16.58 -14.86 -29.89
N ASN D 256 -17.16 -15.09 -28.73
CA ASN D 256 -18.10 -14.10 -28.22
C ASN D 256 -17.44 -12.81 -27.72
N LEU D 257 -16.19 -12.91 -27.28
CA LEU D 257 -15.42 -11.70 -26.98
C LEU D 257 -15.24 -10.92 -28.25
N GLY D 258 -14.99 -11.63 -29.36
CA GLY D 258 -14.84 -10.97 -30.70
C GLY D 258 -16.14 -10.25 -31.06
N ASN D 259 -17.27 -10.98 -30.94
CA ASN D 259 -18.57 -10.40 -31.31
C ASN D 259 -18.98 -9.22 -30.41
N THR D 260 -18.45 -9.18 -29.19
N THR D 260 -18.43 -9.19 -29.20
CA THR D 260 -18.81 -8.13 -28.22
CA THR D 260 -18.79 -8.19 -28.20
C THR D 260 -17.84 -6.97 -28.23
C THR D 260 -17.85 -6.98 -28.25
N LEU D 261 -16.56 -7.28 -28.49
CA LEU D 261 -15.46 -6.32 -28.31
C LEU D 261 -14.57 -6.12 -29.56
N ASN D 262 -14.65 -7.04 -30.54
CA ASN D 262 -13.97 -6.85 -31.85
C ASN D 262 -12.54 -6.28 -31.63
N PRO D 263 -11.75 -6.93 -30.79
CA PRO D 263 -10.42 -6.30 -30.63
C PRO D 263 -9.54 -6.65 -31.86
N ASP D 264 -8.40 -5.99 -32.01
CA ASP D 264 -7.51 -6.30 -33.11
C ASP D 264 -6.98 -7.70 -32.91
N SER D 265 -6.72 -8.03 -31.66
CA SER D 265 -6.29 -9.41 -31.35
C SER D 265 -6.82 -9.95 -30.04
N VAL D 266 -6.98 -11.26 -30.02
CA VAL D 266 -7.03 -12.03 -28.79
C VAL D 266 -5.72 -12.83 -28.73
N VAL D 267 -4.99 -12.65 -27.64
CA VAL D 267 -3.66 -13.23 -27.45
C VAL D 267 -3.82 -14.32 -26.39
N ILE D 268 -3.43 -15.54 -26.76
CA ILE D 268 -3.53 -16.69 -25.85
C ILE D 268 -2.17 -16.99 -25.25
N GLY D 269 -2.12 -16.96 -23.93
CA GLY D 269 -0.86 -17.10 -23.21
C GLY D 269 -0.98 -18.14 -22.13
N GLY D 270 0.03 -18.21 -21.26
CA GLY D 270 0.04 -19.27 -20.23
C GLY D 270 0.82 -20.51 -20.64
N GLY D 271 1.03 -21.41 -19.69
CA GLY D 271 1.80 -22.59 -19.98
C GLY D 271 1.21 -23.40 -21.11
N VAL D 272 -0.12 -23.44 -21.16
CA VAL D 272 -0.80 -24.29 -22.14
C VAL D 272 -0.44 -23.85 -23.56
N SER D 273 -0.36 -22.54 -23.74
CA SER D 273 -0.01 -21.88 -25.00
C SER D 273 1.29 -22.33 -25.63
N ALA D 274 2.19 -22.94 -24.86
CA ALA D 274 3.47 -23.41 -25.43
C ALA D 274 3.26 -24.50 -26.46
N ALA D 275 2.06 -25.11 -26.47
CA ALA D 275 1.63 -26.01 -27.55
C ALA D 275 1.79 -25.36 -28.94
N GLY D 276 1.85 -24.04 -28.99
CA GLY D 276 2.18 -23.32 -30.25
C GLY D 276 1.11 -23.30 -31.34
N GLU D 277 1.56 -23.38 -32.58
CA GLU D 277 0.66 -23.20 -33.71
C GLU D 277 -0.44 -24.30 -33.81
N PHE D 278 -0.11 -25.50 -33.31
CA PHE D 278 -1.11 -26.59 -33.26
C PHE D 278 -2.32 -26.18 -32.41
N LEU D 279 -2.05 -25.50 -31.31
CA LEU D 279 -3.14 -24.89 -30.50
C LEU D 279 -3.79 -23.67 -31.20
N ARG D 280 -3.01 -22.64 -31.55
CA ARG D 280 -3.56 -21.40 -32.12
C ARG D 280 -4.49 -21.66 -33.29
N SER D 281 -4.03 -22.44 -34.25
CA SER D 281 -4.81 -22.73 -35.44
C SER D 281 -6.16 -23.42 -35.16
N ARG D 282 -6.19 -24.34 -34.18
CA ARG D 282 -7.47 -24.96 -33.77
C ARG D 282 -8.42 -23.96 -33.07
N VAL D 283 -7.85 -23.08 -32.26
CA VAL D 283 -8.65 -22.03 -31.62
C VAL D 283 -9.22 -21.10 -32.72
N GLU D 284 -8.38 -20.65 -33.66
N GLU D 284 -8.37 -20.65 -33.63
CA GLU D 284 -8.82 -19.78 -34.78
CA GLU D 284 -8.80 -19.86 -34.79
C GLU D 284 -9.90 -20.47 -35.63
C GLU D 284 -9.97 -20.52 -35.50
N LYS D 285 -9.81 -21.79 -35.84
CA LYS D 285 -10.88 -22.51 -36.56
C LYS D 285 -12.28 -22.39 -35.89
N TYR D 286 -12.35 -22.61 -34.59
CA TYR D 286 -13.66 -22.43 -33.93
C TYR D 286 -14.14 -21.01 -33.74
N PHE D 287 -13.19 -20.11 -33.48
CA PHE D 287 -13.48 -18.68 -33.45
C PHE D 287 -14.12 -18.22 -34.77
N GLN D 288 -13.58 -18.71 -35.92
CA GLN D 288 -14.13 -18.35 -37.19
C GLN D 288 -15.58 -18.83 -37.32
N GLU D 289 -15.88 -20.02 -36.76
CA GLU D 289 -17.22 -20.52 -36.82
C GLU D 289 -18.22 -19.73 -35.94
N PHE D 290 -17.74 -19.13 -34.87
CA PHE D 290 -18.64 -18.45 -33.93
C PHE D 290 -18.70 -16.92 -34.10
N THR D 291 -18.02 -16.39 -35.12
CA THR D 291 -18.00 -14.93 -35.26
C THR D 291 -18.76 -14.49 -36.51
N PHE D 292 -19.41 -13.33 -36.41
CA PHE D 292 -20.03 -12.76 -37.62
C PHE D 292 -18.96 -12.18 -38.53
N PRO D 293 -19.28 -12.10 -39.84
CA PRO D 293 -18.24 -11.82 -40.84
C PRO D 293 -17.26 -10.68 -40.53
N GLN D 294 -17.78 -9.52 -40.15
CA GLN D 294 -17.02 -8.30 -39.94
C GLN D 294 -15.97 -8.54 -38.81
N VAL D 295 -16.35 -9.27 -37.76
CA VAL D 295 -15.41 -9.75 -36.71
C VAL D 295 -14.41 -10.86 -37.21
N ARG D 296 -14.92 -11.85 -37.91
CA ARG D 296 -13.99 -12.89 -38.37
C ARG D 296 -12.93 -12.39 -39.43
N ASN D 297 -13.25 -11.34 -40.15
CA ASN D 297 -12.29 -10.77 -41.10
C ASN D 297 -11.47 -9.61 -40.52
N SER D 298 -11.67 -9.32 -39.24
CA SER D 298 -10.85 -8.33 -38.51
C SER D 298 -10.06 -8.86 -37.27
N THR D 299 -10.76 -9.44 -36.30
CA THR D 299 -10.07 -9.94 -35.11
C THR D 299 -9.21 -11.15 -35.35
N LYS D 300 -7.98 -11.08 -34.83
CA LYS D 300 -6.90 -12.06 -35.02
C LYS D 300 -6.65 -12.87 -33.74
N ILE D 301 -6.46 -14.18 -33.91
CA ILE D 301 -6.16 -15.03 -32.76
C ILE D 301 -4.64 -15.19 -32.74
N LYS D 302 -4.02 -14.79 -31.63
CA LYS D 302 -2.53 -14.75 -31.51
C LYS D 302 -2.00 -15.58 -30.30
N LEU D 303 -0.78 -16.11 -30.41
CA LEU D 303 -0.12 -16.68 -29.27
C LEU D 303 0.75 -15.63 -28.60
N ALA D 304 0.73 -15.59 -27.26
CA ALA D 304 1.60 -14.73 -26.47
C ALA D 304 3.05 -14.90 -26.90
N GLU D 305 3.86 -13.85 -26.79
CA GLU D 305 5.25 -13.88 -27.26
C GLU D 305 6.27 -13.78 -26.10
N LEU D 306 5.83 -13.30 -24.93
CA LEU D 306 6.79 -13.06 -23.84
C LEU D 306 6.94 -14.20 -22.84
N GLY D 307 6.28 -15.34 -23.06
CA GLY D 307 6.23 -16.37 -22.01
C GLY D 307 6.00 -15.79 -20.60
N ASN D 308 6.52 -16.49 -19.59
CA ASN D 308 6.24 -16.09 -18.20
C ASN D 308 6.87 -14.75 -17.78
N GLU D 309 7.46 -14.04 -18.73
CA GLU D 309 7.98 -12.69 -18.48
C GLU D 309 6.97 -11.52 -18.62
N ALA D 310 5.83 -11.78 -19.28
CA ALA D 310 4.72 -10.81 -19.40
C ALA D 310 4.31 -10.12 -18.08
N GLY D 311 4.22 -10.86 -16.97
CA GLY D 311 3.70 -10.30 -15.68
C GLY D 311 4.61 -9.16 -15.20
N VAL D 312 5.88 -9.47 -15.11
CA VAL D 312 6.85 -8.57 -14.56
C VAL D 312 7.04 -7.36 -15.51
N ILE D 313 7.04 -7.61 -16.82
CA ILE D 313 7.08 -6.54 -17.82
C ILE D 313 5.86 -5.60 -17.79
N GLY D 314 4.66 -6.17 -17.79
CA GLY D 314 3.46 -5.37 -17.65
C GLY D 314 3.36 -4.73 -16.28
N ALA D 315 3.84 -5.38 -15.22
CA ALA D 315 3.70 -4.79 -13.87
C ALA D 315 4.58 -3.56 -13.82
N ALA D 316 5.78 -3.70 -14.34
CA ALA D 316 6.67 -2.56 -14.41
C ALA D 316 6.09 -1.39 -15.26
N SER D 317 5.27 -1.65 -16.29
CA SER D 317 4.63 -0.58 -17.06
C SER D 317 3.72 0.31 -16.23
N LEU D 318 3.13 -0.25 -15.16
CA LEU D 318 2.35 0.52 -14.17
C LEU D 318 3.16 1.68 -13.57
N ALA D 319 4.45 1.45 -13.33
CA ALA D 319 5.37 2.49 -12.83
C ALA D 319 5.56 3.72 -13.73
N LEU D 320 5.26 3.58 -15.03
CA LEU D 320 5.45 4.67 -15.96
C LEU D 320 4.50 5.85 -15.73
N GLN D 321 3.39 5.63 -15.05
CA GLN D 321 2.55 6.77 -14.68
C GLN D 321 3.31 7.76 -13.79
N PHE D 322 4.46 7.33 -13.25
CA PHE D 322 5.21 8.15 -12.33
C PHE D 322 6.36 8.91 -12.94
N SER D 323 6.63 8.62 -14.22
N SER D 323 6.67 8.62 -14.21
CA SER D 323 7.65 9.31 -15.01
CA SER D 323 7.81 9.23 -14.85
C SER D 323 7.56 10.82 -14.90
C SER D 323 7.62 10.73 -15.10
N LYS D 324 8.74 11.44 -14.92
CA LYS D 324 8.91 12.90 -15.05
C LYS D 324 8.90 13.58 -13.67
#